data_8WTH
# 
_entry.id   8WTH 
# 
_audit_conform.dict_name       mmcif_pdbx.dic 
_audit_conform.dict_version    5.397 
_audit_conform.dict_location   http://mmcif.pdb.org/dictionaries/ascii/mmcif_pdbx.dic 
# 
loop_
_database_2.database_id 
_database_2.database_code 
_database_2.pdbx_database_accession 
_database_2.pdbx_DOI 
PDB   8WTH         pdb_00008wth 10.2210/pdb8wth/pdb 
WWPDB D_1300041981 ?            ?                   
# 
loop_
_pdbx_audit_revision_history.ordinal 
_pdbx_audit_revision_history.data_content_type 
_pdbx_audit_revision_history.major_revision 
_pdbx_audit_revision_history.minor_revision 
_pdbx_audit_revision_history.revision_date 
1 'Structure model' 1 0 2024-07-24 
2 'Structure model' 1 1 2024-10-16 
# 
_pdbx_audit_revision_details.ordinal             1 
_pdbx_audit_revision_details.revision_ordinal    1 
_pdbx_audit_revision_details.data_content_type   'Structure model' 
_pdbx_audit_revision_details.provider            repository 
_pdbx_audit_revision_details.type                'Initial release' 
_pdbx_audit_revision_details.description         ? 
_pdbx_audit_revision_details.details             ? 
# 
_pdbx_audit_revision_group.ordinal             1 
_pdbx_audit_revision_group.revision_ordinal    2 
_pdbx_audit_revision_group.data_content_type   'Structure model' 
_pdbx_audit_revision_group.group               'Structure summary' 
# 
loop_
_pdbx_audit_revision_category.ordinal 
_pdbx_audit_revision_category.revision_ordinal 
_pdbx_audit_revision_category.data_content_type 
_pdbx_audit_revision_category.category 
1 2 'Structure model' pdbx_entry_details        
2 2 'Structure model' pdbx_modification_feature 
# 
_pdbx_database_status.status_code                     REL 
_pdbx_database_status.status_code_sf                  REL 
_pdbx_database_status.status_code_mr                  ? 
_pdbx_database_status.entry_id                        8WTH 
_pdbx_database_status.recvd_initial_deposition_date   2023-10-18 
_pdbx_database_status.SG_entry                        N 
_pdbx_database_status.deposit_site                    PDBJ 
_pdbx_database_status.process_site                    PDBJ 
_pdbx_database_status.status_code_cs                  ? 
_pdbx_database_status.status_code_nmr_data            ? 
_pdbx_database_status.methods_development_category    ? 
_pdbx_database_status.pdb_format_compatible           Y 
# 
_pdbx_contact_author.id                 2 
_pdbx_contact_author.email              mox@u.nus.edu 
_pdbx_contact_author.name_first         Xiaobing 
_pdbx_contact_author.name_last          Mo 
_pdbx_contact_author.name_mi            ? 
_pdbx_contact_author.role               'principal investigator/group leader' 
_pdbx_contact_author.identifier_ORCID   0000-0001-9580-6178 
# 
_audit_author.name               'Mo, X.' 
_audit_author.pdbx_ordinal       1 
_audit_author.identifier_ORCID   0000-0001-9580-6178 
# 
_citation.abstract                  ? 
_citation.abstract_id_CAS           ? 
_citation.book_id_ISBN              ? 
_citation.book_publisher            ? 
_citation.book_publisher_city       ? 
_citation.book_title                ? 
_citation.coordinate_linkage        ? 
_citation.country                   ? 
_citation.database_id_Medline       ? 
_citation.details                   ? 
_citation.id                        primary 
_citation.journal_abbrev            'To be published' 
_citation.journal_id_ASTM           ? 
_citation.journal_id_CSD            0353 
_citation.journal_id_ISSN           ? 
_citation.journal_full              ? 
_citation.journal_issue             ? 
_citation.journal_volume            ? 
_citation.language                  ? 
_citation.page_first                ? 
_citation.page_last                 ? 
_citation.title                     
'Structural insight into dynamic characteristic of the polymerized forms of kinetoplastid membrane protein-11' 
_citation.year                      ? 
_citation.database_id_CSD           ? 
_citation.pdbx_database_id_DOI      ? 
_citation.pdbx_database_id_PubMed   ? 
_citation.pdbx_database_id_patent   ? 
_citation.unpublished_flag          ? 
# 
_citation_author.citation_id        primary 
_citation_author.name               'Mo, X.' 
_citation_author.ordinal            1 
_citation_author.identifier_ORCID   0000-0001-9580-6178 
# 
_entity.id                         1 
_entity.type                       polymer 
_entity.src_method                 man 
_entity.pdbx_description           'HD Cas3-type domain-containing protein' 
_entity.formula_weight             22241.992 
_entity.pdbx_number_of_molecules   1 
_entity.pdbx_ec                    ? 
_entity.pdbx_mutation              ? 
_entity.pdbx_fragment              ? 
_entity.details                    ? 
# 
_entity_poly.entity_id                      1 
_entity_poly.type                           'polypeptide(L)' 
_entity_poly.nstd_linkage                   no 
_entity_poly.nstd_monomer                   no 
_entity_poly.pdbx_seq_one_letter_code       
;MVCTFFENKVCVETMEDHIRKGLEIIEGLYLRRGYGHFLSKILNIDVKLAEELLKKAYIFHDIGKCLEEFQQRREKFRFH
EVYSALVAREVFKKYGDIGGVVSVAILLHHHNWIREKSPKRPRNLKLCNECLSIIKKLSGEKIPEEIPWRNWIEFTEEAE
EIMRTNLRGVYSILLPLVVADNYAAAVNR
;
_entity_poly.pdbx_seq_one_letter_code_can   
;MVCTFFENKVCVETMEDHIRKGLEIIEGLYLRRGYGHFLSKILNIDVKLAEELLKKAYIFHDIGKCLEEFQQRREKFRFH
EVYSALVAREVFKKYGDIGGVVSVAILLHHHNWIREKSPKRPRNLKLCNECLSIIKKLSGEKIPEEIPWRNWIEFTEEAE
EIMRTNLRGVYSILLPLVVADNYAAAVNR
;
_entity_poly.pdbx_strand_id                 A 
_entity_poly.pdbx_target_identifier         ? 
# 
loop_
_entity_poly_seq.entity_id 
_entity_poly_seq.num 
_entity_poly_seq.mon_id 
_entity_poly_seq.hetero 
1 1   MET n 
1 2   VAL n 
1 3   CYS n 
1 4   THR n 
1 5   PHE n 
1 6   PHE n 
1 7   GLU n 
1 8   ASN n 
1 9   LYS n 
1 10  VAL n 
1 11  CYS n 
1 12  VAL n 
1 13  GLU n 
1 14  THR n 
1 15  MET n 
1 16  GLU n 
1 17  ASP n 
1 18  HIS n 
1 19  ILE n 
1 20  ARG n 
1 21  LYS n 
1 22  GLY n 
1 23  LEU n 
1 24  GLU n 
1 25  ILE n 
1 26  ILE n 
1 27  GLU n 
1 28  GLY n 
1 29  LEU n 
1 30  TYR n 
1 31  LEU n 
1 32  ARG n 
1 33  ARG n 
1 34  GLY n 
1 35  TYR n 
1 36  GLY n 
1 37  HIS n 
1 38  PHE n 
1 39  LEU n 
1 40  SER n 
1 41  LYS n 
1 42  ILE n 
1 43  LEU n 
1 44  ASN n 
1 45  ILE n 
1 46  ASP n 
1 47  VAL n 
1 48  LYS n 
1 49  LEU n 
1 50  ALA n 
1 51  GLU n 
1 52  GLU n 
1 53  LEU n 
1 54  LEU n 
1 55  LYS n 
1 56  LYS n 
1 57  ALA n 
1 58  TYR n 
1 59  ILE n 
1 60  PHE n 
1 61  HIS n 
1 62  ASP n 
1 63  ILE n 
1 64  GLY n 
1 65  LYS n 
1 66  CYS n 
1 67  LEU n 
1 68  GLU n 
1 69  GLU n 
1 70  PHE n 
1 71  GLN n 
1 72  GLN n 
1 73  ARG n 
1 74  ARG n 
1 75  GLU n 
1 76  LYS n 
1 77  PHE n 
1 78  ARG n 
1 79  PHE n 
1 80  HIS n 
1 81  GLU n 
1 82  VAL n 
1 83  TYR n 
1 84  SER n 
1 85  ALA n 
1 86  LEU n 
1 87  VAL n 
1 88  ALA n 
1 89  ARG n 
1 90  GLU n 
1 91  VAL n 
1 92  PHE n 
1 93  LYS n 
1 94  LYS n 
1 95  TYR n 
1 96  GLY n 
1 97  ASP n 
1 98  ILE n 
1 99  GLY n 
1 100 GLY n 
1 101 VAL n 
1 102 VAL n 
1 103 SER n 
1 104 VAL n 
1 105 ALA n 
1 106 ILE n 
1 107 LEU n 
1 108 LEU n 
1 109 HIS n 
1 110 HIS n 
1 111 HIS n 
1 112 ASN n 
1 113 TRP n 
1 114 ILE n 
1 115 ARG n 
1 116 GLU n 
1 117 LYS n 
1 118 SER n 
1 119 PRO n 
1 120 LYS n 
1 121 ARG n 
1 122 PRO n 
1 123 ARG n 
1 124 ASN n 
1 125 LEU n 
1 126 LYS n 
1 127 LEU n 
1 128 CYS n 
1 129 ASN n 
1 130 GLU n 
1 131 CYS n 
1 132 LEU n 
1 133 SER n 
1 134 ILE n 
1 135 ILE n 
1 136 LYS n 
1 137 LYS n 
1 138 LEU n 
1 139 SER n 
1 140 GLY n 
1 141 GLU n 
1 142 LYS n 
1 143 ILE n 
1 144 PRO n 
1 145 GLU n 
1 146 GLU n 
1 147 ILE n 
1 148 PRO n 
1 149 TRP n 
1 150 ARG n 
1 151 ASN n 
1 152 TRP n 
1 153 ILE n 
1 154 GLU n 
1 155 PHE n 
1 156 THR n 
1 157 GLU n 
1 158 GLU n 
1 159 ALA n 
1 160 GLU n 
1 161 GLU n 
1 162 ILE n 
1 163 MET n 
1 164 ARG n 
1 165 THR n 
1 166 ASN n 
1 167 LEU n 
1 168 ARG n 
1 169 GLY n 
1 170 VAL n 
1 171 TYR n 
1 172 SER n 
1 173 ILE n 
1 174 LEU n 
1 175 LEU n 
1 176 PRO n 
1 177 LEU n 
1 178 VAL n 
1 179 VAL n 
1 180 ALA n 
1 181 ASP n 
1 182 ASN n 
1 183 TYR n 
1 184 ALA n 
1 185 ALA n 
1 186 ALA n 
1 187 VAL n 
1 188 ASN n 
1 189 ARG n 
# 
_entity_src_gen.entity_id                          1 
_entity_src_gen.pdbx_src_id                        1 
_entity_src_gen.pdbx_alt_source_flag               sample 
_entity_src_gen.pdbx_seq_type                      'Biological sequence' 
_entity_src_gen.pdbx_beg_seq_num                   1 
_entity_src_gen.pdbx_end_seq_num                   189 
_entity_src_gen.gene_src_common_name               ? 
_entity_src_gen.gene_src_genus                     ? 
_entity_src_gen.pdbx_gene_src_gene                 PH0916 
_entity_src_gen.gene_src_species                   ? 
_entity_src_gen.gene_src_strain                    ? 
_entity_src_gen.gene_src_tissue                    ? 
_entity_src_gen.gene_src_tissue_fraction           ? 
_entity_src_gen.gene_src_details                   ? 
_entity_src_gen.pdbx_gene_src_fragment             ? 
_entity_src_gen.pdbx_gene_src_scientific_name      'Pyrococcus horikoshii OT3' 
_entity_src_gen.pdbx_gene_src_ncbi_taxonomy_id     70601 
_entity_src_gen.pdbx_gene_src_variant              ? 
_entity_src_gen.pdbx_gene_src_cell_line            ? 
_entity_src_gen.pdbx_gene_src_atcc                 ? 
_entity_src_gen.pdbx_gene_src_organ                ? 
_entity_src_gen.pdbx_gene_src_organelle            ? 
_entity_src_gen.pdbx_gene_src_cell                 ? 
_entity_src_gen.pdbx_gene_src_cellular_location    ? 
_entity_src_gen.host_org_common_name               ? 
_entity_src_gen.pdbx_host_org_scientific_name      'Escherichia coli' 
_entity_src_gen.pdbx_host_org_ncbi_taxonomy_id     562 
_entity_src_gen.host_org_genus                     ? 
_entity_src_gen.pdbx_host_org_gene                 ? 
_entity_src_gen.pdbx_host_org_organ                ? 
_entity_src_gen.host_org_species                   ? 
_entity_src_gen.pdbx_host_org_tissue               ? 
_entity_src_gen.pdbx_host_org_tissue_fraction      ? 
_entity_src_gen.pdbx_host_org_strain               ? 
_entity_src_gen.pdbx_host_org_variant              ? 
_entity_src_gen.pdbx_host_org_cell_line            ? 
_entity_src_gen.pdbx_host_org_atcc                 ? 
_entity_src_gen.pdbx_host_org_culture_collection   ? 
_entity_src_gen.pdbx_host_org_cell                 ? 
_entity_src_gen.pdbx_host_org_organelle            ? 
_entity_src_gen.pdbx_host_org_cellular_location    ? 
_entity_src_gen.pdbx_host_org_vector_type          ? 
_entity_src_gen.pdbx_host_org_vector               ? 
_entity_src_gen.host_org_details                   ? 
_entity_src_gen.expression_system_id               ? 
_entity_src_gen.plasmid_name                       ? 
_entity_src_gen.plasmid_details                    ? 
_entity_src_gen.pdbx_description                   ? 
# 
loop_
_chem_comp.id 
_chem_comp.type 
_chem_comp.mon_nstd_flag 
_chem_comp.name 
_chem_comp.pdbx_synonyms 
_chem_comp.formula 
_chem_comp.formula_weight 
ALA 'L-peptide linking' y ALANINE         ? 'C3 H7 N O2'     89.093  
ARG 'L-peptide linking' y ARGININE        ? 'C6 H15 N4 O2 1' 175.209 
ASN 'L-peptide linking' y ASPARAGINE      ? 'C4 H8 N2 O3'    132.118 
ASP 'L-peptide linking' y 'ASPARTIC ACID' ? 'C4 H7 N O4'     133.103 
CYS 'L-peptide linking' y CYSTEINE        ? 'C3 H7 N O2 S'   121.158 
GLN 'L-peptide linking' y GLUTAMINE       ? 'C5 H10 N2 O3'   146.144 
GLU 'L-peptide linking' y 'GLUTAMIC ACID' ? 'C5 H9 N O4'     147.129 
GLY 'peptide linking'   y GLYCINE         ? 'C2 H5 N O2'     75.067  
HIS 'L-peptide linking' y HISTIDINE       ? 'C6 H10 N3 O2 1' 156.162 
ILE 'L-peptide linking' y ISOLEUCINE      ? 'C6 H13 N O2'    131.173 
LEU 'L-peptide linking' y LEUCINE         ? 'C6 H13 N O2'    131.173 
LYS 'L-peptide linking' y LYSINE          ? 'C6 H15 N2 O2 1' 147.195 
MET 'L-peptide linking' y METHIONINE      ? 'C5 H11 N O2 S'  149.211 
PHE 'L-peptide linking' y PHENYLALANINE   ? 'C9 H11 N O2'    165.189 
PRO 'L-peptide linking' y PROLINE         ? 'C5 H9 N O2'     115.130 
SER 'L-peptide linking' y SERINE          ? 'C3 H7 N O3'     105.093 
THR 'L-peptide linking' y THREONINE       ? 'C4 H9 N O3'     119.119 
TRP 'L-peptide linking' y TRYPTOPHAN      ? 'C11 H12 N2 O2'  204.225 
TYR 'L-peptide linking' y TYROSINE        ? 'C9 H11 N O3'    181.189 
VAL 'L-peptide linking' y VALINE          ? 'C5 H11 N O2'    117.146 
# 
loop_
_pdbx_poly_seq_scheme.asym_id 
_pdbx_poly_seq_scheme.entity_id 
_pdbx_poly_seq_scheme.seq_id 
_pdbx_poly_seq_scheme.mon_id 
_pdbx_poly_seq_scheme.ndb_seq_num 
_pdbx_poly_seq_scheme.pdb_seq_num 
_pdbx_poly_seq_scheme.auth_seq_num 
_pdbx_poly_seq_scheme.pdb_mon_id 
_pdbx_poly_seq_scheme.auth_mon_id 
_pdbx_poly_seq_scheme.pdb_strand_id 
_pdbx_poly_seq_scheme.pdb_ins_code 
_pdbx_poly_seq_scheme.hetero 
A 1 1   MET 1   2   2   MET MET A . n 
A 1 2   VAL 2   3   3   VAL VAL A . n 
A 1 3   CYS 3   4   4   CYS CYS A . n 
A 1 4   THR 4   5   5   THR THR A . n 
A 1 5   PHE 5   6   6   PHE PHE A . n 
A 1 6   PHE 6   7   7   PHE PHE A . n 
A 1 7   GLU 7   8   8   GLU GLU A . n 
A 1 8   ASN 8   9   9   ASN ASN A . n 
A 1 9   LYS 9   10  10  LYS LYS A . n 
A 1 10  VAL 10  11  11  VAL VAL A . n 
A 1 11  CYS 11  12  12  CYS CYS A . n 
A 1 12  VAL 12  13  13  VAL VAL A . n 
A 1 13  GLU 13  14  14  GLU GLU A . n 
A 1 14  THR 14  15  15  THR THR A . n 
A 1 15  MET 15  16  16  MET MET A . n 
A 1 16  GLU 16  17  17  GLU GLU A . n 
A 1 17  ASP 17  18  18  ASP ASP A . n 
A 1 18  HIS 18  19  19  HIS HIS A . n 
A 1 19  ILE 19  20  20  ILE ILE A . n 
A 1 20  ARG 20  21  21  ARG ARG A . n 
A 1 21  LYS 21  22  22  LYS LYS A . n 
A 1 22  GLY 22  23  23  GLY GLY A . n 
A 1 23  LEU 23  24  24  LEU LEU A . n 
A 1 24  GLU 24  25  25  GLU GLU A . n 
A 1 25  ILE 25  26  26  ILE ILE A . n 
A 1 26  ILE 26  27  27  ILE ILE A . n 
A 1 27  GLU 27  28  28  GLU GLU A . n 
A 1 28  GLY 28  29  29  GLY GLY A . n 
A 1 29  LEU 29  30  30  LEU LEU A . n 
A 1 30  TYR 30  31  31  TYR TYR A . n 
A 1 31  LEU 31  32  32  LEU LEU A . n 
A 1 32  ARG 32  33  33  ARG ARG A . n 
A 1 33  ARG 33  34  34  ARG ARG A . n 
A 1 34  GLY 34  35  35  GLY GLY A . n 
A 1 35  TYR 35  36  36  TYR TYR A . n 
A 1 36  GLY 36  37  37  GLY GLY A . n 
A 1 37  HIS 37  38  38  HIS HIS A . n 
A 1 38  PHE 38  39  39  PHE PHE A . n 
A 1 39  LEU 39  40  40  LEU LEU A . n 
A 1 40  SER 40  41  41  SER SER A . n 
A 1 41  LYS 41  42  42  LYS LYS A . n 
A 1 42  ILE 42  43  43  ILE ILE A . n 
A 1 43  LEU 43  44  44  LEU LEU A . n 
A 1 44  ASN 44  45  45  ASN ASN A . n 
A 1 45  ILE 45  46  46  ILE ILE A . n 
A 1 46  ASP 46  47  47  ASP ASP A . n 
A 1 47  VAL 47  48  48  VAL VAL A . n 
A 1 48  LYS 48  49  49  LYS LYS A . n 
A 1 49  LEU 49  50  50  LEU LEU A . n 
A 1 50  ALA 50  51  51  ALA ALA A . n 
A 1 51  GLU 51  52  52  GLU GLU A . n 
A 1 52  GLU 52  53  53  GLU GLU A . n 
A 1 53  LEU 53  54  54  LEU LEU A . n 
A 1 54  LEU 54  55  55  LEU LEU A . n 
A 1 55  LYS 55  56  56  LYS LYS A . n 
A 1 56  LYS 56  57  57  LYS LYS A . n 
A 1 57  ALA 57  58  58  ALA ALA A . n 
A 1 58  TYR 58  59  59  TYR TYR A . n 
A 1 59  ILE 59  60  60  ILE ILE A . n 
A 1 60  PHE 60  61  61  PHE PHE A . n 
A 1 61  HIS 61  62  62  HIS HIS A . n 
A 1 62  ASP 62  63  63  ASP ASP A . n 
A 1 63  ILE 63  64  64  ILE ILE A . n 
A 1 64  GLY 64  65  65  GLY GLY A . n 
A 1 65  LYS 65  66  66  LYS LYS A . n 
A 1 66  CYS 66  67  67  CYS CYS A . n 
A 1 67  LEU 67  68  68  LEU LEU A . n 
A 1 68  GLU 68  69  69  GLU GLU A . n 
A 1 69  GLU 69  70  70  GLU GLU A . n 
A 1 70  PHE 70  71  71  PHE PHE A . n 
A 1 71  GLN 71  72  72  GLN GLN A . n 
A 1 72  GLN 72  73  73  GLN GLN A . n 
A 1 73  ARG 73  74  74  ARG ARG A . n 
A 1 74  ARG 74  75  75  ARG ARG A . n 
A 1 75  GLU 75  76  76  GLU GLU A . n 
A 1 76  LYS 76  77  77  LYS LYS A . n 
A 1 77  PHE 77  78  78  PHE PHE A . n 
A 1 78  ARG 78  79  79  ARG ARG A . n 
A 1 79  PHE 79  80  80  PHE PHE A . n 
A 1 80  HIS 80  81  81  HIS HIS A . n 
A 1 81  GLU 81  82  82  GLU GLU A . n 
A 1 82  VAL 82  83  83  VAL VAL A . n 
A 1 83  TYR 83  84  84  TYR TYR A . n 
A 1 84  SER 84  85  85  SER SER A . n 
A 1 85  ALA 85  86  86  ALA ALA A . n 
A 1 86  LEU 86  87  87  LEU LEU A . n 
A 1 87  VAL 87  88  88  VAL VAL A . n 
A 1 88  ALA 88  89  89  ALA ALA A . n 
A 1 89  ARG 89  90  90  ARG ARG A . n 
A 1 90  GLU 90  91  91  GLU GLU A . n 
A 1 91  VAL 91  92  92  VAL VAL A . n 
A 1 92  PHE 92  93  93  PHE PHE A . n 
A 1 93  LYS 93  94  94  LYS LYS A . n 
A 1 94  LYS 94  95  95  LYS LYS A . n 
A 1 95  TYR 95  96  96  TYR TYR A . n 
A 1 96  GLY 96  97  97  GLY GLY A . n 
A 1 97  ASP 97  98  98  ASP ASP A . n 
A 1 98  ILE 98  99  99  ILE ILE A . n 
A 1 99  GLY 99  100 100 GLY GLY A . n 
A 1 100 GLY 100 101 101 GLY GLY A . n 
A 1 101 VAL 101 102 102 VAL VAL A . n 
A 1 102 VAL 102 103 103 VAL VAL A . n 
A 1 103 SER 103 104 104 SER SER A . n 
A 1 104 VAL 104 105 105 VAL VAL A . n 
A 1 105 ALA 105 106 106 ALA ALA A . n 
A 1 106 ILE 106 107 107 ILE ILE A . n 
A 1 107 LEU 107 108 108 LEU LEU A . n 
A 1 108 LEU 108 109 109 LEU LEU A . n 
A 1 109 HIS 109 110 110 HIS HIS A . n 
A 1 110 HIS 110 111 111 HIS HIS A . n 
A 1 111 HIS 111 112 112 HIS HIS A . n 
A 1 112 ASN 112 113 113 ASN ASN A . n 
A 1 113 TRP 113 114 114 TRP TRP A . n 
A 1 114 ILE 114 115 115 ILE ILE A . n 
A 1 115 ARG 115 116 ?   ?   ?   A . n 
A 1 116 GLU 116 117 ?   ?   ?   A . n 
A 1 117 LYS 117 118 ?   ?   ?   A . n 
A 1 118 SER 118 119 119 SER SER A . n 
A 1 119 PRO 119 120 120 PRO PRO A . n 
A 1 120 LYS 120 121 121 LYS LYS A . n 
A 1 121 ARG 121 122 122 ARG ARG A . n 
A 1 122 PRO 122 123 123 PRO PRO A . n 
A 1 123 ARG 123 124 124 ARG ARG A . n 
A 1 124 ASN 124 125 125 ASN ASN A . n 
A 1 125 LEU 125 126 126 LEU LEU A . n 
A 1 126 LYS 126 127 127 LYS LYS A . n 
A 1 127 LEU 127 128 128 LEU LEU A . n 
A 1 128 CYS 128 129 129 CYS CYS A . n 
A 1 129 ASN 129 130 130 ASN ASN A . n 
A 1 130 GLU 130 131 131 GLU GLU A . n 
A 1 131 CYS 131 132 132 CYS CYS A . n 
A 1 132 LEU 132 133 133 LEU LEU A . n 
A 1 133 SER 133 134 134 SER SER A . n 
A 1 134 ILE 134 135 135 ILE ILE A . n 
A 1 135 ILE 135 136 136 ILE ILE A . n 
A 1 136 LYS 136 137 137 LYS LYS A . n 
A 1 137 LYS 137 138 138 LYS LYS A . n 
A 1 138 LEU 138 139 139 LEU LEU A . n 
A 1 139 SER 139 140 140 SER SER A . n 
A 1 140 GLY 140 141 141 GLY GLY A . n 
A 1 141 GLU 141 142 142 GLU GLU A . n 
A 1 142 LYS 142 143 143 LYS LYS A . n 
A 1 143 ILE 143 144 144 ILE ILE A . n 
A 1 144 PRO 144 145 145 PRO PRO A . n 
A 1 145 GLU 145 146 146 GLU GLU A . n 
A 1 146 GLU 146 147 147 GLU GLU A . n 
A 1 147 ILE 147 148 148 ILE ILE A . n 
A 1 148 PRO 148 149 149 PRO PRO A . n 
A 1 149 TRP 149 150 150 TRP TRP A . n 
A 1 150 ARG 150 151 151 ARG ARG A . n 
A 1 151 ASN 151 152 152 ASN ASN A . n 
A 1 152 TRP 152 153 153 TRP TRP A . n 
A 1 153 ILE 153 154 154 ILE ILE A . n 
A 1 154 GLU 154 155 155 GLU GLU A . n 
A 1 155 PHE 155 156 156 PHE PHE A . n 
A 1 156 THR 156 157 157 THR THR A . n 
A 1 157 GLU 157 158 158 GLU GLU A . n 
A 1 158 GLU 158 159 159 GLU GLU A . n 
A 1 159 ALA 159 160 160 ALA ALA A . n 
A 1 160 GLU 160 161 161 GLU GLU A . n 
A 1 161 GLU 161 162 162 GLU GLU A . n 
A 1 162 ILE 162 163 163 ILE ILE A . n 
A 1 163 MET 163 164 164 MET MET A . n 
A 1 164 ARG 164 165 165 ARG ARG A . n 
A 1 165 THR 165 166 166 THR THR A . n 
A 1 166 ASN 166 167 167 ASN ASN A . n 
A 1 167 LEU 167 168 168 LEU LEU A . n 
A 1 168 ARG 168 169 169 ARG ARG A . n 
A 1 169 GLY 169 170 170 GLY GLY A . n 
A 1 170 VAL 170 171 171 VAL VAL A . n 
A 1 171 TYR 171 172 172 TYR TYR A . n 
A 1 172 SER 172 173 173 SER SER A . n 
A 1 173 ILE 173 174 174 ILE ILE A . n 
A 1 174 LEU 174 175 175 LEU LEU A . n 
A 1 175 LEU 175 176 176 LEU LEU A . n 
A 1 176 PRO 176 177 177 PRO PRO A . n 
A 1 177 LEU 177 178 178 LEU LEU A . n 
A 1 178 VAL 178 179 179 VAL VAL A . n 
A 1 179 VAL 179 180 180 VAL VAL A . n 
A 1 180 ALA 180 181 181 ALA ALA A . n 
A 1 181 ASP 181 182 182 ASP ASP A . n 
A 1 182 ASN 182 183 183 ASN ASN A . n 
A 1 183 TYR 183 184 184 TYR TYR A . n 
A 1 184 ALA 184 185 185 ALA ALA A . n 
A 1 185 ALA 185 186 186 ALA ALA A . n 
A 1 186 ALA 186 187 187 ALA ALA A . n 
A 1 187 VAL 187 188 188 VAL VAL A . n 
A 1 188 ASN 188 189 189 ASN ASN A . n 
A 1 189 ARG 189 190 190 ARG ARG A . n 
# 
loop_
_software.citation_id 
_software.classification 
_software.compiler_name 
_software.compiler_version 
_software.contact_author 
_software.contact_author_email 
_software.date 
_software.description 
_software.dependencies 
_software.hardware 
_software.language 
_software.location 
_software.mods 
_software.name 
_software.os 
_software.os_version 
_software.type 
_software.version 
_software.pdbx_ordinal 
? refinement       ? ? ? ? ? ? ? ? ? ? ? PHENIX   ? ? ? 1.17.1_3660 1 
? 'data reduction' ? ? ? ? ? ? ? ? ? ? ? HKL-2000 ? ? ? .           2 
? 'data scaling'   ? ? ? ? ? ? ? ? ? ? ? HKL-2000 ? ? ? .           3 
? phasing          ? ? ? ? ? ? ? ? ? ? ? PHASER   ? ? ? .           4 
# 
_cell.angle_alpha                  90.000 
_cell.angle_alpha_esd              ? 
_cell.angle_beta                   98.881 
_cell.angle_beta_esd               ? 
_cell.angle_gamma                  90.000 
_cell.angle_gamma_esd              ? 
_cell.entry_id                     8WTH 
_cell.details                      ? 
_cell.formula_units_Z              ? 
_cell.length_a                     112.656 
_cell.length_a_esd                 ? 
_cell.length_b                     41.706 
_cell.length_b_esd                 ? 
_cell.length_c                     47.983 
_cell.length_c_esd                 ? 
_cell.volume                       222741.989 
_cell.volume_esd                   ? 
_cell.Z_PDB                        4 
_cell.reciprocal_angle_alpha       ? 
_cell.reciprocal_angle_beta        ? 
_cell.reciprocal_angle_gamma       ? 
_cell.reciprocal_angle_alpha_esd   ? 
_cell.reciprocal_angle_beta_esd    ? 
_cell.reciprocal_angle_gamma_esd   ? 
_cell.reciprocal_length_a          ? 
_cell.reciprocal_length_b          ? 
_cell.reciprocal_length_c          ? 
_cell.reciprocal_length_a_esd      ? 
_cell.reciprocal_length_b_esd      ? 
_cell.reciprocal_length_c_esd      ? 
_cell.pdbx_unique_axis             ? 
_cell.pdbx_esd_method              ? 
# 
_symmetry.entry_id                         8WTH 
_symmetry.cell_setting                     ? 
_symmetry.Int_Tables_number                5 
_symmetry.space_group_name_Hall            'C 2y' 
_symmetry.space_group_name_H-M             'C 1 2 1' 
_symmetry.pdbx_full_space_group_name_H-M   ? 
# 
_exptl.absorpt_coefficient_mu     ? 
_exptl.absorpt_correction_T_max   ? 
_exptl.absorpt_correction_T_min   ? 
_exptl.absorpt_correction_type    ? 
_exptl.absorpt_process_details    ? 
_exptl.entry_id                   8WTH 
_exptl.crystals_number            1 
_exptl.details                    ? 
_exptl.method                     'X-RAY DIFFRACTION' 
_exptl.method_details             ? 
# 
_exptl_crystal.colour                       ? 
_exptl_crystal.density_diffrn               ? 
_exptl_crystal.density_Matthews             2.50 
_exptl_crystal.density_method               ? 
_exptl_crystal.density_percent_sol          50.87 
_exptl_crystal.description                  ? 
_exptl_crystal.F_000                        ? 
_exptl_crystal.id                           1 
_exptl_crystal.preparation                  ? 
_exptl_crystal.size_max                     ? 
_exptl_crystal.size_mid                     ? 
_exptl_crystal.size_min                     ? 
_exptl_crystal.size_rad                     ? 
_exptl_crystal.colour_lustre                ? 
_exptl_crystal.colour_modifier              ? 
_exptl_crystal.colour_primary               ? 
_exptl_crystal.density_meas                 ? 
_exptl_crystal.density_meas_esd             ? 
_exptl_crystal.density_meas_gt              ? 
_exptl_crystal.density_meas_lt              ? 
_exptl_crystal.density_meas_temp            ? 
_exptl_crystal.density_meas_temp_esd        ? 
_exptl_crystal.density_meas_temp_gt         ? 
_exptl_crystal.density_meas_temp_lt         ? 
_exptl_crystal.pdbx_crystal_image_url       ? 
_exptl_crystal.pdbx_crystal_image_format    ? 
_exptl_crystal.pdbx_mosaicity               ? 
_exptl_crystal.pdbx_mosaicity_esd           ? 
_exptl_crystal.pdbx_mosaic_method           ? 
_exptl_crystal.pdbx_mosaic_block_size       ? 
_exptl_crystal.pdbx_mosaic_block_size_esd   ? 
# 
_exptl_crystal_grow.apparatus       ? 
_exptl_crystal_grow.atmosphere      ? 
_exptl_crystal_grow.crystal_id      1 
_exptl_crystal_grow.details         ? 
_exptl_crystal_grow.method          EVAPORATION 
_exptl_crystal_grow.method_ref      ? 
_exptl_crystal_grow.pH              ? 
_exptl_crystal_grow.pressure        ? 
_exptl_crystal_grow.pressure_esd    ? 
_exptl_crystal_grow.seeding         ? 
_exptl_crystal_grow.seeding_ref     ? 
_exptl_crystal_grow.temp_details    ? 
_exptl_crystal_grow.temp_esd        ? 
_exptl_crystal_grow.time            ? 
_exptl_crystal_grow.pdbx_details    '30% PEG8000, 0. 2 M Ammonium sulfate, and 0.1 M Tris at a pH of 6.4' 
_exptl_crystal_grow.pdbx_pH_range   ? 
_exptl_crystal_grow.temp            293.15 
# 
_diffrn.ambient_environment              ? 
_diffrn.ambient_temp                     100 
_diffrn.ambient_temp_details             ? 
_diffrn.ambient_temp_esd                 ? 
_diffrn.crystal_id                       1 
_diffrn.crystal_support                  ? 
_diffrn.crystal_treatment                ? 
_diffrn.details                          ? 
_diffrn.id                               1 
_diffrn.ambient_pressure                 ? 
_diffrn.ambient_pressure_esd             ? 
_diffrn.ambient_pressure_gt              ? 
_diffrn.ambient_pressure_lt              ? 
_diffrn.ambient_temp_gt                  ? 
_diffrn.ambient_temp_lt                  ? 
_diffrn.pdbx_serial_crystal_experiment   N 
# 
_diffrn_detector.details                      ? 
_diffrn_detector.detector                     CCD 
_diffrn_detector.diffrn_id                    1 
_diffrn_detector.type                         'MAR CCD 130 mm' 
_diffrn_detector.area_resol_mean              ? 
_diffrn_detector.dtime                        ? 
_diffrn_detector.pdbx_frames_total            ? 
_diffrn_detector.pdbx_collection_time_total   ? 
_diffrn_detector.pdbx_collection_date         2020-01-01 
_diffrn_detector.pdbx_frequency               ? 
_diffrn_detector.id                           ? 
_diffrn_detector.number_of_axes               ? 
# 
_diffrn_radiation.collimation                      ? 
_diffrn_radiation.diffrn_id                        1 
_diffrn_radiation.filter_edge                      ? 
_diffrn_radiation.inhomogeneity                    ? 
_diffrn_radiation.monochromator                    ? 
_diffrn_radiation.polarisn_norm                    ? 
_diffrn_radiation.polarisn_ratio                   ? 
_diffrn_radiation.probe                            ? 
_diffrn_radiation.type                             ? 
_diffrn_radiation.xray_symbol                      ? 
_diffrn_radiation.wavelength_id                    1 
_diffrn_radiation.pdbx_monochromatic_or_laue_m_l   M 
_diffrn_radiation.pdbx_wavelength_list             ? 
_diffrn_radiation.pdbx_wavelength                  ? 
_diffrn_radiation.pdbx_diffrn_protocol             'SINGLE WAVELENGTH' 
_diffrn_radiation.pdbx_analyzer                    ? 
_diffrn_radiation.pdbx_scattering_type             x-ray 
# 
_diffrn_radiation_wavelength.id           1 
_diffrn_radiation_wavelength.wavelength   1.0000 
_diffrn_radiation_wavelength.wt           1.0 
# 
_diffrn_source.current                     ? 
_diffrn_source.details                     ? 
_diffrn_source.diffrn_id                   1 
_diffrn_source.power                       ? 
_diffrn_source.size                        ? 
_diffrn_source.source                      SYNCHROTRON 
_diffrn_source.target                      ? 
_diffrn_source.type                        'NSRRC BEAMLINE BL13B1' 
_diffrn_source.voltage                     ? 
_diffrn_source.take-off_angle              ? 
_diffrn_source.pdbx_wavelength_list        1.0000 
_diffrn_source.pdbx_wavelength             ? 
_diffrn_source.pdbx_synchrotron_beamline   BL13B1 
_diffrn_source.pdbx_synchrotron_site       NSRRC 
# 
_reflns.B_iso_Wilson_estimate                          52.04 
_reflns.entry_id                                       8WTH 
_reflns.data_reduction_details                         ? 
_reflns.data_reduction_method                          ? 
_reflns.d_resolution_high                              3.45 
_reflns.d_resolution_low                               29 
_reflns.details                                        ? 
_reflns.limit_h_max                                    ? 
_reflns.limit_h_min                                    ? 
_reflns.limit_k_max                                    ? 
_reflns.limit_k_min                                    ? 
_reflns.limit_l_max                                    ? 
_reflns.limit_l_min                                    ? 
_reflns.number_all                                     ? 
_reflns.number_obs                                     2998 
_reflns.observed_criterion                             ? 
_reflns.observed_criterion_F_max                       ? 
_reflns.observed_criterion_F_min                       ? 
_reflns.observed_criterion_I_max                       ? 
_reflns.observed_criterion_I_min                       ? 
_reflns.observed_criterion_sigma_F                     ? 
_reflns.observed_criterion_sigma_I                     ? 
_reflns.percent_possible_obs                           99.3 
_reflns.R_free_details                                 ? 
_reflns.Rmerge_F_all                                   ? 
_reflns.Rmerge_F_obs                                   ? 
_reflns.Friedel_coverage                               ? 
_reflns.number_gt                                      ? 
_reflns.threshold_expression                           ? 
_reflns.pdbx_redundancy                                3 
_reflns.pdbx_netI_over_av_sigmaI                       ? 
_reflns.pdbx_netI_over_sigmaI                          6 
_reflns.pdbx_res_netI_over_av_sigmaI_2                 ? 
_reflns.pdbx_res_netI_over_sigmaI_2                    ? 
_reflns.pdbx_chi_squared                               ? 
_reflns.pdbx_scaling_rejects                           ? 
_reflns.pdbx_d_res_high_opt                            ? 
_reflns.pdbx_d_res_low_opt                             ? 
_reflns.pdbx_d_res_opt_method                          ? 
_reflns.phase_calculation_details                      ? 
_reflns.pdbx_Rrim_I_all                                ? 
_reflns.pdbx_Rpim_I_all                                ? 
_reflns.pdbx_d_opt                                     ? 
_reflns.pdbx_number_measured_all                       ? 
_reflns.pdbx_diffrn_id                                 1 
_reflns.pdbx_ordinal                                   1 
_reflns.pdbx_CC_half                                   0.78 
_reflns.pdbx_CC_star                                   ? 
_reflns.pdbx_R_split                                   ? 
_reflns.pdbx_Rmerge_I_obs                              ? 
_reflns.pdbx_Rmerge_I_all                              ? 
_reflns.pdbx_Rsym_value                                ? 
_reflns.pdbx_CC_split_method                           ? 
_reflns.pdbx_aniso_diffraction_limit_axis_1_ortho[1]   ? 
_reflns.pdbx_aniso_diffraction_limit_axis_1_ortho[2]   ? 
_reflns.pdbx_aniso_diffraction_limit_axis_1_ortho[3]   ? 
_reflns.pdbx_aniso_diffraction_limit_axis_2_ortho[1]   ? 
_reflns.pdbx_aniso_diffraction_limit_axis_2_ortho[2]   ? 
_reflns.pdbx_aniso_diffraction_limit_axis_2_ortho[3]   ? 
_reflns.pdbx_aniso_diffraction_limit_axis_3_ortho[1]   ? 
_reflns.pdbx_aniso_diffraction_limit_axis_3_ortho[2]   ? 
_reflns.pdbx_aniso_diffraction_limit_axis_3_ortho[3]   ? 
_reflns.pdbx_aniso_diffraction_limit_1                 ? 
_reflns.pdbx_aniso_diffraction_limit_2                 ? 
_reflns.pdbx_aniso_diffraction_limit_3                 ? 
_reflns.pdbx_aniso_B_tensor_eigenvector_1_ortho[1]     ? 
_reflns.pdbx_aniso_B_tensor_eigenvector_1_ortho[2]     ? 
_reflns.pdbx_aniso_B_tensor_eigenvector_1_ortho[3]     ? 
_reflns.pdbx_aniso_B_tensor_eigenvector_2_ortho[1]     ? 
_reflns.pdbx_aniso_B_tensor_eigenvector_2_ortho[2]     ? 
_reflns.pdbx_aniso_B_tensor_eigenvector_2_ortho[3]     ? 
_reflns.pdbx_aniso_B_tensor_eigenvector_3_ortho[1]     ? 
_reflns.pdbx_aniso_B_tensor_eigenvector_3_ortho[2]     ? 
_reflns.pdbx_aniso_B_tensor_eigenvector_3_ortho[3]     ? 
_reflns.pdbx_aniso_B_tensor_eigenvalue_1               ? 
_reflns.pdbx_aniso_B_tensor_eigenvalue_2               ? 
_reflns.pdbx_aniso_B_tensor_eigenvalue_3               ? 
_reflns.pdbx_orthogonalization_convention              ? 
_reflns.pdbx_percent_possible_ellipsoidal              ? 
_reflns.pdbx_percent_possible_spherical                ? 
_reflns.pdbx_percent_possible_ellipsoidal_anomalous    ? 
_reflns.pdbx_percent_possible_spherical_anomalous      ? 
_reflns.pdbx_redundancy_anomalous                      ? 
_reflns.pdbx_CC_half_anomalous                         ? 
_reflns.pdbx_absDiff_over_sigma_anomalous              ? 
_reflns.pdbx_percent_possible_anomalous                ? 
_reflns.pdbx_observed_signal_threshold                 ? 
_reflns.pdbx_signal_type                               ? 
_reflns.pdbx_signal_details                            ? 
_reflns.pdbx_signal_software_id                        ? 
# 
_reflns_shell.d_res_high                                    3.45 
_reflns_shell.d_res_low                                     3.57 
_reflns_shell.meanI_over_sigI_all                           ? 
_reflns_shell.meanI_over_sigI_obs                           ? 
_reflns_shell.number_measured_all                           ? 
_reflns_shell.number_measured_obs                           ? 
_reflns_shell.number_possible                               ? 
_reflns_shell.number_unique_all                             ? 
_reflns_shell.number_unique_obs                             299 
_reflns_shell.percent_possible_obs                          ? 
_reflns_shell.Rmerge_F_all                                  ? 
_reflns_shell.Rmerge_F_obs                                  ? 
_reflns_shell.meanI_over_sigI_gt                            ? 
_reflns_shell.meanI_over_uI_all                             ? 
_reflns_shell.meanI_over_uI_gt                              ? 
_reflns_shell.number_measured_gt                            ? 
_reflns_shell.number_unique_gt                              ? 
_reflns_shell.percent_possible_gt                           ? 
_reflns_shell.Rmerge_F_gt                                   ? 
_reflns_shell.Rmerge_I_gt                                   ? 
_reflns_shell.pdbx_redundancy                               ? 
_reflns_shell.pdbx_chi_squared                              ? 
_reflns_shell.pdbx_netI_over_sigmaI_all                     ? 
_reflns_shell.pdbx_netI_over_sigmaI_obs                     ? 
_reflns_shell.pdbx_Rrim_I_all                               ? 
_reflns_shell.pdbx_Rpim_I_all                               ? 
_reflns_shell.pdbx_rejects                                  ? 
_reflns_shell.pdbx_ordinal                                  1 
_reflns_shell.pdbx_diffrn_id                                1 
_reflns_shell.pdbx_CC_half                                  0.78 
_reflns_shell.pdbx_CC_star                                  ? 
_reflns_shell.pdbx_R_split                                  ? 
_reflns_shell.percent_possible_all                          ? 
_reflns_shell.Rmerge_I_all                                  ? 
_reflns_shell.Rmerge_I_obs                                  ? 
_reflns_shell.pdbx_Rsym_value                               ? 
_reflns_shell.pdbx_percent_possible_ellipsoidal             ? 
_reflns_shell.pdbx_percent_possible_spherical               ? 
_reflns_shell.pdbx_percent_possible_ellipsoidal_anomalous   ? 
_reflns_shell.pdbx_percent_possible_spherical_anomalous     ? 
_reflns_shell.pdbx_redundancy_anomalous                     ? 
_reflns_shell.pdbx_CC_half_anomalous                        ? 
_reflns_shell.pdbx_absDiff_over_sigma_anomalous             ? 
_reflns_shell.pdbx_percent_possible_anomalous               ? 
# 
_refine.aniso_B[1][1]                            ? 
_refine.aniso_B[1][2]                            ? 
_refine.aniso_B[1][3]                            ? 
_refine.aniso_B[2][2]                            ? 
_refine.aniso_B[2][3]                            ? 
_refine.aniso_B[3][3]                            ? 
_refine.B_iso_max                                ? 
_refine.B_iso_mean                               41.69 
_refine.B_iso_min                                ? 
_refine.correlation_coeff_Fo_to_Fc               ? 
_refine.correlation_coeff_Fo_to_Fc_free          ? 
_refine.details                                  ? 
_refine.diff_density_max                         ? 
_refine.diff_density_max_esd                     ? 
_refine.diff_density_min                         ? 
_refine.diff_density_min_esd                     ? 
_refine.diff_density_rms                         ? 
_refine.diff_density_rms_esd                     ? 
_refine.entry_id                                 8WTH 
_refine.pdbx_refine_id                           'X-RAY DIFFRACTION' 
_refine.ls_abs_structure_details                 ? 
_refine.ls_abs_structure_Flack                   ? 
_refine.ls_abs_structure_Flack_esd               ? 
_refine.ls_abs_structure_Rogers                  ? 
_refine.ls_abs_structure_Rogers_esd              ? 
_refine.ls_d_res_high                            3.45 
_refine.ls_d_res_low                             25.80 
_refine.ls_extinction_coef                       ? 
_refine.ls_extinction_coef_esd                   ? 
_refine.ls_extinction_expression                 ? 
_refine.ls_extinction_method                     ? 
_refine.ls_goodness_of_fit_all                   ? 
_refine.ls_goodness_of_fit_all_esd               ? 
_refine.ls_goodness_of_fit_obs                   ? 
_refine.ls_goodness_of_fit_obs_esd               ? 
_refine.ls_hydrogen_treatment                    ? 
_refine.ls_matrix_type                           ? 
_refine.ls_number_constraints                    ? 
_refine.ls_number_parameters                     ? 
_refine.ls_number_reflns_all                     ? 
_refine.ls_number_reflns_obs                     2996 
_refine.ls_number_reflns_R_free                  143 
_refine.ls_number_reflns_R_work                  2853 
_refine.ls_number_restraints                     ? 
_refine.ls_percent_reflns_obs                    99.60 
_refine.ls_percent_reflns_R_free                 4.77 
_refine.ls_R_factor_all                          ? 
_refine.ls_R_factor_obs                          0.2623 
_refine.ls_R_factor_R_free                       0.2946 
_refine.ls_R_factor_R_free_error                 ? 
_refine.ls_R_factor_R_free_error_details         ? 
_refine.ls_R_factor_R_work                       0.2607 
_refine.ls_R_Fsqd_factor_obs                     ? 
_refine.ls_R_I_factor_obs                        ? 
_refine.ls_redundancy_reflns_all                 ? 
_refine.ls_redundancy_reflns_obs                 ? 
_refine.ls_restrained_S_all                      ? 
_refine.ls_restrained_S_obs                      ? 
_refine.ls_shift_over_esd_max                    ? 
_refine.ls_shift_over_esd_mean                   ? 
_refine.ls_structure_factor_coef                 ? 
_refine.ls_weighting_details                     ? 
_refine.ls_weighting_scheme                      ? 
_refine.ls_wR_factor_all                         ? 
_refine.ls_wR_factor_obs                         ? 
_refine.ls_wR_factor_R_free                      ? 
_refine.ls_wR_factor_R_work                      ? 
_refine.occupancy_max                            ? 
_refine.occupancy_min                            ? 
_refine.solvent_model_details                    'FLAT BULK SOLVENT MODEL' 
_refine.solvent_model_param_bsol                 ? 
_refine.solvent_model_param_ksol                 ? 
_refine.pdbx_R_complete                          ? 
_refine.ls_R_factor_gt                           ? 
_refine.ls_goodness_of_fit_gt                    ? 
_refine.ls_goodness_of_fit_ref                   ? 
_refine.ls_shift_over_su_max                     ? 
_refine.ls_shift_over_su_max_lt                  ? 
_refine.ls_shift_over_su_mean                    ? 
_refine.ls_shift_over_su_mean_lt                 ? 
_refine.pdbx_ls_sigma_I                          ? 
_refine.pdbx_ls_sigma_F                          1.36 
_refine.pdbx_ls_sigma_Fsqd                       ? 
_refine.pdbx_data_cutoff_high_absF               ? 
_refine.pdbx_data_cutoff_high_rms_absF           ? 
_refine.pdbx_data_cutoff_low_absF                ? 
_refine.pdbx_isotropic_thermal_model             ? 
_refine.pdbx_ls_cross_valid_method               'FREE R-VALUE' 
_refine.pdbx_method_to_determine_struct          'MOLECULAR REPLACEMENT' 
_refine.pdbx_starting_model                      ? 
_refine.pdbx_stereochemistry_target_values       'GeoStd + Monomer Library + CDL v1.2' 
_refine.pdbx_R_Free_selection_details            ? 
_refine.pdbx_stereochem_target_val_spec_case     ? 
_refine.pdbx_overall_ESU_R                       ? 
_refine.pdbx_overall_ESU_R_Free                  ? 
_refine.pdbx_solvent_vdw_probe_radii             1.1100 
_refine.pdbx_solvent_ion_probe_radii             ? 
_refine.pdbx_solvent_shrinkage_radii             0.9000 
_refine.pdbx_real_space_R                        ? 
_refine.pdbx_density_correlation                 ? 
_refine.pdbx_pd_number_of_powder_patterns        ? 
_refine.pdbx_pd_number_of_points                 ? 
_refine.pdbx_pd_meas_number_of_points            ? 
_refine.pdbx_pd_proc_ls_prof_R_factor            ? 
_refine.pdbx_pd_proc_ls_prof_wR_factor           ? 
_refine.pdbx_pd_Marquardt_correlation_coeff      ? 
_refine.pdbx_pd_Fsqrd_R_factor                   ? 
_refine.pdbx_pd_ls_matrix_band_width             ? 
_refine.pdbx_overall_phase_error                 24.6847 
_refine.pdbx_overall_SU_R_free_Cruickshank_DPI   ? 
_refine.pdbx_overall_SU_R_free_Blow_DPI          ? 
_refine.pdbx_overall_SU_R_Blow_DPI               ? 
_refine.pdbx_TLS_residual_ADP_flag               ? 
_refine.pdbx_diffrn_id                           1 
_refine.overall_SU_B                             ? 
_refine.overall_SU_ML                            0.4088 
_refine.overall_SU_R_Cruickshank_DPI             ? 
_refine.overall_SU_R_free                        ? 
_refine.overall_FOM_free_R_set                   ? 
_refine.overall_FOM_work_R_set                   ? 
_refine.pdbx_average_fsc_overall                 ? 
_refine.pdbx_average_fsc_work                    ? 
_refine.pdbx_average_fsc_free                    ? 
# 
_refine_hist.pdbx_refine_id                   'X-RAY DIFFRACTION' 
_refine_hist.cycle_id                         LAST 
_refine_hist.details                          ? 
_refine_hist.d_res_high                       3.45 
_refine_hist.d_res_low                        25.80 
_refine_hist.number_atoms_solvent             0 
_refine_hist.number_atoms_total               1535 
_refine_hist.number_reflns_all                ? 
_refine_hist.number_reflns_obs                ? 
_refine_hist.number_reflns_R_free             ? 
_refine_hist.number_reflns_R_work             ? 
_refine_hist.R_factor_all                     ? 
_refine_hist.R_factor_obs                     ? 
_refine_hist.R_factor_R_free                  ? 
_refine_hist.R_factor_R_work                  ? 
_refine_hist.pdbx_number_residues_total       ? 
_refine_hist.pdbx_B_iso_mean_ligand           ? 
_refine_hist.pdbx_B_iso_mean_solvent          ? 
_refine_hist.pdbx_number_atoms_protein        1535 
_refine_hist.pdbx_number_atoms_nucleic_acid   0 
_refine_hist.pdbx_number_atoms_ligand         0 
_refine_hist.pdbx_number_atoms_lipid          ? 
_refine_hist.pdbx_number_atoms_carb           ? 
_refine_hist.pdbx_pseudo_atom_details         ? 
# 
loop_
_refine_ls_restr.pdbx_refine_id 
_refine_ls_restr.criterion 
_refine_ls_restr.dev_ideal 
_refine_ls_restr.dev_ideal_target 
_refine_ls_restr.number 
_refine_ls_restr.rejects 
_refine_ls_restr.type 
_refine_ls_restr.weight 
_refine_ls_restr.pdbx_restraint_function 
'X-RAY DIFFRACTION' ? 0.0028 ? 1567 ? f_bond_d           ? ? 
'X-RAY DIFFRACTION' ? 0.6856 ? 2108 ? f_angle_d          ? ? 
'X-RAY DIFFRACTION' ? 0.0425 ? 231  ? f_chiral_restr     ? ? 
'X-RAY DIFFRACTION' ? 0.0049 ? 265  ? f_plane_restr      ? ? 
'X-RAY DIFFRACTION' ? 5.2813 ? 204  ? f_dihedral_angle_d ? ? 
# 
_refine_ls_shell.pdbx_refine_id                   'X-RAY DIFFRACTION' 
_refine_ls_shell.d_res_high                       3.45 
_refine_ls_shell.d_res_low                        25.80 
_refine_ls_shell.number_reflns_all                ? 
_refine_ls_shell.number_reflns_obs                ? 
_refine_ls_shell.number_reflns_R_free             143 
_refine_ls_shell.number_reflns_R_work             2853 
_refine_ls_shell.percent_reflns_obs               99.60 
_refine_ls_shell.percent_reflns_R_free            ? 
_refine_ls_shell.R_factor_all                     ? 
_refine_ls_shell.R_factor_obs                     ? 
_refine_ls_shell.R_factor_R_free_error            ? 
_refine_ls_shell.R_factor_R_work                  0.2607 
_refine_ls_shell.redundancy_reflns_all            ? 
_refine_ls_shell.redundancy_reflns_obs            ? 
_refine_ls_shell.wR_factor_all                    ? 
_refine_ls_shell.wR_factor_obs                    ? 
_refine_ls_shell.wR_factor_R_free                 ? 
_refine_ls_shell.wR_factor_R_work                 ? 
_refine_ls_shell.pdbx_R_complete                  ? 
_refine_ls_shell.pdbx_total_number_of_bins_used   ? 
_refine_ls_shell.pdbx_phase_error                 ? 
_refine_ls_shell.pdbx_fsc_work                    ? 
_refine_ls_shell.pdbx_fsc_free                    ? 
_refine_ls_shell.R_factor_R_free                  0.2946 
# 
_struct.entry_id                     8WTH 
_struct.title                        'Crystal structure of Cas3-HD' 
_struct.pdbx_model_details           ? 
_struct.pdbx_formula_weight          ? 
_struct.pdbx_formula_weight_method   ? 
_struct.pdbx_model_type_details      ? 
_struct.pdbx_CASP_flag               N 
# 
_struct_keywords.entry_id        8WTH 
_struct_keywords.text            'Cas3-HD is a di-ion dependent ssDNA nuclease, METAL BINDING PROTEIN' 
_struct_keywords.pdbx_keywords   'METAL BINDING PROTEIN' 
# 
_struct_asym.id                            A 
_struct_asym.pdbx_blank_PDB_chainid_flag   N 
_struct_asym.pdbx_modified                 N 
_struct_asym.entity_id                     1 
_struct_asym.details                       ? 
# 
_struct_ref.id                         1 
_struct_ref.db_name                    UNP 
_struct_ref.db_code                    O58617_PYRHO 
_struct_ref.pdbx_db_accession          O58617 
_struct_ref.pdbx_db_isoform            ? 
_struct_ref.entity_id                  1 
_struct_ref.pdbx_seq_one_letter_code   
;VCTFFENKVCVETMEDHIRKGLEIIEGLYLRRGYGHFLSKILNIDVKLAEELLKKAYIFHDIGKCLEEFQQRREKFRFHE
VYSALVAREVFKKYGDIGGVVSVAILLHHHNWIREKSPKRPRNLKLCNECLSIIKKLSGEKIPEEIPWRNWIEFTEEAEE
IMRTNLRGVYSILLPLVVADNYAAAVNR
;
_struct_ref.pdbx_align_begin           3 
# 
_struct_ref_seq.align_id                      1 
_struct_ref_seq.ref_id                        1 
_struct_ref_seq.pdbx_PDB_id_code              8WTH 
_struct_ref_seq.pdbx_strand_id                A 
_struct_ref_seq.seq_align_beg                 2 
_struct_ref_seq.pdbx_seq_align_beg_ins_code   ? 
_struct_ref_seq.seq_align_end                 189 
_struct_ref_seq.pdbx_seq_align_end_ins_code   ? 
_struct_ref_seq.pdbx_db_accession             O58617 
_struct_ref_seq.db_align_beg                  3 
_struct_ref_seq.pdbx_db_align_beg_ins_code    ? 
_struct_ref_seq.db_align_end                  190 
_struct_ref_seq.pdbx_db_align_end_ins_code    ? 
_struct_ref_seq.pdbx_auth_seq_align_beg       3 
_struct_ref_seq.pdbx_auth_seq_align_end       190 
# 
_struct_ref_seq_dif.align_id                     1 
_struct_ref_seq_dif.pdbx_pdb_id_code             8WTH 
_struct_ref_seq_dif.mon_id                       MET 
_struct_ref_seq_dif.pdbx_pdb_strand_id           A 
_struct_ref_seq_dif.seq_num                      1 
_struct_ref_seq_dif.pdbx_pdb_ins_code            ? 
_struct_ref_seq_dif.pdbx_seq_db_name             UNP 
_struct_ref_seq_dif.pdbx_seq_db_accession_code   O58617 
_struct_ref_seq_dif.db_mon_id                    ? 
_struct_ref_seq_dif.pdbx_seq_db_seq_num          ? 
_struct_ref_seq_dif.details                      'initiating methionine' 
_struct_ref_seq_dif.pdbx_auth_seq_num            2 
_struct_ref_seq_dif.pdbx_ordinal                 1 
# 
_pdbx_struct_assembly.id                   1 
_pdbx_struct_assembly.details              author_defined_assembly 
_pdbx_struct_assembly.method_details       ? 
_pdbx_struct_assembly.oligomeric_details   monomeric 
_pdbx_struct_assembly.oligomeric_count     1 
# 
_pdbx_struct_assembly_gen.assembly_id       1 
_pdbx_struct_assembly_gen.oper_expression   1 
_pdbx_struct_assembly_gen.asym_id_list      A 
# 
_pdbx_struct_oper_list.id                   1 
_pdbx_struct_oper_list.type                 'identity operation' 
_pdbx_struct_oper_list.name                 1_555 
_pdbx_struct_oper_list.symmetry_operation   x,y,z 
_pdbx_struct_oper_list.matrix[1][1]         1.0000000000 
_pdbx_struct_oper_list.matrix[1][2]         0.0000000000 
_pdbx_struct_oper_list.matrix[1][3]         0.0000000000 
_pdbx_struct_oper_list.vector[1]            0.0000000000 
_pdbx_struct_oper_list.matrix[2][1]         0.0000000000 
_pdbx_struct_oper_list.matrix[2][2]         1.0000000000 
_pdbx_struct_oper_list.matrix[2][3]         0.0000000000 
_pdbx_struct_oper_list.vector[2]            0.0000000000 
_pdbx_struct_oper_list.matrix[3][1]         0.0000000000 
_pdbx_struct_oper_list.matrix[3][2]         0.0000000000 
_pdbx_struct_oper_list.matrix[3][3]         1.0000000000 
_pdbx_struct_oper_list.vector[3]            0.0000000000 
# 
loop_
_struct_conf.conf_type_id 
_struct_conf.id 
_struct_conf.pdbx_PDB_helix_id 
_struct_conf.beg_label_comp_id 
_struct_conf.beg_label_asym_id 
_struct_conf.beg_label_seq_id 
_struct_conf.pdbx_beg_PDB_ins_code 
_struct_conf.end_label_comp_id 
_struct_conf.end_label_asym_id 
_struct_conf.end_label_seq_id 
_struct_conf.pdbx_end_PDB_ins_code 
_struct_conf.beg_auth_comp_id 
_struct_conf.beg_auth_asym_id 
_struct_conf.beg_auth_seq_id 
_struct_conf.end_auth_comp_id 
_struct_conf.end_auth_asym_id 
_struct_conf.end_auth_seq_id 
_struct_conf.pdbx_PDB_helix_class 
_struct_conf.details 
_struct_conf.pdbx_PDB_helix_length 
HELX_P HELX_P1  AA1 MET A 15  ? LEU A 29  ? MET A 16  LEU A 30  1 ? 15 
HELX_P HELX_P2  AA2 TYR A 30  ? ARG A 33  ? TYR A 31  ARG A 34  5 ? 4  
HELX_P HELX_P3  AA3 GLY A 34  ? LEU A 43  ? GLY A 35  LEU A 44  1 ? 10 
HELX_P HELX_P4  AA4 ASP A 46  ? PHE A 60  ? ASP A 47  PHE A 61  1 ? 15 
HELX_P HELX_P5  AA5 HIS A 61  ? CYS A 66  ? HIS A 62  CYS A 67  5 ? 6  
HELX_P HELX_P6  AA6 LEU A 67  ? ARG A 74  ? LEU A 68  ARG A 75  1 ? 8  
HELX_P HELX_P7  AA7 PHE A 79  ? PHE A 92  ? PHE A 80  PHE A 93  1 ? 14 
HELX_P HELX_P8  AA8 LYS A 93  ? TYR A 95  ? LYS A 94  TYR A 96  5 ? 3  
HELX_P HELX_P9  AA9 GLY A 96  ? LEU A 108 ? GLY A 97  LEU A 109 1 ? 13 
HELX_P HELX_P10 AB1 CYS A 128 ? SER A 139 ? CYS A 129 SER A 140 1 ? 12 
HELX_P HELX_P11 AB2 TRP A 152 ? ASN A 166 ? TRP A 153 ASN A 167 1 ? 15 
HELX_P HELX_P12 AB3 ASN A 166 ? ARG A 189 ? ASN A 167 ARG A 190 1 ? 24 
# 
_struct_conf_type.id          HELX_P 
_struct_conf_type.criteria    ? 
_struct_conf_type.reference   ? 
# 
loop_
_struct_conn.id 
_struct_conn.conn_type_id 
_struct_conn.pdbx_leaving_atom_flag 
_struct_conn.pdbx_PDB_id 
_struct_conn.ptnr1_label_asym_id 
_struct_conn.ptnr1_label_comp_id 
_struct_conn.ptnr1_label_seq_id 
_struct_conn.ptnr1_label_atom_id 
_struct_conn.pdbx_ptnr1_label_alt_id 
_struct_conn.pdbx_ptnr1_PDB_ins_code 
_struct_conn.pdbx_ptnr1_standard_comp_id 
_struct_conn.ptnr1_symmetry 
_struct_conn.ptnr2_label_asym_id 
_struct_conn.ptnr2_label_comp_id 
_struct_conn.ptnr2_label_seq_id 
_struct_conn.ptnr2_label_atom_id 
_struct_conn.pdbx_ptnr2_label_alt_id 
_struct_conn.pdbx_ptnr2_PDB_ins_code 
_struct_conn.ptnr1_auth_asym_id 
_struct_conn.ptnr1_auth_comp_id 
_struct_conn.ptnr1_auth_seq_id 
_struct_conn.ptnr2_auth_asym_id 
_struct_conn.ptnr2_auth_comp_id 
_struct_conn.ptnr2_auth_seq_id 
_struct_conn.ptnr2_symmetry 
_struct_conn.pdbx_ptnr3_label_atom_id 
_struct_conn.pdbx_ptnr3_label_seq_id 
_struct_conn.pdbx_ptnr3_label_comp_id 
_struct_conn.pdbx_ptnr3_label_asym_id 
_struct_conn.pdbx_ptnr3_label_alt_id 
_struct_conn.pdbx_ptnr3_PDB_ins_code 
_struct_conn.details 
_struct_conn.pdbx_dist_value 
_struct_conn.pdbx_value_order 
_struct_conn.pdbx_role 
disulf1 disulf ? ? A CYS 3  SG ? ? ? 1_555 A CYS 11  SG ? ? A CYS 4  A CYS 12  1_555 ? ? ? ? ? ? ? 2.034 ? ? 
disulf2 disulf ? ? A CYS 66 SG ? ? ? 1_555 A CYS 131 SG ? ? A CYS 67 A CYS 132 1_555 ? ? ? ? ? ? ? 2.023 ? ? 
# 
_struct_conn_type.id          disulf 
_struct_conn_type.criteria    ? 
_struct_conn_type.reference   ? 
# 
loop_
_pdbx_modification_feature.ordinal 
_pdbx_modification_feature.label_comp_id 
_pdbx_modification_feature.label_asym_id 
_pdbx_modification_feature.label_seq_id 
_pdbx_modification_feature.label_alt_id 
_pdbx_modification_feature.modified_residue_label_comp_id 
_pdbx_modification_feature.modified_residue_label_asym_id 
_pdbx_modification_feature.modified_residue_label_seq_id 
_pdbx_modification_feature.modified_residue_label_alt_id 
_pdbx_modification_feature.auth_comp_id 
_pdbx_modification_feature.auth_asym_id 
_pdbx_modification_feature.auth_seq_id 
_pdbx_modification_feature.PDB_ins_code 
_pdbx_modification_feature.symmetry 
_pdbx_modification_feature.modified_residue_auth_comp_id 
_pdbx_modification_feature.modified_residue_auth_asym_id 
_pdbx_modification_feature.modified_residue_auth_seq_id 
_pdbx_modification_feature.modified_residue_PDB_ins_code 
_pdbx_modification_feature.modified_residue_symmetry 
_pdbx_modification_feature.comp_id_linking_atom 
_pdbx_modification_feature.modified_residue_id_linking_atom 
_pdbx_modification_feature.modified_residue_id 
_pdbx_modification_feature.ref_pcm_id 
_pdbx_modification_feature.ref_comp_id 
_pdbx_modification_feature.type 
_pdbx_modification_feature.category 
1 CYS A 3  ? CYS A 11  ? CYS A 4  ? 1_555 CYS A 12  ? 1_555 SG SG . . . None 'Disulfide bridge' 
2 CYS A 66 ? CYS A 131 ? CYS A 67 ? 1_555 CYS A 132 ? 1_555 SG SG . . . None 'Disulfide bridge' 
# 
_struct_sheet.id               AA1 
_struct_sheet.type             ? 
_struct_sheet.number_strands   2 
_struct_sheet.details          ? 
# 
_struct_sheet_order.sheet_id     AA1 
_struct_sheet_order.range_id_1   1 
_struct_sheet_order.range_id_2   2 
_struct_sheet_order.offset       ? 
_struct_sheet_order.sense        anti-parallel 
# 
loop_
_struct_sheet_range.sheet_id 
_struct_sheet_range.id 
_struct_sheet_range.beg_label_comp_id 
_struct_sheet_range.beg_label_asym_id 
_struct_sheet_range.beg_label_seq_id 
_struct_sheet_range.pdbx_beg_PDB_ins_code 
_struct_sheet_range.end_label_comp_id 
_struct_sheet_range.end_label_asym_id 
_struct_sheet_range.end_label_seq_id 
_struct_sheet_range.pdbx_end_PDB_ins_code 
_struct_sheet_range.beg_auth_comp_id 
_struct_sheet_range.beg_auth_asym_id 
_struct_sheet_range.beg_auth_seq_id 
_struct_sheet_range.end_auth_comp_id 
_struct_sheet_range.end_auth_asym_id 
_struct_sheet_range.end_auth_seq_id 
AA1 1 CYS A 3  ? PHE A 5  ? CYS A 4  PHE A 6  
AA1 2 GLU A 13 ? THR A 14 ? GLU A 14 THR A 15 
# 
_pdbx_struct_sheet_hbond.sheet_id                AA1 
_pdbx_struct_sheet_hbond.range_id_1              1 
_pdbx_struct_sheet_hbond.range_id_2              2 
_pdbx_struct_sheet_hbond.range_1_label_atom_id   N 
_pdbx_struct_sheet_hbond.range_1_label_comp_id   THR 
_pdbx_struct_sheet_hbond.range_1_label_asym_id   A 
_pdbx_struct_sheet_hbond.range_1_label_seq_id    4 
_pdbx_struct_sheet_hbond.range_1_PDB_ins_code    ? 
_pdbx_struct_sheet_hbond.range_1_auth_atom_id    N 
_pdbx_struct_sheet_hbond.range_1_auth_comp_id    THR 
_pdbx_struct_sheet_hbond.range_1_auth_asym_id    A 
_pdbx_struct_sheet_hbond.range_1_auth_seq_id     5 
_pdbx_struct_sheet_hbond.range_2_label_atom_id   O 
_pdbx_struct_sheet_hbond.range_2_label_comp_id   GLU 
_pdbx_struct_sheet_hbond.range_2_label_asym_id   A 
_pdbx_struct_sheet_hbond.range_2_label_seq_id    13 
_pdbx_struct_sheet_hbond.range_2_PDB_ins_code    ? 
_pdbx_struct_sheet_hbond.range_2_auth_atom_id    O 
_pdbx_struct_sheet_hbond.range_2_auth_comp_id    GLU 
_pdbx_struct_sheet_hbond.range_2_auth_asym_id    A 
_pdbx_struct_sheet_hbond.range_2_auth_seq_id     14 
# 
_pdbx_entry_details.entry_id                   8WTH 
_pdbx_entry_details.compound_details           ? 
_pdbx_entry_details.source_details             ? 
_pdbx_entry_details.nonpolymer_details         ? 
_pdbx_entry_details.sequence_details           ? 
_pdbx_entry_details.has_ligand_of_interest     ? 
_pdbx_entry_details.has_protein_modification   Y 
# 
loop_
_pdbx_validate_torsion.id 
_pdbx_validate_torsion.PDB_model_num 
_pdbx_validate_torsion.auth_comp_id 
_pdbx_validate_torsion.auth_asym_id 
_pdbx_validate_torsion.auth_seq_id 
_pdbx_validate_torsion.PDB_ins_code 
_pdbx_validate_torsion.label_alt_id 
_pdbx_validate_torsion.phi 
_pdbx_validate_torsion.psi 
1 1 GLU A 8   ? ? 71.24   -23.72 
2 1 ASN A 9   ? ? -128.27 -71.60 
3 1 LYS A 10  ? ? -150.14 1.83   
4 1 TYR A 31  ? ? -101.66 -61.37 
5 1 HIS A 111 ? ? -140.36 23.46  
6 1 ASN A 152 ? ? 69.94   -10.97 
7 1 TRP A 153 ? ? 65.86   -11.84 
# 
loop_
_space_group_symop.id 
_space_group_symop.operation_xyz 
1 x,y,z           
2 -x,y,-z         
3 x+1/2,y+1/2,z   
4 -x+1/2,y+1/2,-z 
# 
loop_
_pdbx_unobs_or_zero_occ_residues.id 
_pdbx_unobs_or_zero_occ_residues.PDB_model_num 
_pdbx_unobs_or_zero_occ_residues.polymer_flag 
_pdbx_unobs_or_zero_occ_residues.occupancy_flag 
_pdbx_unobs_or_zero_occ_residues.auth_asym_id 
_pdbx_unobs_or_zero_occ_residues.auth_comp_id 
_pdbx_unobs_or_zero_occ_residues.auth_seq_id 
_pdbx_unobs_or_zero_occ_residues.PDB_ins_code 
_pdbx_unobs_or_zero_occ_residues.label_asym_id 
_pdbx_unobs_or_zero_occ_residues.label_comp_id 
_pdbx_unobs_or_zero_occ_residues.label_seq_id 
1 1 Y 1 A ARG 116 ? A ARG 115 
2 1 Y 1 A GLU 117 ? A GLU 116 
3 1 Y 1 A LYS 118 ? A LYS 117 
# 
loop_
_chem_comp_atom.comp_id 
_chem_comp_atom.atom_id 
_chem_comp_atom.type_symbol 
_chem_comp_atom.pdbx_aromatic_flag 
_chem_comp_atom.pdbx_stereo_config 
_chem_comp_atom.pdbx_ordinal 
ALA N    N N N 1   
ALA CA   C N S 2   
ALA C    C N N 3   
ALA O    O N N 4   
ALA CB   C N N 5   
ALA OXT  O N N 6   
ALA H    H N N 7   
ALA H2   H N N 8   
ALA HA   H N N 9   
ALA HB1  H N N 10  
ALA HB2  H N N 11  
ALA HB3  H N N 12  
ALA HXT  H N N 13  
ARG N    N N N 14  
ARG CA   C N S 15  
ARG C    C N N 16  
ARG O    O N N 17  
ARG CB   C N N 18  
ARG CG   C N N 19  
ARG CD   C N N 20  
ARG NE   N N N 21  
ARG CZ   C N N 22  
ARG NH1  N N N 23  
ARG NH2  N N N 24  
ARG OXT  O N N 25  
ARG H    H N N 26  
ARG H2   H N N 27  
ARG HA   H N N 28  
ARG HB2  H N N 29  
ARG HB3  H N N 30  
ARG HG2  H N N 31  
ARG HG3  H N N 32  
ARG HD2  H N N 33  
ARG HD3  H N N 34  
ARG HE   H N N 35  
ARG HH11 H N N 36  
ARG HH12 H N N 37  
ARG HH21 H N N 38  
ARG HH22 H N N 39  
ARG HXT  H N N 40  
ASN N    N N N 41  
ASN CA   C N S 42  
ASN C    C N N 43  
ASN O    O N N 44  
ASN CB   C N N 45  
ASN CG   C N N 46  
ASN OD1  O N N 47  
ASN ND2  N N N 48  
ASN OXT  O N N 49  
ASN H    H N N 50  
ASN H2   H N N 51  
ASN HA   H N N 52  
ASN HB2  H N N 53  
ASN HB3  H N N 54  
ASN HD21 H N N 55  
ASN HD22 H N N 56  
ASN HXT  H N N 57  
ASP N    N N N 58  
ASP CA   C N S 59  
ASP C    C N N 60  
ASP O    O N N 61  
ASP CB   C N N 62  
ASP CG   C N N 63  
ASP OD1  O N N 64  
ASP OD2  O N N 65  
ASP OXT  O N N 66  
ASP H    H N N 67  
ASP H2   H N N 68  
ASP HA   H N N 69  
ASP HB2  H N N 70  
ASP HB3  H N N 71  
ASP HD2  H N N 72  
ASP HXT  H N N 73  
CYS N    N N N 74  
CYS CA   C N R 75  
CYS C    C N N 76  
CYS O    O N N 77  
CYS CB   C N N 78  
CYS SG   S N N 79  
CYS OXT  O N N 80  
CYS H    H N N 81  
CYS H2   H N N 82  
CYS HA   H N N 83  
CYS HB2  H N N 84  
CYS HB3  H N N 85  
CYS HG   H N N 86  
CYS HXT  H N N 87  
GLN N    N N N 88  
GLN CA   C N S 89  
GLN C    C N N 90  
GLN O    O N N 91  
GLN CB   C N N 92  
GLN CG   C N N 93  
GLN CD   C N N 94  
GLN OE1  O N N 95  
GLN NE2  N N N 96  
GLN OXT  O N N 97  
GLN H    H N N 98  
GLN H2   H N N 99  
GLN HA   H N N 100 
GLN HB2  H N N 101 
GLN HB3  H N N 102 
GLN HG2  H N N 103 
GLN HG3  H N N 104 
GLN HE21 H N N 105 
GLN HE22 H N N 106 
GLN HXT  H N N 107 
GLU N    N N N 108 
GLU CA   C N S 109 
GLU C    C N N 110 
GLU O    O N N 111 
GLU CB   C N N 112 
GLU CG   C N N 113 
GLU CD   C N N 114 
GLU OE1  O N N 115 
GLU OE2  O N N 116 
GLU OXT  O N N 117 
GLU H    H N N 118 
GLU H2   H N N 119 
GLU HA   H N N 120 
GLU HB2  H N N 121 
GLU HB3  H N N 122 
GLU HG2  H N N 123 
GLU HG3  H N N 124 
GLU HE2  H N N 125 
GLU HXT  H N N 126 
GLY N    N N N 127 
GLY CA   C N N 128 
GLY C    C N N 129 
GLY O    O N N 130 
GLY OXT  O N N 131 
GLY H    H N N 132 
GLY H2   H N N 133 
GLY HA2  H N N 134 
GLY HA3  H N N 135 
GLY HXT  H N N 136 
HIS N    N N N 137 
HIS CA   C N S 138 
HIS C    C N N 139 
HIS O    O N N 140 
HIS CB   C N N 141 
HIS CG   C Y N 142 
HIS ND1  N Y N 143 
HIS CD2  C Y N 144 
HIS CE1  C Y N 145 
HIS NE2  N Y N 146 
HIS OXT  O N N 147 
HIS H    H N N 148 
HIS H2   H N N 149 
HIS HA   H N N 150 
HIS HB2  H N N 151 
HIS HB3  H N N 152 
HIS HD1  H N N 153 
HIS HD2  H N N 154 
HIS HE1  H N N 155 
HIS HE2  H N N 156 
HIS HXT  H N N 157 
ILE N    N N N 158 
ILE CA   C N S 159 
ILE C    C N N 160 
ILE O    O N N 161 
ILE CB   C N S 162 
ILE CG1  C N N 163 
ILE CG2  C N N 164 
ILE CD1  C N N 165 
ILE OXT  O N N 166 
ILE H    H N N 167 
ILE H2   H N N 168 
ILE HA   H N N 169 
ILE HB   H N N 170 
ILE HG12 H N N 171 
ILE HG13 H N N 172 
ILE HG21 H N N 173 
ILE HG22 H N N 174 
ILE HG23 H N N 175 
ILE HD11 H N N 176 
ILE HD12 H N N 177 
ILE HD13 H N N 178 
ILE HXT  H N N 179 
LEU N    N N N 180 
LEU CA   C N S 181 
LEU C    C N N 182 
LEU O    O N N 183 
LEU CB   C N N 184 
LEU CG   C N N 185 
LEU CD1  C N N 186 
LEU CD2  C N N 187 
LEU OXT  O N N 188 
LEU H    H N N 189 
LEU H2   H N N 190 
LEU HA   H N N 191 
LEU HB2  H N N 192 
LEU HB3  H N N 193 
LEU HG   H N N 194 
LEU HD11 H N N 195 
LEU HD12 H N N 196 
LEU HD13 H N N 197 
LEU HD21 H N N 198 
LEU HD22 H N N 199 
LEU HD23 H N N 200 
LEU HXT  H N N 201 
LYS N    N N N 202 
LYS CA   C N S 203 
LYS C    C N N 204 
LYS O    O N N 205 
LYS CB   C N N 206 
LYS CG   C N N 207 
LYS CD   C N N 208 
LYS CE   C N N 209 
LYS NZ   N N N 210 
LYS OXT  O N N 211 
LYS H    H N N 212 
LYS H2   H N N 213 
LYS HA   H N N 214 
LYS HB2  H N N 215 
LYS HB3  H N N 216 
LYS HG2  H N N 217 
LYS HG3  H N N 218 
LYS HD2  H N N 219 
LYS HD3  H N N 220 
LYS HE2  H N N 221 
LYS HE3  H N N 222 
LYS HZ1  H N N 223 
LYS HZ2  H N N 224 
LYS HZ3  H N N 225 
LYS HXT  H N N 226 
MET N    N N N 227 
MET CA   C N S 228 
MET C    C N N 229 
MET O    O N N 230 
MET CB   C N N 231 
MET CG   C N N 232 
MET SD   S N N 233 
MET CE   C N N 234 
MET OXT  O N N 235 
MET H    H N N 236 
MET H2   H N N 237 
MET HA   H N N 238 
MET HB2  H N N 239 
MET HB3  H N N 240 
MET HG2  H N N 241 
MET HG3  H N N 242 
MET HE1  H N N 243 
MET HE2  H N N 244 
MET HE3  H N N 245 
MET HXT  H N N 246 
PHE N    N N N 247 
PHE CA   C N S 248 
PHE C    C N N 249 
PHE O    O N N 250 
PHE CB   C N N 251 
PHE CG   C Y N 252 
PHE CD1  C Y N 253 
PHE CD2  C Y N 254 
PHE CE1  C Y N 255 
PHE CE2  C Y N 256 
PHE CZ   C Y N 257 
PHE OXT  O N N 258 
PHE H    H N N 259 
PHE H2   H N N 260 
PHE HA   H N N 261 
PHE HB2  H N N 262 
PHE HB3  H N N 263 
PHE HD1  H N N 264 
PHE HD2  H N N 265 
PHE HE1  H N N 266 
PHE HE2  H N N 267 
PHE HZ   H N N 268 
PHE HXT  H N N 269 
PRO N    N N N 270 
PRO CA   C N S 271 
PRO C    C N N 272 
PRO O    O N N 273 
PRO CB   C N N 274 
PRO CG   C N N 275 
PRO CD   C N N 276 
PRO OXT  O N N 277 
PRO H    H N N 278 
PRO HA   H N N 279 
PRO HB2  H N N 280 
PRO HB3  H N N 281 
PRO HG2  H N N 282 
PRO HG3  H N N 283 
PRO HD2  H N N 284 
PRO HD3  H N N 285 
PRO HXT  H N N 286 
SER N    N N N 287 
SER CA   C N S 288 
SER C    C N N 289 
SER O    O N N 290 
SER CB   C N N 291 
SER OG   O N N 292 
SER OXT  O N N 293 
SER H    H N N 294 
SER H2   H N N 295 
SER HA   H N N 296 
SER HB2  H N N 297 
SER HB3  H N N 298 
SER HG   H N N 299 
SER HXT  H N N 300 
THR N    N N N 301 
THR CA   C N S 302 
THR C    C N N 303 
THR O    O N N 304 
THR CB   C N R 305 
THR OG1  O N N 306 
THR CG2  C N N 307 
THR OXT  O N N 308 
THR H    H N N 309 
THR H2   H N N 310 
THR HA   H N N 311 
THR HB   H N N 312 
THR HG1  H N N 313 
THR HG21 H N N 314 
THR HG22 H N N 315 
THR HG23 H N N 316 
THR HXT  H N N 317 
TRP N    N N N 318 
TRP CA   C N S 319 
TRP C    C N N 320 
TRP O    O N N 321 
TRP CB   C N N 322 
TRP CG   C Y N 323 
TRP CD1  C Y N 324 
TRP CD2  C Y N 325 
TRP NE1  N Y N 326 
TRP CE2  C Y N 327 
TRP CE3  C Y N 328 
TRP CZ2  C Y N 329 
TRP CZ3  C Y N 330 
TRP CH2  C Y N 331 
TRP OXT  O N N 332 
TRP H    H N N 333 
TRP H2   H N N 334 
TRP HA   H N N 335 
TRP HB2  H N N 336 
TRP HB3  H N N 337 
TRP HD1  H N N 338 
TRP HE1  H N N 339 
TRP HE3  H N N 340 
TRP HZ2  H N N 341 
TRP HZ3  H N N 342 
TRP HH2  H N N 343 
TRP HXT  H N N 344 
TYR N    N N N 345 
TYR CA   C N S 346 
TYR C    C N N 347 
TYR O    O N N 348 
TYR CB   C N N 349 
TYR CG   C Y N 350 
TYR CD1  C Y N 351 
TYR CD2  C Y N 352 
TYR CE1  C Y N 353 
TYR CE2  C Y N 354 
TYR CZ   C Y N 355 
TYR OH   O N N 356 
TYR OXT  O N N 357 
TYR H    H N N 358 
TYR H2   H N N 359 
TYR HA   H N N 360 
TYR HB2  H N N 361 
TYR HB3  H N N 362 
TYR HD1  H N N 363 
TYR HD2  H N N 364 
TYR HE1  H N N 365 
TYR HE2  H N N 366 
TYR HH   H N N 367 
TYR HXT  H N N 368 
VAL N    N N N 369 
VAL CA   C N S 370 
VAL C    C N N 371 
VAL O    O N N 372 
VAL CB   C N N 373 
VAL CG1  C N N 374 
VAL CG2  C N N 375 
VAL OXT  O N N 376 
VAL H    H N N 377 
VAL H2   H N N 378 
VAL HA   H N N 379 
VAL HB   H N N 380 
VAL HG11 H N N 381 
VAL HG12 H N N 382 
VAL HG13 H N N 383 
VAL HG21 H N N 384 
VAL HG22 H N N 385 
VAL HG23 H N N 386 
VAL HXT  H N N 387 
# 
loop_
_chem_comp_bond.comp_id 
_chem_comp_bond.atom_id_1 
_chem_comp_bond.atom_id_2 
_chem_comp_bond.value_order 
_chem_comp_bond.pdbx_aromatic_flag 
_chem_comp_bond.pdbx_stereo_config 
_chem_comp_bond.pdbx_ordinal 
ALA N   CA   sing N N 1   
ALA N   H    sing N N 2   
ALA N   H2   sing N N 3   
ALA CA  C    sing N N 4   
ALA CA  CB   sing N N 5   
ALA CA  HA   sing N N 6   
ALA C   O    doub N N 7   
ALA C   OXT  sing N N 8   
ALA CB  HB1  sing N N 9   
ALA CB  HB2  sing N N 10  
ALA CB  HB3  sing N N 11  
ALA OXT HXT  sing N N 12  
ARG N   CA   sing N N 13  
ARG N   H    sing N N 14  
ARG N   H2   sing N N 15  
ARG CA  C    sing N N 16  
ARG CA  CB   sing N N 17  
ARG CA  HA   sing N N 18  
ARG C   O    doub N N 19  
ARG C   OXT  sing N N 20  
ARG CB  CG   sing N N 21  
ARG CB  HB2  sing N N 22  
ARG CB  HB3  sing N N 23  
ARG CG  CD   sing N N 24  
ARG CG  HG2  sing N N 25  
ARG CG  HG3  sing N N 26  
ARG CD  NE   sing N N 27  
ARG CD  HD2  sing N N 28  
ARG CD  HD3  sing N N 29  
ARG NE  CZ   sing N N 30  
ARG NE  HE   sing N N 31  
ARG CZ  NH1  sing N N 32  
ARG CZ  NH2  doub N N 33  
ARG NH1 HH11 sing N N 34  
ARG NH1 HH12 sing N N 35  
ARG NH2 HH21 sing N N 36  
ARG NH2 HH22 sing N N 37  
ARG OXT HXT  sing N N 38  
ASN N   CA   sing N N 39  
ASN N   H    sing N N 40  
ASN N   H2   sing N N 41  
ASN CA  C    sing N N 42  
ASN CA  CB   sing N N 43  
ASN CA  HA   sing N N 44  
ASN C   O    doub N N 45  
ASN C   OXT  sing N N 46  
ASN CB  CG   sing N N 47  
ASN CB  HB2  sing N N 48  
ASN CB  HB3  sing N N 49  
ASN CG  OD1  doub N N 50  
ASN CG  ND2  sing N N 51  
ASN ND2 HD21 sing N N 52  
ASN ND2 HD22 sing N N 53  
ASN OXT HXT  sing N N 54  
ASP N   CA   sing N N 55  
ASP N   H    sing N N 56  
ASP N   H2   sing N N 57  
ASP CA  C    sing N N 58  
ASP CA  CB   sing N N 59  
ASP CA  HA   sing N N 60  
ASP C   O    doub N N 61  
ASP C   OXT  sing N N 62  
ASP CB  CG   sing N N 63  
ASP CB  HB2  sing N N 64  
ASP CB  HB3  sing N N 65  
ASP CG  OD1  doub N N 66  
ASP CG  OD2  sing N N 67  
ASP OD2 HD2  sing N N 68  
ASP OXT HXT  sing N N 69  
CYS N   CA   sing N N 70  
CYS N   H    sing N N 71  
CYS N   H2   sing N N 72  
CYS CA  C    sing N N 73  
CYS CA  CB   sing N N 74  
CYS CA  HA   sing N N 75  
CYS C   O    doub N N 76  
CYS C   OXT  sing N N 77  
CYS CB  SG   sing N N 78  
CYS CB  HB2  sing N N 79  
CYS CB  HB3  sing N N 80  
CYS SG  HG   sing N N 81  
CYS OXT HXT  sing N N 82  
GLN N   CA   sing N N 83  
GLN N   H    sing N N 84  
GLN N   H2   sing N N 85  
GLN CA  C    sing N N 86  
GLN CA  CB   sing N N 87  
GLN CA  HA   sing N N 88  
GLN C   O    doub N N 89  
GLN C   OXT  sing N N 90  
GLN CB  CG   sing N N 91  
GLN CB  HB2  sing N N 92  
GLN CB  HB3  sing N N 93  
GLN CG  CD   sing N N 94  
GLN CG  HG2  sing N N 95  
GLN CG  HG3  sing N N 96  
GLN CD  OE1  doub N N 97  
GLN CD  NE2  sing N N 98  
GLN NE2 HE21 sing N N 99  
GLN NE2 HE22 sing N N 100 
GLN OXT HXT  sing N N 101 
GLU N   CA   sing N N 102 
GLU N   H    sing N N 103 
GLU N   H2   sing N N 104 
GLU CA  C    sing N N 105 
GLU CA  CB   sing N N 106 
GLU CA  HA   sing N N 107 
GLU C   O    doub N N 108 
GLU C   OXT  sing N N 109 
GLU CB  CG   sing N N 110 
GLU CB  HB2  sing N N 111 
GLU CB  HB3  sing N N 112 
GLU CG  CD   sing N N 113 
GLU CG  HG2  sing N N 114 
GLU CG  HG3  sing N N 115 
GLU CD  OE1  doub N N 116 
GLU CD  OE2  sing N N 117 
GLU OE2 HE2  sing N N 118 
GLU OXT HXT  sing N N 119 
GLY N   CA   sing N N 120 
GLY N   H    sing N N 121 
GLY N   H2   sing N N 122 
GLY CA  C    sing N N 123 
GLY CA  HA2  sing N N 124 
GLY CA  HA3  sing N N 125 
GLY C   O    doub N N 126 
GLY C   OXT  sing N N 127 
GLY OXT HXT  sing N N 128 
HIS N   CA   sing N N 129 
HIS N   H    sing N N 130 
HIS N   H2   sing N N 131 
HIS CA  C    sing N N 132 
HIS CA  CB   sing N N 133 
HIS CA  HA   sing N N 134 
HIS C   O    doub N N 135 
HIS C   OXT  sing N N 136 
HIS CB  CG   sing N N 137 
HIS CB  HB2  sing N N 138 
HIS CB  HB3  sing N N 139 
HIS CG  ND1  sing Y N 140 
HIS CG  CD2  doub Y N 141 
HIS ND1 CE1  doub Y N 142 
HIS ND1 HD1  sing N N 143 
HIS CD2 NE2  sing Y N 144 
HIS CD2 HD2  sing N N 145 
HIS CE1 NE2  sing Y N 146 
HIS CE1 HE1  sing N N 147 
HIS NE2 HE2  sing N N 148 
HIS OXT HXT  sing N N 149 
ILE N   CA   sing N N 150 
ILE N   H    sing N N 151 
ILE N   H2   sing N N 152 
ILE CA  C    sing N N 153 
ILE CA  CB   sing N N 154 
ILE CA  HA   sing N N 155 
ILE C   O    doub N N 156 
ILE C   OXT  sing N N 157 
ILE CB  CG1  sing N N 158 
ILE CB  CG2  sing N N 159 
ILE CB  HB   sing N N 160 
ILE CG1 CD1  sing N N 161 
ILE CG1 HG12 sing N N 162 
ILE CG1 HG13 sing N N 163 
ILE CG2 HG21 sing N N 164 
ILE CG2 HG22 sing N N 165 
ILE CG2 HG23 sing N N 166 
ILE CD1 HD11 sing N N 167 
ILE CD1 HD12 sing N N 168 
ILE CD1 HD13 sing N N 169 
ILE OXT HXT  sing N N 170 
LEU N   CA   sing N N 171 
LEU N   H    sing N N 172 
LEU N   H2   sing N N 173 
LEU CA  C    sing N N 174 
LEU CA  CB   sing N N 175 
LEU CA  HA   sing N N 176 
LEU C   O    doub N N 177 
LEU C   OXT  sing N N 178 
LEU CB  CG   sing N N 179 
LEU CB  HB2  sing N N 180 
LEU CB  HB3  sing N N 181 
LEU CG  CD1  sing N N 182 
LEU CG  CD2  sing N N 183 
LEU CG  HG   sing N N 184 
LEU CD1 HD11 sing N N 185 
LEU CD1 HD12 sing N N 186 
LEU CD1 HD13 sing N N 187 
LEU CD2 HD21 sing N N 188 
LEU CD2 HD22 sing N N 189 
LEU CD2 HD23 sing N N 190 
LEU OXT HXT  sing N N 191 
LYS N   CA   sing N N 192 
LYS N   H    sing N N 193 
LYS N   H2   sing N N 194 
LYS CA  C    sing N N 195 
LYS CA  CB   sing N N 196 
LYS CA  HA   sing N N 197 
LYS C   O    doub N N 198 
LYS C   OXT  sing N N 199 
LYS CB  CG   sing N N 200 
LYS CB  HB2  sing N N 201 
LYS CB  HB3  sing N N 202 
LYS CG  CD   sing N N 203 
LYS CG  HG2  sing N N 204 
LYS CG  HG3  sing N N 205 
LYS CD  CE   sing N N 206 
LYS CD  HD2  sing N N 207 
LYS CD  HD3  sing N N 208 
LYS CE  NZ   sing N N 209 
LYS CE  HE2  sing N N 210 
LYS CE  HE3  sing N N 211 
LYS NZ  HZ1  sing N N 212 
LYS NZ  HZ2  sing N N 213 
LYS NZ  HZ3  sing N N 214 
LYS OXT HXT  sing N N 215 
MET N   CA   sing N N 216 
MET N   H    sing N N 217 
MET N   H2   sing N N 218 
MET CA  C    sing N N 219 
MET CA  CB   sing N N 220 
MET CA  HA   sing N N 221 
MET C   O    doub N N 222 
MET C   OXT  sing N N 223 
MET CB  CG   sing N N 224 
MET CB  HB2  sing N N 225 
MET CB  HB3  sing N N 226 
MET CG  SD   sing N N 227 
MET CG  HG2  sing N N 228 
MET CG  HG3  sing N N 229 
MET SD  CE   sing N N 230 
MET CE  HE1  sing N N 231 
MET CE  HE2  sing N N 232 
MET CE  HE3  sing N N 233 
MET OXT HXT  sing N N 234 
PHE N   CA   sing N N 235 
PHE N   H    sing N N 236 
PHE N   H2   sing N N 237 
PHE CA  C    sing N N 238 
PHE CA  CB   sing N N 239 
PHE CA  HA   sing N N 240 
PHE C   O    doub N N 241 
PHE C   OXT  sing N N 242 
PHE CB  CG   sing N N 243 
PHE CB  HB2  sing N N 244 
PHE CB  HB3  sing N N 245 
PHE CG  CD1  doub Y N 246 
PHE CG  CD2  sing Y N 247 
PHE CD1 CE1  sing Y N 248 
PHE CD1 HD1  sing N N 249 
PHE CD2 CE2  doub Y N 250 
PHE CD2 HD2  sing N N 251 
PHE CE1 CZ   doub Y N 252 
PHE CE1 HE1  sing N N 253 
PHE CE2 CZ   sing Y N 254 
PHE CE2 HE2  sing N N 255 
PHE CZ  HZ   sing N N 256 
PHE OXT HXT  sing N N 257 
PRO N   CA   sing N N 258 
PRO N   CD   sing N N 259 
PRO N   H    sing N N 260 
PRO CA  C    sing N N 261 
PRO CA  CB   sing N N 262 
PRO CA  HA   sing N N 263 
PRO C   O    doub N N 264 
PRO C   OXT  sing N N 265 
PRO CB  CG   sing N N 266 
PRO CB  HB2  sing N N 267 
PRO CB  HB3  sing N N 268 
PRO CG  CD   sing N N 269 
PRO CG  HG2  sing N N 270 
PRO CG  HG3  sing N N 271 
PRO CD  HD2  sing N N 272 
PRO CD  HD3  sing N N 273 
PRO OXT HXT  sing N N 274 
SER N   CA   sing N N 275 
SER N   H    sing N N 276 
SER N   H2   sing N N 277 
SER CA  C    sing N N 278 
SER CA  CB   sing N N 279 
SER CA  HA   sing N N 280 
SER C   O    doub N N 281 
SER C   OXT  sing N N 282 
SER CB  OG   sing N N 283 
SER CB  HB2  sing N N 284 
SER CB  HB3  sing N N 285 
SER OG  HG   sing N N 286 
SER OXT HXT  sing N N 287 
THR N   CA   sing N N 288 
THR N   H    sing N N 289 
THR N   H2   sing N N 290 
THR CA  C    sing N N 291 
THR CA  CB   sing N N 292 
THR CA  HA   sing N N 293 
THR C   O    doub N N 294 
THR C   OXT  sing N N 295 
THR CB  OG1  sing N N 296 
THR CB  CG2  sing N N 297 
THR CB  HB   sing N N 298 
THR OG1 HG1  sing N N 299 
THR CG2 HG21 sing N N 300 
THR CG2 HG22 sing N N 301 
THR CG2 HG23 sing N N 302 
THR OXT HXT  sing N N 303 
TRP N   CA   sing N N 304 
TRP N   H    sing N N 305 
TRP N   H2   sing N N 306 
TRP CA  C    sing N N 307 
TRP CA  CB   sing N N 308 
TRP CA  HA   sing N N 309 
TRP C   O    doub N N 310 
TRP C   OXT  sing N N 311 
TRP CB  CG   sing N N 312 
TRP CB  HB2  sing N N 313 
TRP CB  HB3  sing N N 314 
TRP CG  CD1  doub Y N 315 
TRP CG  CD2  sing Y N 316 
TRP CD1 NE1  sing Y N 317 
TRP CD1 HD1  sing N N 318 
TRP CD2 CE2  doub Y N 319 
TRP CD2 CE3  sing Y N 320 
TRP NE1 CE2  sing Y N 321 
TRP NE1 HE1  sing N N 322 
TRP CE2 CZ2  sing Y N 323 
TRP CE3 CZ3  doub Y N 324 
TRP CE3 HE3  sing N N 325 
TRP CZ2 CH2  doub Y N 326 
TRP CZ2 HZ2  sing N N 327 
TRP CZ3 CH2  sing Y N 328 
TRP CZ3 HZ3  sing N N 329 
TRP CH2 HH2  sing N N 330 
TRP OXT HXT  sing N N 331 
TYR N   CA   sing N N 332 
TYR N   H    sing N N 333 
TYR N   H2   sing N N 334 
TYR CA  C    sing N N 335 
TYR CA  CB   sing N N 336 
TYR CA  HA   sing N N 337 
TYR C   O    doub N N 338 
TYR C   OXT  sing N N 339 
TYR CB  CG   sing N N 340 
TYR CB  HB2  sing N N 341 
TYR CB  HB3  sing N N 342 
TYR CG  CD1  doub Y N 343 
TYR CG  CD2  sing Y N 344 
TYR CD1 CE1  sing Y N 345 
TYR CD1 HD1  sing N N 346 
TYR CD2 CE2  doub Y N 347 
TYR CD2 HD2  sing N N 348 
TYR CE1 CZ   doub Y N 349 
TYR CE1 HE1  sing N N 350 
TYR CE2 CZ   sing Y N 351 
TYR CE2 HE2  sing N N 352 
TYR CZ  OH   sing N N 353 
TYR OH  HH   sing N N 354 
TYR OXT HXT  sing N N 355 
VAL N   CA   sing N N 356 
VAL N   H    sing N N 357 
VAL N   H2   sing N N 358 
VAL CA  C    sing N N 359 
VAL CA  CB   sing N N 360 
VAL CA  HA   sing N N 361 
VAL C   O    doub N N 362 
VAL C   OXT  sing N N 363 
VAL CB  CG1  sing N N 364 
VAL CB  CG2  sing N N 365 
VAL CB  HB   sing N N 366 
VAL CG1 HG11 sing N N 367 
VAL CG1 HG12 sing N N 368 
VAL CG1 HG13 sing N N 369 
VAL CG2 HG21 sing N N 370 
VAL CG2 HG22 sing N N 371 
VAL CG2 HG23 sing N N 372 
VAL OXT HXT  sing N N 373 
# 
_pdbx_audit_support.funding_organization   'National Natural Science Foundation of China (NSFC)' 
_pdbx_audit_support.country                China 
_pdbx_audit_support.grant_number           32071476 
_pdbx_audit_support.ordinal                1 
# 
_pdbx_initial_refinement_model.id               1 
_pdbx_initial_refinement_model.entity_id_list   ? 
_pdbx_initial_refinement_model.type             'in silico model' 
_pdbx_initial_refinement_model.source_name      AlphaFold 
_pdbx_initial_refinement_model.accession_code   A0A832SZ16_icn3d.pdb 
_pdbx_initial_refinement_model.details          'with the exclusion of the low pLDDT segment as the search model' 
# 
_space_group.name_H-M_alt     'C 1 2 1' 
_space_group.name_Hall        'C 2y' 
_space_group.IT_number        5 
_space_group.crystal_system   monoclinic 
_space_group.id               1 
# 
_atom_sites.entry_id                    8WTH 
_atom_sites.Cartn_transf_matrix[1][1]   ? 
_atom_sites.Cartn_transf_matrix[1][2]   ? 
_atom_sites.Cartn_transf_matrix[1][3]   ? 
_atom_sites.Cartn_transf_matrix[2][1]   ? 
_atom_sites.Cartn_transf_matrix[2][2]   ? 
_atom_sites.Cartn_transf_matrix[2][3]   ? 
_atom_sites.Cartn_transf_matrix[3][1]   ? 
_atom_sites.Cartn_transf_matrix[3][2]   ? 
_atom_sites.Cartn_transf_matrix[3][3]   ? 
_atom_sites.Cartn_transf_vector[1]      ? 
_atom_sites.Cartn_transf_vector[2]      ? 
_atom_sites.Cartn_transf_vector[3]      ? 
_atom_sites.Cartn_transform_axes        ? 
_atom_sites.fract_transf_matrix[1][1]   0.00763131 
_atom_sites.fract_transf_matrix[1][2]   -0.00396175 
_atom_sites.fract_transf_matrix[1][3]   0.00260626 
_atom_sites.fract_transf_matrix[2][1]   0.00623509 
_atom_sites.fract_transf_matrix[2][2]   -0.00308463 
_atom_sites.fract_transf_matrix[2][3]   -0.02294570 
_atom_sites.fract_transf_matrix[3][1]   0.01233810 
_atom_sites.fract_transf_matrix[3][2]   0.01707662 
_atom_sites.fract_transf_matrix[3][3]   0.00105702 
_atom_sites.fract_transf_vector[1]      0.197004 
_atom_sites.fract_transf_vector[2]      -0.009613 
_atom_sites.fract_transf_vector[3]      0.220400 
_atom_sites.solution_primary            ? 
_atom_sites.solution_secondary          ? 
_atom_sites.solution_hydrogens          ? 
_atom_sites.special_details             ? 
# 
loop_
_atom_type.symbol 
_atom_type.scat_dispersion_real 
_atom_type.scat_dispersion_imag 
_atom_type.scat_Cromer_Mann_a1 
_atom_type.scat_Cromer_Mann_a2 
_atom_type.scat_Cromer_Mann_a3 
_atom_type.scat_Cromer_Mann_a4 
_atom_type.scat_Cromer_Mann_b1 
_atom_type.scat_Cromer_Mann_b2 
_atom_type.scat_Cromer_Mann_b3 
_atom_type.scat_Cromer_Mann_b4 
_atom_type.scat_Cromer_Mann_c 
_atom_type.scat_source 
_atom_type.scat_dispersion_source 
C ? ? 5.96793  ? ? ? 14.89577 ? ? ? 0.0 
;1-Gaussian fit: Grosse-Kunstleve RW, Sauter NK, Adams PD: Newsletter of the IUCr Commission on Crystallographic Computing 2004, 3, 22-31.
;
? 
N ? ? 6.96715  ? ? ? 11.43723 ? ? ? 0.0 
;1-Gaussian fit: Grosse-Kunstleve RW, Sauter NK, Adams PD: Newsletter of the IUCr Commission on Crystallographic Computing 2004, 3, 22-31.
;
? 
O ? ? 7.96527  ? ? ? 9.05267  ? ? ? 0.0 
;1-Gaussian fit: Grosse-Kunstleve RW, Sauter NK, Adams PD: Newsletter of the IUCr Commission on Crystallographic Computing 2004, 3, 22-31.
;
? 
S ? ? 15.91112 ? ? ? 10.84690 ? ? ? 0.0 
;1-Gaussian fit: Grosse-Kunstleve RW, Sauter NK, Adams PD: Newsletter of the IUCr Commission on Crystallographic Computing 2004, 3, 22-31.
;
? 
# 
loop_
_atom_site.group_PDB 
_atom_site.id 
_atom_site.type_symbol 
_atom_site.label_atom_id 
_atom_site.label_alt_id 
_atom_site.label_comp_id 
_atom_site.label_asym_id 
_atom_site.label_entity_id 
_atom_site.label_seq_id 
_atom_site.pdbx_PDB_ins_code 
_atom_site.Cartn_x 
_atom_site.Cartn_y 
_atom_site.Cartn_z 
_atom_site.occupancy 
_atom_site.B_iso_or_equiv 
_atom_site.pdbx_formal_charge 
_atom_site.auth_seq_id 
_atom_site.auth_comp_id 
_atom_site.auth_asym_id 
_atom_site.auth_atom_id 
_atom_site.pdbx_PDB_model_num 
ATOM 1    N N   . MET A 1 1   ? -14.00872 -0.68947  -14.93892 1.000 44.99771 ? 2   MET A N   1 
ATOM 2    C CA  . MET A 1 1   ? -12.59396 -0.75753  -14.59622 1.000 44.88674 ? 2   MET A CA  1 
ATOM 3    C C   . MET A 1 1   ? -12.33778 -0.16092  -13.21434 1.000 44.49512 ? 2   MET A C   1 
ATOM 4    O O   . MET A 1 1   ? -13.03565 0.75656   -12.78245 1.000 44.24413 ? 2   MET A O   1 
ATOM 5    C CB  . MET A 1 1   ? -11.74900 -0.03652  -15.65234 1.000 44.65442 ? 2   MET A CB  1 
ATOM 6    C CG  . MET A 1 1   ? -12.15812 1.40809   -15.91398 1.000 45.23509 ? 2   MET A CG  1 
ATOM 7    S SD  . MET A 1 1   ? -13.83678 1.57535   -16.56133 1.000 47.32310 ? 2   MET A SD  1 
ATOM 8    C CE  . MET A 1 1   ? -13.70167 0.68578   -18.11124 1.000 46.15481 ? 2   MET A CE  1 
ATOM 9    N N   . VAL A 1 2   ? -11.34086 -0.69973  -12.52046 1.000 44.18654 ? 3   VAL A N   1 
ATOM 10   C CA  . VAL A 1 2   ? -10.95601 -0.21781  -11.19912 1.000 43.64341 ? 3   VAL A CA  1 
ATOM 11   C C   . VAL A 1 2   ? -9.99424  0.94853   -11.37025 1.000 43.05541 ? 3   VAL A C   1 
ATOM 12   O O   . VAL A 1 2   ? -8.98803  0.83672   -12.08117 1.000 42.75257 ? 3   VAL A O   1 
ATOM 13   C CB  . VAL A 1 2   ? -10.32442 -1.34483  -10.36816 1.000 43.73591 ? 3   VAL A CB  1 
ATOM 14   C CG1 . VAL A 1 2   ? -9.90063  -0.82494  -9.00051  1.000 43.20949 ? 3   VAL A CG1 1 
ATOM 15   C CG2 . VAL A 1 2   ? -11.30863 -2.49566  -10.23473 1.000 44.31083 ? 3   VAL A CG2 1 
ATOM 16   N N   . CYS A 1 3   ? -10.29329 2.06421   -10.70933 1.000 42.78248 ? 4   CYS A N   1 
ATOM 17   C CA  . CYS A 1 3   ? -9.62540  3.32527   -10.97980 1.000 42.77947 ? 4   CYS A CA  1 
ATOM 18   C C   . CYS A 1 3   ? -8.82481  3.79798   -9.77134  1.000 42.45742 ? 4   CYS A C   1 
ATOM 19   O O   . CYS A 1 3   ? -8.98968  3.30734   -8.65078  1.000 42.36794 ? 4   CYS A O   1 
ATOM 20   C CB  . CYS A 1 3   ? -10.64384 4.39624   -11.38050 1.000 42.79626 ? 4   CYS A CB  1 
ATOM 21   S SG  . CYS A 1 3   ? -10.04377 5.55457   -12.61001 1.000 43.19445 ? 4   CYS A SG  1 
ATOM 22   N N   . THR A 1 4   ? -7.95163  4.77201   -10.02544 1.000 42.15394 ? 5   THR A N   1 
ATOM 23   C CA  . THR A 1 4   ? -7.12233  5.40825   -9.01166  1.000 41.78258 ? 5   THR A CA  1 
ATOM 24   C C   . THR A 1 4   ? -7.31653  6.92024   -8.96549  1.000 42.00025 ? 5   THR A C   1 
ATOM 25   O O   . THR A 1 4   ? -7.14760  7.52593   -7.90384  1.000 41.90741 ? 5   THR A O   1 
ATOM 26   C CB  . THR A 1 4   ? -5.63648  5.06952   -9.26983  1.000 41.28145 ? 5   THR A CB  1 
ATOM 27   O OG1 . THR A 1 4   ? -5.51379  3.66797   -9.53975  1.000 41.29955 ? 5   THR A OG1 1 
ATOM 28   C CG2 . THR A 1 4   ? -4.75695  5.38185   -8.06319  1.000 40.96116 ? 5   THR A CG2 1 
ATOM 29   N N   . PHE A 1 5   ? -7.71596  7.53738   -10.07639 1.000 42.10355 ? 6   PHE A N   1 
ATOM 30   C CA  . PHE A 1 5   ? -7.93630  8.97623   -10.13357 1.000 42.22146 ? 6   PHE A CA  1 
ATOM 31   C C   . PHE A 1 5   ? -9.08226  9.25086   -11.09595 1.000 42.68164 ? 6   PHE A C   1 
ATOM 32   O O   . PHE A 1 5   ? -9.11102  8.69505   -12.19744 1.000 42.95713 ? 6   PHE A O   1 
ATOM 33   C CB  . PHE A 1 5   ? -6.66269  9.70296   -10.57922 1.000 41.82598 ? 6   PHE A CB  1 
ATOM 34   C CG  . PHE A 1 5   ? -6.61804  11.15146  -10.18785 1.000 41.96372 ? 6   PHE A CG  1 
ATOM 35   C CD1 . PHE A 1 5   ? -6.61860  11.52002  -8.84986  1.000 41.89711 ? 6   PHE A CD1 1 
ATOM 36   C CD2 . PHE A 1 5   ? -6.54578  12.14370  -11.15474 1.000 41.95948 ? 6   PHE A CD2 1 
ATOM 37   C CE1 . PHE A 1 5   ? -6.56850  12.85435  -8.48209  1.000 41.91080 ? 6   PHE A CE1 1 
ATOM 38   C CE2 . PHE A 1 5   ? -6.48990  13.48031  -10.79423 1.000 42.37752 ? 6   PHE A CE2 1 
ATOM 39   C CZ  . PHE A 1 5   ? -6.50404  13.83536  -9.45629  1.000 42.32224 ? 6   PHE A CZ  1 
ATOM 40   N N   . PHE A 1 6   ? -10.02152 10.10181  -10.67950 1.000 42.90615 ? 7   PHE A N   1 
ATOM 41   C CA  . PHE A 1 6   ? -11.21783 10.38917  -11.46275 1.000 43.39023 ? 7   PHE A CA  1 
ATOM 42   C C   . PHE A 1 6   ? -11.23501 11.81527  -12.00459 1.000 43.90572 ? 7   PHE A C   1 
ATOM 43   O O   . PHE A 1 6   ? -11.46533 12.01662  -13.20092 1.000 43.91053 ? 7   PHE A O   1 
ATOM 44   C CB  . PHE A 1 6   ? -12.47070 10.13284  -10.61262 1.000 43.83811 ? 7   PHE A CB  1 
ATOM 45   C CG  . PHE A 1 6   ? -12.90080 8.69189   -10.57559 1.000 43.70362 ? 7   PHE A CG  1 
ATOM 46   C CD1 . PHE A 1 6   ? -13.56129 8.12382   -11.65578 1.000 43.68183 ? 7   PHE A CD1 1 
ATOM 47   C CD2 . PHE A 1 6   ? -12.65774 7.90933   -9.45501  1.000 43.71069 ? 7   PHE A CD2 1 
ATOM 48   C CE1 . PHE A 1 6   ? -13.96505 6.79733   -11.62343 1.000 43.51620 ? 7   PHE A CE1 1 
ATOM 49   C CE2 . PHE A 1 6   ? -13.05872 6.58152   -9.41626  1.000 43.39059 ? 7   PHE A CE2 1 
ATOM 50   C CZ  . PHE A 1 6   ? -13.71617 6.02829   -10.50040 1.000 43.36547 ? 7   PHE A CZ  1 
ATOM 51   N N   . GLU A 1 7   ? -11.11271 12.80693  -11.11636 1.000 44.31844 ? 8   GLU A N   1 
ATOM 52   C CA  . GLU A 1 7   ? -10.90094 14.23946  -11.35450 1.000 44.81315 ? 8   GLU A CA  1 
ATOM 53   C C   . GLU A 1 7   ? -12.12117 14.97159  -11.93118 1.000 45.44152 ? 8   GLU A C   1 
ATOM 54   O O   . GLU A 1 7   ? -12.29246 16.16955  -11.66860 1.000 45.68936 ? 8   GLU A O   1 
ATOM 55   C CB  . GLU A 1 7   ? -9.64169  14.41495  -12.23917 1.000 44.52344 ? 8   GLU A CB  1 
ATOM 56   C CG  . GLU A 1 7   ? -9.54825  15.62101  -13.17248 1.000 45.06825 ? 8   GLU A CG  1 
ATOM 57   C CD  . GLU A 1 7   ? -8.99648  16.85281  -12.48668 1.000 45.90865 ? 8   GLU A CD  1 
ATOM 58   O OE1 . GLU A 1 7   ? -9.50549  17.96131  -12.75810 1.000 46.41576 ? 8   GLU A OE1 1 
ATOM 59   O OE2 . GLU A 1 7   ? -8.05197  16.71372  -11.68083 1.000 45.87323 ? 8   GLU A OE2 1 
ATOM 60   N N   . ASN A 1 8   ? -13.04628 14.27854  -12.60321 1.000 45.00252 ? 9   ASN A N   1 
ATOM 61   C CA  . ASN A 1 8   ? -14.42382 14.75682  -12.60722 1.000 44.75926 ? 9   ASN A CA  1 
ATOM 62   C C   . ASN A 1 8   ? -15.39219 13.65405  -12.19935 1.000 44.43031 ? 9   ASN A C   1 
ATOM 63   O O   . ASN A 1 8   ? -15.94725 13.67524  -11.09585 1.000 44.48988 ? 9   ASN A O   1 
ATOM 64   C CB  . ASN A 1 8   ? -14.79778 15.29863  -13.98807 1.000 44.52916 ? 9   ASN A CB  1 
ATOM 65   C CG  . ASN A 1 8   ? -15.57350 16.59742  -13.91193 1.000 44.81082 ? 9   ASN A CG  1 
ATOM 66   O OD1 . ASN A 1 8   ? -15.24521 17.48445  -13.12371 1.000 44.77815 ? 9   ASN A OD1 1 
ATOM 67   N ND2 . ASN A 1 8   ? -16.61523 16.71325  -14.72731 1.000 44.99382 ? 9   ASN A ND2 1 
ATOM 68   N N   . LYS A 1 9   ? -15.57995 12.67426  -13.09648 1.000 44.10207 ? 10  LYS A N   1 
ATOM 69   C CA  . LYS A 1 9   ? -16.20847 11.40202  -12.76054 1.000 43.92633 ? 10  LYS A CA  1 
ATOM 70   C C   . LYS A 1 9   ? -15.71004 10.23877  -13.60785 1.000 43.81537 ? 10  LYS A C   1 
ATOM 71   O O   . LYS A 1 9   ? -16.21182 9.12536   -13.43227 1.000 43.79297 ? 10  LYS A O   1 
ATOM 72   C CB  . LYS A 1 9   ? -17.74073 11.50881  -12.87508 1.000 43.77186 ? 10  LYS A CB  1 
ATOM 73   C CG  . LYS A 1 9   ? -18.45076 11.56040  -11.52801 1.000 43.81115 ? 10  LYS A CG  1 
ATOM 74   C CD  . LYS A 1 9   ? -19.92153 11.91147  -11.66972 1.000 44.12051 ? 10  LYS A CD  1 
ATOM 75   C CE  . LYS A 1 9   ? -20.53806 12.22904  -10.31501 1.000 44.56902 ? 10  LYS A CE  1 
ATOM 76   N NZ  . LYS A 1 9   ? -22.00030 12.49454  -10.41243 1.000 44.40965 ? 10  LYS A NZ  1 
ATOM 77   N N   . VAL A 1 10  ? -14.76052 10.44542  -14.51904 1.000 43.91529 ? 11  VAL A N   1 
ATOM 78   C CA  . VAL A 1 10  ? -14.35896 9.42975   -15.48648 1.000 43.77900 ? 11  VAL A CA  1 
ATOM 79   C C   . VAL A 1 10  ? -12.99085 8.89228   -15.10207 1.000 43.40280 ? 11  VAL A C   1 
ATOM 80   O O   . VAL A 1 10  ? -12.16245 9.60334   -14.52794 1.000 43.28528 ? 11  VAL A O   1 
ATOM 81   C CB  . VAL A 1 10  ? -14.34093 9.98482   -16.92631 1.000 43.66670 ? 11  VAL A CB  1 
ATOM 82   C CG1 . VAL A 1 10  ? -15.75128 10.04471  -17.48886 1.000 44.09830 ? 11  VAL A CG1 1 
ATOM 83   C CG2 . VAL A 1 10  ? -13.69412 11.36293  -16.95485 1.000 43.07153 ? 11  VAL A CG2 1 
ATOM 84   N N   . CYS A 1 11  ? -12.74621 7.62991   -15.43898 1.000 43.33265 ? 12  CYS A N   1 
ATOM 85   C CA  . CYS A 1 11  ? -11.53679 6.94978   -14.98953 1.000 43.22509 ? 12  CYS A CA  1 
ATOM 86   C C   . CYS A 1 11  ? -10.33966 7.43726   -15.79842 1.000 43.06461 ? 12  CYS A C   1 
ATOM 87   O O   . CYS A 1 11  ? -10.22074 7.13666   -16.99033 1.000 43.66286 ? 12  CYS A O   1 
ATOM 88   C CB  . CYS A 1 11  ? -11.69743 5.43921   -15.10626 1.000 43.70919 ? 12  CYS A CB  1 
ATOM 89   S SG  . CYS A 1 11  ? -10.31893 4.56337   -14.36437 1.000 44.05812 ? 12  CYS A SG  1 
ATOM 90   N N   . VAL A 1 12  ? -9.45698  8.19339   -15.15110 1.000 42.58919 ? 13  VAL A N   1 
ATOM 91   C CA  . VAL A 1 12  ? -8.25317  8.70748   -15.79995 1.000 42.39981 ? 13  VAL A CA  1 
ATOM 92   C C   . VAL A 1 12  ? -7.08567  7.74150   -15.64682 1.000 42.11730 ? 13  VAL A C   1 
ATOM 93   O O   . VAL A 1 12  ? -6.40247  7.41414   -16.62072 1.000 42.11790 ? 13  VAL A O   1 
ATOM 94   C CB  . VAL A 1 12  ? -7.90715  10.10303  -15.23654 1.000 42.01730 ? 13  VAL A CB  1 
ATOM 95   C CG1 . VAL A 1 12  ? -6.70055  10.68646  -15.95316 1.000 41.72490 ? 13  VAL A CG1 1 
ATOM 96   C CG2 . VAL A 1 12  ? -9.09994  11.03188  -15.36057 1.000 42.49578 ? 13  VAL A CG2 1 
ATOM 97   N N   . GLU A 1 13  ? -6.83949  7.26935   -14.42622 1.000 42.01069 ? 14  GLU A N   1 
ATOM 98   C CA  . GLU A 1 13  ? -5.73976  6.35561   -14.12862 1.000 41.67962 ? 14  GLU A CA  1 
ATOM 99   C C   . GLU A 1 13  ? -6.31301  5.08354   -13.51999 1.000 41.66646 ? 14  GLU A C   1 
ATOM 100  O O   . GLU A 1 13  ? -6.84137  5.10990   -12.40391 1.000 41.74212 ? 14  GLU A O   1 
ATOM 101  C CB  . GLU A 1 13  ? -4.73299  7.00072   -13.17835 1.000 41.21209 ? 14  GLU A CB  1 
ATOM 102  C CG  . GLU A 1 13  ? -3.59484  6.08278   -12.77014 1.000 40.53330 ? 14  GLU A CG  1 
ATOM 103  C CD  . GLU A 1 13  ? -2.73962  6.67274   -11.66726 1.000 40.29741 ? 14  GLU A CD  1 
ATOM 104  O OE1 . GLU A 1 13  ? -3.30877  7.23819   -10.70994 1.000 40.74028 ? 14  GLU A OE1 1 
ATOM 105  O OE2 . GLU A 1 13  ? -1.49804  6.56893   -11.75473 1.000 39.82509 ? 14  GLU A OE2 1 
ATOM 106  N N   . THR A 1 14  ? -6.19562  3.97175   -14.24027 1.000 41.58389 ? 15  THR A N   1 
ATOM 107  C CA  . THR A 1 14  ? -6.68938  2.70149   -13.73596 1.000 41.57089 ? 15  THR A CA  1 
ATOM 108  C C   . THR A 1 14  ? -5.74864  2.14494   -12.66810 1.000 41.47370 ? 15  THR A C   1 
ATOM 109  O O   . THR A 1 14  ? -4.63217  2.63052   -12.46384 1.000 41.32704 ? 15  THR A O   1 
ATOM 110  C CB  . THR A 1 14  ? -6.85313  1.69458   -14.87365 1.000 41.48610 ? 15  THR A CB  1 
ATOM 111  O OG1 . THR A 1 14  ? -5.57339  1.40935   -15.45025 1.000 41.27938 ? 15  THR A OG1 1 
ATOM 112  C CG2 . THR A 1 14  ? -7.77317  2.25200   -15.94820 1.000 42.12913 ? 15  THR A CG2 1 
ATOM 113  N N   . MET A 1 15  ? -6.22284  1.10469   -11.97768 1.000 41.54975 ? 16  MET A N   1 
ATOM 114  C CA  . MET A 1 15  ? -5.42277  0.47812   -10.92971 1.000 41.36233 ? 16  MET A CA  1 
ATOM 115  C C   . MET A 1 15  ? -4.26547  -0.31804  -11.51892 1.000 41.12058 ? 16  MET A C   1 
ATOM 116  O O   . MET A 1 15  ? -3.16783  -0.34148  -10.95008 1.000 40.97761 ? 16  MET A O   1 
ATOM 117  C CB  . MET A 1 15  ? -6.31168  -0.41448  -10.06092 1.000 41.76821 ? 16  MET A CB  1 
ATOM 118  C CG  . MET A 1 15  ? -5.60226  -1.09019  -8.89372  1.000 41.43656 ? 16  MET A CG  1 
ATOM 119  S SD  . MET A 1 15  ? -4.90359  0.07530   -7.71030  1.000 41.21572 ? 16  MET A SD  1 
ATOM 120  C CE  . MET A 1 15  ? -6.38353  0.86895   -7.08996  1.000 41.77098 ? 16  MET A CE  1 
ATOM 121  N N   . GLU A 1 16  ? -4.48546  -0.96079  -12.66806 1.000 41.40071 ? 17  GLU A N   1 
ATOM 122  C CA  . GLU A 1 16  ? -3.43435  -1.77046  -13.27432 1.000 41.40099 ? 17  GLU A CA  1 
ATOM 123  C C   . GLU A 1 16  ? -2.34293  -0.90729  -13.89783 1.000 41.02752 ? 17  GLU A C   1 
ATOM 124  O O   . GLU A 1 16  ? -1.17155  -1.30180  -13.90101 1.000 40.95642 ? 17  GLU A O   1 
ATOM 125  C CB  . GLU A 1 16  ? -4.03931  -2.71294  -14.31431 1.000 41.75554 ? 17  GLU A CB  1 
ATOM 126  C CG  . GLU A 1 16  ? -3.14624  -3.87978  -14.69468 1.000 42.08903 ? 17  GLU A CG  1 
ATOM 127  C CD  . GLU A 1 16  ? -3.90238  -4.97475  -15.41806 1.000 42.62742 ? 17  GLU A CD  1 
ATOM 128  O OE1 . GLU A 1 16  ? -3.31468  -5.61093  -16.31760 1.000 43.50986 ? 17  GLU A OE1 1 
ATOM 129  O OE2 . GLU A 1 16  ? -5.08425  -5.20177  -15.08377 1.000 42.47090 ? 17  GLU A OE2 1 
ATOM 130  N N   . ASP A 1 17  ? -2.69789  0.27039   -14.41675 1.000 40.71274 ? 18  ASP A N   1 
ATOM 131  C CA  . ASP A 1 17  ? -1.68881  1.17135   -14.96297 1.000 40.44810 ? 18  ASP A CA  1 
ATOM 132  C C   . ASP A 1 17  ? -0.89318  1.87046   -13.86801 1.000 40.10497 ? 18  ASP A C   1 
ATOM 133  O O   . ASP A 1 17  ? 0.28229   2.19188   -14.07223 1.000 39.77279 ? 18  ASP A O   1 
ATOM 134  C CB  . ASP A 1 17  ? -2.34282  2.21063   -15.87596 1.000 40.55264 ? 18  ASP A CB  1 
ATOM 135  C CG  . ASP A 1 17  ? -2.88277  1.60561   -17.15762 1.000 40.65443 ? 18  ASP A CG  1 
ATOM 136  O OD1 . ASP A 1 17  ? -2.66118  0.39845   -17.38776 1.000 40.75485 ? 18  ASP A OD1 1 
ATOM 137  O OD2 . ASP A 1 17  ? -3.53032  2.33813   -17.93509 1.000 40.70010 ? 18  ASP A OD2 1 
ATOM 138  N N   . HIS A 1 18  ? -1.50863  2.11101   -12.70892 1.000 40.31998 ? 19  HIS A N   1 
ATOM 139  C CA  . HIS A 1 18  ? -0.81936  2.79372   -11.62018 1.000 39.77087 ? 19  HIS A CA  1 
ATOM 140  C C   . HIS A 1 18  ? 0.16717   1.88058   -10.90425 1.000 39.41760 ? 19  HIS A C   1 
ATOM 141  O O   . HIS A 1 18  ? 1.21034   2.34872   -10.43575 1.000 39.31564 ? 19  HIS A O   1 
ATOM 142  C CB  . HIS A 1 18  ? -1.84085  3.34949   -10.62555 1.000 39.99483 ? 19  HIS A CB  1 
ATOM 143  C CG  . HIS A 1 18  ? -1.23146  4.11763   -9.49431  1.000 39.89465 ? 19  HIS A CG  1 
ATOM 144  N ND1 . HIS A 1 18  ? -0.56252  5.30862   -9.67816  1.000 39.58902 ? 19  HIS A ND1 1 
ATOM 145  C CD2 . HIS A 1 18  ? -1.19562  3.86782   -8.16390  1.000 39.83659 ? 19  HIS A CD2 1 
ATOM 146  C CE1 . HIS A 1 18  ? -0.13865  5.75809   -8.51067  1.000 39.35403 ? 19  HIS A CE1 1 
ATOM 147  N NE2 . HIS A 1 18  ? -0.50943  4.90219   -7.57527  1.000 39.55691 ? 19  HIS A NE2 1 
ATOM 148  N N   . ILE A 1 19  ? -0.13626  0.58620   -10.81538 1.000 39.60861 ? 20  ILE A N   1 
ATOM 149  C CA  . ILE A 1 19  ? 0.75083   -0.34046  -10.12161 1.000 39.35030 ? 20  ILE A CA  1 
ATOM 150  C C   . ILE A 1 19  ? 1.90534   -0.76386  -11.02558 1.000 39.27380 ? 20  ILE A C   1 
ATOM 151  O O   . ILE A 1 19  ? 3.05983   -0.81822  -10.58516 1.000 39.28125 ? 20  ILE A O   1 
ATOM 152  C CB  . ILE A 1 19  ? -0.06039  -1.54524  -9.60355  1.000 39.77945 ? 20  ILE A CB  1 
ATOM 153  C CG1 . ILE A 1 19  ? -1.04997  -1.08806  -8.52859  1.000 39.93561 ? 20  ILE A CG1 1 
ATOM 154  C CG2 . ILE A 1 19  ? 0.84864   -2.62729  -9.03032  1.000 39.61593 ? 20  ILE A CG2 1 
ATOM 155  C CD1 . ILE A 1 19  ? -1.90903  -2.20119  -7.96368  1.000 40.39122 ? 20  ILE A CD1 1 
ATOM 156  N N   . ARG A 1 20  ? 1.61972   -1.02993  -12.30740 1.000 39.49812 ? 21  ARG A N   1 
ATOM 157  C CA  . ARG A 1 20  ? 2.64473   -1.52291  -13.22828 1.000 39.41816 ? 21  ARG A CA  1 
ATOM 158  C C   . ARG A 1 20  ? 3.69095   -0.45939  -13.54144 1.000 39.19570 ? 21  ARG A C   1 
ATOM 159  O O   . ARG A 1 20  ? 4.87758   -0.77606  -13.68473 1.000 39.13249 ? 21  ARG A O   1 
ATOM 160  C CB  . ARG A 1 20  ? 2.00513   -2.00886  -14.52875 1.000 40.60050 ? 21  ARG A CB  1 
ATOM 161  C CG  . ARG A 1 20  ? 1.60920   -3.47386  -14.54766 1.000 41.82035 ? 21  ARG A CG  1 
ATOM 162  C CD  . ARG A 1 20  ? 1.82118   -4.05979  -15.93867 1.000 42.97078 ? 21  ARG A CD  1 
ATOM 163  N NE  . ARG A 1 20  ? 1.17968   -5.36030  -16.10380 1.000 43.68951 ? 21  ARG A NE  1 
ATOM 164  C CZ  . ARG A 1 20  ? 0.04365   -5.55202  -16.76666 1.000 44.19888 ? 21  ARG A CZ  1 
ATOM 165  N NH1 . ARG A 1 20  ? -0.57640  -4.52606  -17.33462 1.000 44.11019 ? 21  ARG A NH1 1 
ATOM 166  N NH2 . ARG A 1 20  ? -0.47021  -6.77026  -16.86808 1.000 44.32777 ? 21  ARG A NH2 1 
ATOM 167  N N   . LYS A 1 21  ? 3.27350   0.80319   -13.65615 1.000 39.08590 ? 22  LYS A N   1 
ATOM 168  C CA  . LYS A 1 21  ? 4.22206   1.86131   -13.98855 1.000 38.60367 ? 22  LYS A CA  1 
ATOM 169  C C   . LYS A 1 21  ? 5.10052   2.20778   -12.79350 1.000 38.66774 ? 22  LYS A C   1 
ATOM 170  O O   . LYS A 1 21  ? 6.29007   2.50587   -12.95593 1.000 38.94810 ? 22  LYS A O   1 
ATOM 171  C CB  . LYS A 1 21  ? 3.47570   3.09635   -14.48940 1.000 38.34687 ? 22  LYS A CB  1 
ATOM 172  C CG  . LYS A 1 21  ? 4.36317   4.13500   -15.14639 1.000 38.30019 ? 22  LYS A CG  1 
ATOM 173  C CD  . LYS A 1 21  ? 3.78832   4.56095   -16.48508 1.000 38.64753 ? 22  LYS A CD  1 
ATOM 174  C CE  . LYS A 1 21  ? 3.96595   3.47799   -17.53632 1.000 38.67351 ? 22  LYS A CE  1 
ATOM 175  N NZ  . LYS A 1 21  ? 5.40212   3.18489   -17.79263 1.000 38.53146 ? 22  LYS A NZ  1 
ATOM 176  N N   . GLY A 1 22  ? 4.53794   2.15986   -11.58413 1.000 38.52811 ? 23  GLY A N   1 
ATOM 177  C CA  . GLY A 1 22  ? 5.33648   2.37491   -10.39156 1.000 38.33351 ? 23  GLY A CA  1 
ATOM 178  C C   . GLY A 1 22  ? 6.23266   1.20784   -10.03501 1.000 38.32923 ? 23  GLY A C   1 
ATOM 179  O O   . GLY A 1 22  ? 7.24225   1.40174   -9.35047  1.000 38.23411 ? 23  GLY A O   1 
ATOM 180  N N   . LEU A 1 23  ? 5.89067   -0.00158  -10.48787 1.000 38.51970 ? 24  LEU A N   1 
ATOM 181  C CA  . LEU A 1 23  ? 6.77631   -1.14562  -10.29964 1.000 38.54808 ? 24  LEU A CA  1 
ATOM 182  C C   . LEU A 1 23  ? 8.02045   -1.05839  -11.17289 1.000 38.59442 ? 24  LEU A C   1 
ATOM 183  O O   . LEU A 1 23  ? 9.02236   -1.71241  -10.86670 1.000 38.73956 ? 24  LEU A O   1 
ATOM 184  C CB  . LEU A 1 23  ? 6.02985   -2.45185  -10.58328 1.000 38.56204 ? 24  LEU A CB  1 
ATOM 185  C CG  . LEU A 1 23  ? 5.23430   -3.04772  -9.41910  1.000 38.34269 ? 24  LEU A CG  1 
ATOM 186  C CD1 . LEU A 1 23  ? 4.31913   -4.16166  -9.90205  1.000 38.49582 ? 24  LEU A CD1 1 
ATOM 187  C CD2 . LEU A 1 23  ? 6.16875   -3.55178  -8.33321  1.000 38.51703 ? 24  LEU A CD2 1 
ATOM 188  N N   . GLU A 1 24  ? 7.97978   -0.26541  -12.24831 1.000 38.39251 ? 25  GLU A N   1 
ATOM 189  C CA  . GLU A 1 24  ? 9.18080   -0.01766  -13.03789 1.000 38.26925 ? 25  GLU A CA  1 
ATOM 190  C C   . GLU A 1 24  ? 10.17951  0.84629   -12.27801 1.000 38.48573 ? 25  GLU A C   1 
ATOM 191  O O   . GLU A 1 24  ? 11.38261  0.78789   -12.55240 1.000 38.68747 ? 25  GLU A O   1 
ATOM 192  C CB  . GLU A 1 24  ? 8.80768   0.64447   -14.36365 1.000 38.36081 ? 25  GLU A CB  1 
ATOM 193  C CG  . GLU A 1 24  ? 7.82193   -0.15179  -15.20164 1.000 38.34739 ? 25  GLU A CG  1 
ATOM 194  C CD  . GLU A 1 24  ? 7.26733   0.64938   -16.36251 1.000 38.34743 ? 25  GLU A CD  1 
ATOM 195  O OE1 . GLU A 1 24  ? 6.34587   0.15326   -17.04387 1.000 39.08072 ? 25  GLU A OE1 1 
ATOM 196  O OE2 . GLU A 1 24  ? 7.75149   1.77730   -16.59219 1.000 38.19937 ? 25  GLU A OE2 1 
ATOM 197  N N   . ILE A 1 25  ? 9.70038   1.65354   -11.33042 1.000 38.43561 ? 26  ILE A N   1 
ATOM 198  C CA  . ILE A 1 25  ? 10.58804  2.42906   -10.47124 1.000 38.22673 ? 26  ILE A CA  1 
ATOM 199  C C   . ILE A 1 25  ? 11.05569  1.58317   -9.29188  1.000 38.26780 ? 26  ILE A C   1 
ATOM 200  O O   . ILE A 1 25  ? 12.20446  1.69824   -8.84627  1.000 38.38503 ? 26  ILE A O   1 
ATOM 201  C CB  . ILE A 1 25  ? 9.86756   3.71636   -10.02365 1.000 37.92664 ? 26  ILE A CB  1 
ATOM 202  C CG1 . ILE A 1 25  ? 9.51625   4.56020   -11.24491 1.000 37.93355 ? 26  ILE A CG1 1 
ATOM 203  C CG2 . ILE A 1 25  ? 10.71832  4.55305   -9.07769  1.000 37.73737 ? 26  ILE A CG2 1 
ATOM 204  C CD1 . ILE A 1 25  ? 10.71251  4.95657   -12.08550 1.000 37.72730 ? 26  ILE A CD1 1 
ATOM 205  N N   . ILE A 1 26  ? 10.18286  0.70345   -8.79074  1.000 38.26434 ? 27  ILE A N   1 
ATOM 206  C CA  . ILE A 1 26  ? 10.56120  -0.21254  -7.71676  1.000 38.48154 ? 27  ILE A CA  1 
ATOM 207  C C   . ILE A 1 26  ? 11.61525  -1.19975  -8.20727  1.000 38.60792 ? 27  ILE A C   1 
ATOM 208  O O   . ILE A 1 26  ? 12.64175  -1.41194  -7.55125  1.000 38.74099 ? 27  ILE A O   1 
ATOM 209  C CB  . ILE A 1 26  ? 9.31623   -0.93435  -7.16666  1.000 38.42474 ? 27  ILE A CB  1 
ATOM 210  C CG1 . ILE A 1 26  ? 8.37332   0.06357   -6.48907  1.000 38.22746 ? 27  ILE A CG1 1 
ATOM 211  C CG2 . ILE A 1 26  ? 9.70975   -2.03193  -6.18524  1.000 38.08484 ? 27  ILE A CG2 1 
ATOM 212  C CD1 . ILE A 1 26  ? 8.98523   0.78018   -5.30679  1.000 37.80232 ? 27  ILE A CD1 1 
ATOM 213  N N   . GLU A 1 27  ? 11.40229  -1.77734  -9.39195  1.000 38.64190 ? 28  GLU A N   1 
ATOM 214  C CA  . GLU A 1 27  ? 12.39513  -2.68347  -9.96194  1.000 38.79546 ? 28  GLU A CA  1 
ATOM 215  C C   . GLU A 1 27  ? 13.60438  -1.92260  -10.49460 1.000 38.82045 ? 28  GLU A C   1 
ATOM 216  O O   . GLU A 1 27  ? 14.74613  -2.23372  -10.13945 1.000 39.11578 ? 28  GLU A O   1 
ATOM 217  C CB  . GLU A 1 27  ? 11.76665  -3.53222  -11.06912 1.000 38.78011 ? 28  GLU A CB  1 
ATOM 218  C CG  . GLU A 1 27  ? 11.57422  -4.99503  -10.70356 1.000 38.84710 ? 28  GLU A CG  1 
ATOM 219  C CD  . GLU A 1 27  ? 12.89292  -5.73706  -10.57424 1.000 39.23876 ? 28  GLU A CD  1 
ATOM 220  O OE1 . GLU A 1 27  ? 12.97211  -6.66967  -9.74761  1.000 39.27623 ? 28  GLU A OE1 1 
ATOM 221  O OE2 . GLU A 1 27  ? 13.84951  -5.39138  -11.30241 1.000 39.27631 ? 28  GLU A OE2 1 
ATOM 222  N N   . GLY A 1 28  ? 13.37024  -0.90708  -11.32950 1.000 38.61217 ? 29  GLY A N   1 
ATOM 223  C CA  . GLY A 1 28  ? 14.46293  -0.30316  -12.08144 1.000 38.90085 ? 29  GLY A CA  1 
ATOM 224  C C   . GLY A 1 28  ? 15.34733  0.61274   -11.25353 1.000 38.95235 ? 29  GLY A C   1 
ATOM 225  O O   . GLY A 1 28  ? 16.57492  0.48180   -11.26619 1.000 39.30629 ? 29  GLY A O   1 
ATOM 226  N N   . LEU A 1 29  ? 14.74235  1.56789   -10.54241 1.000 38.68385 ? 30  LEU A N   1 
ATOM 227  C CA  . LEU A 1 29  ? 15.53915  2.52118   -9.77511  1.000 38.64419 ? 30  LEU A CA  1 
ATOM 228  C C   . LEU A 1 29  ? 16.11533  1.87927   -8.51885  1.000 38.82130 ? 30  LEU A C   1 
ATOM 229  O O   . LEU A 1 29  ? 17.26445  2.14927   -8.15015  1.000 39.20072 ? 30  LEU A O   1 
ATOM 230  C CB  . LEU A 1 29  ? 14.69622  3.74796   -9.41982  1.000 38.15216 ? 30  LEU A CB  1 
ATOM 231  C CG  . LEU A 1 29  ? 15.33197  4.84915   -8.56880  1.000 37.97431 ? 30  LEU A CG  1 
ATOM 232  C CD1 . LEU A 1 29  ? 16.57938  5.39479   -9.24625  1.000 38.86994 ? 30  LEU A CD1 1 
ATOM 233  C CD2 . LEU A 1 29  ? 14.33019  5.96253   -8.29232  1.000 37.84013 ? 30  LEU A CD2 1 
ATOM 234  N N   . TYR A 1 30  ? 15.34242  1.02093   -7.85242  1.000 38.64388 ? 31  TYR A N   1 
ATOM 235  C CA  . TYR A 1 30  ? 15.77023  0.43780   -6.58528  1.000 38.79445 ? 31  TYR A CA  1 
ATOM 236  C C   . TYR A 1 30  ? 16.28170  -0.99431  -6.72540  1.000 39.18539 ? 31  TYR A C   1 
ATOM 237  O O   . TYR A 1 30  ? 17.45961  -1.25718  -6.46540  1.000 39.54192 ? 31  TYR A O   1 
ATOM 238  C CB  . TYR A 1 30  ? 14.61331  0.50782   -5.57837  1.000 38.62902 ? 31  TYR A CB  1 
ATOM 239  C CG  . TYR A 1 30  ? 14.22532  1.92486   -5.21680  1.000 38.49307 ? 31  TYR A CG  1 
ATOM 240  C CD1 . TYR A 1 30  ? 14.93133  2.63134   -4.24897  1.000 38.46069 ? 31  TYR A CD1 1 
ATOM 241  C CD2 . TYR A 1 30  ? 13.15917  2.55917   -5.84678  1.000 38.16010 ? 31  TYR A CD2 1 
ATOM 242  C CE1 . TYR A 1 30  ? 14.58646  3.92999   -3.91717  1.000 37.79642 ? 31  TYR A CE1 1 
ATOM 243  C CE2 . TYR A 1 30  ? 12.80609  3.85897   -5.52049  1.000 37.56851 ? 31  TYR A CE2 1 
ATOM 244  C CZ  . TYR A 1 30  ? 13.52433  4.53640   -4.55542  1.000 37.20555 ? 31  TYR A CZ  1 
ATOM 245  O OH  . TYR A 1 30  ? 13.18187  5.82598   -4.22522  1.000 37.68397 ? 31  TYR A OH  1 
ATOM 246  N N   . LEU A 1 31  ? 15.43326  -1.92139  -7.18026  1.000 39.05739 ? 32  LEU A N   1 
ATOM 247  C CA  . LEU A 1 31  ? 15.75423  -3.34179  -7.06151  1.000 38.91268 ? 32  LEU A CA  1 
ATOM 248  C C   . LEU A 1 31  ? 16.77568  -3.82512  -8.08433  1.000 39.21927 ? 32  LEU A C   1 
ATOM 249  O O   . LEU A 1 31  ? 17.41298  -4.85852  -7.85524  1.000 39.65208 ? 32  LEU A O   1 
ATOM 250  C CB  . LEU A 1 31  ? 14.48104  -4.18496  -7.16619  1.000 38.70249 ? 32  LEU A CB  1 
ATOM 251  C CG  . LEU A 1 31  ? 13.56830  -4.16204  -5.93569  1.000 38.60494 ? 32  LEU A CG  1 
ATOM 252  C CD1 . LEU A 1 31  ? 12.39762  -5.11391  -6.11554  1.000 38.82532 ? 32  LEU A CD1 1 
ATOM 253  C CD2 . LEU A 1 31  ? 14.34102  -4.48834  -4.66484  1.000 38.48916 ? 32  LEU A CD2 1 
ATOM 254  N N   . ARG A 1 32  ? 16.95577  -3.11253  -9.19219  1.000 39.25893 ? 33  ARG A N   1 
ATOM 255  C CA  . ARG A 1 32  ? 17.99494  -3.45205  -10.15464 1.000 39.28846 ? 33  ARG A CA  1 
ATOM 256  C C   . ARG A 1 32  ? 19.33847  -2.82874  -9.80742  1.000 39.44591 ? 33  ARG A C   1 
ATOM 257  O O   . ARG A 1 32  ? 20.32120  -3.07526  -10.51344 1.000 39.89902 ? 33  ARG A O   1 
ATOM 258  C CB  . ARG A 1 32  ? 17.57673  -3.01902  -11.56240 1.000 39.51247 ? 33  ARG A CB  1 
ATOM 259  C CG  . ARG A 1 32  ? 17.85504  -4.04102  -12.64908 1.000 39.84097 ? 33  ARG A CG  1 
ATOM 260  C CD  . ARG A 1 32  ? 16.81654  -3.93150  -13.75253 1.000 40.16212 ? 33  ARG A CD  1 
ATOM 261  N NE  . ARG A 1 32  ? 16.69841  -2.56464  -14.25261 1.000 40.31903 ? 33  ARG A NE  1 
ATOM 262  C CZ  . ARG A 1 32  ? 15.63916  -2.09755  -14.90601 1.000 40.17915 ? 33  ARG A CZ  1 
ATOM 263  N NH1 . ARG A 1 32  ? 14.59777  -2.88619  -15.13615 1.000 39.95211 ? 33  ARG A NH1 1 
ATOM 264  N NH2 . ARG A 1 32  ? 15.61771  -0.83861  -15.32366 1.000 40.06103 ? 33  ARG A NH2 1 
ATOM 265  N N   . ARG A 1 33  ? 19.40549  -2.03400  -8.73776  1.000 39.61756 ? 34  ARG A N   1 
ATOM 266  C CA  . ARG A 1 33  ? 20.62880  -1.34473  -8.34532  1.000 40.27903 ? 34  ARG A CA  1 
ATOM 267  C C   . ARG A 1 33  ? 21.04010  -1.67389  -6.91412  1.000 40.47833 ? 34  ARG A C   1 
ATOM 268  O O   . ARG A 1 33  ? 21.81302  -0.92640  -6.30619  1.000 40.96720 ? 34  ARG A O   1 
ATOM 269  C CB  . ARG A 1 33  ? 20.46395  0.16517   -8.52236  1.000 40.46244 ? 34  ARG A CB  1 
ATOM 270  C CG  . ARG A 1 33  ? 20.34411  0.59290   -9.97372  1.000 40.56738 ? 34  ARG A CG  1 
ATOM 271  C CD  . ARG A 1 33  ? 19.96863  2.05659   -10.09725 1.000 40.40796 ? 34  ARG A CD  1 
ATOM 272  N NE  . ARG A 1 33  ? 20.20704  2.56092   -11.44511 1.000 41.16277 ? 34  ARG A NE  1 
ATOM 273  C CZ  . ARG A 1 33  ? 19.98095  3.81346   -11.82401 1.000 40.90139 ? 34  ARG A CZ  1 
ATOM 274  N NH1 . ARG A 1 33  ? 19.50998  4.69574   -10.95341 1.000 40.29558 ? 34  ARG A NH1 1 
ATOM 275  N NH2 . ARG A 1 33  ? 20.22734  4.18504   -13.07338 1.000 40.64129 ? 34  ARG A NH2 1 
ATOM 276  N N   . GLY A 1 34  ? 20.53334  -2.77244  -6.36102  1.000 39.90743 ? 35  GLY A N   1 
ATOM 277  C CA  . GLY A 1 34  ? 20.98704  -3.24008  -5.06884  1.000 39.71403 ? 35  GLY A CA  1 
ATOM 278  C C   . GLY A 1 34  ? 20.30964  -2.62747  -3.86643  1.000 39.67712 ? 35  GLY A C   1 
ATOM 279  O O   . GLY A 1 34  ? 20.94476  -2.49783  -2.81369  1.000 40.00566 ? 35  GLY A O   1 
ATOM 280  N N   . TYR A 1 35  ? 19.03745  -2.24322  -3.98060  1.000 39.41229 ? 36  TYR A N   1 
ATOM 281  C CA  . TYR A 1 35  ? 18.30042  -1.77354  -2.81416  1.000 39.19387 ? 36  TYR A CA  1 
ATOM 282  C C   . TYR A 1 35  ? 17.86841  -2.91997  -1.91312  1.000 38.88044 ? 36  TYR A C   1 
ATOM 283  O O   . TYR A 1 35  ? 17.57942  -2.68876  -0.73408  1.000 38.88115 ? 36  TYR A O   1 
ATOM 284  C CB  . TYR A 1 35  ? 17.07480  -0.96823  -3.24917  1.000 39.09505 ? 36  TYR A CB  1 
ATOM 285  C CG  . TYR A 1 35  ? 16.44046  -0.12707  -2.16474  1.000 38.95583 ? 36  TYR A CG  1 
ATOM 286  C CD1 . TYR A 1 35  ? 15.24260  -0.50764  -1.57243  1.000 38.69949 ? 36  TYR A CD1 1 
ATOM 287  C CD2 . TYR A 1 35  ? 17.03362  1.05627   -1.74363  1.000 39.25456 ? 36  TYR A CD2 1 
ATOM 288  C CE1 . TYR A 1 35  ? 14.65803  0.26684   -0.58438  1.000 38.25668 ? 36  TYR A CE1 1 
ATOM 289  C CE2 . TYR A 1 35  ? 16.45913  1.83575   -0.75781  1.000 38.91016 ? 36  TYR A CE2 1 
ATOM 290  C CZ  . TYR A 1 35  ? 15.27312  1.43487   -0.18145  1.000 38.13432 ? 36  TYR A CZ  1 
ATOM 291  O OH  . TYR A 1 35  ? 14.70086  2.20954   0.79867   1.000 37.74629 ? 36  TYR A OH  1 
ATOM 292  N N   . GLY A 1 36  ? 17.81351  -4.14430  -2.44538  1.000 39.01629 ? 37  GLY A N   1 
ATOM 293  C CA  . GLY A 1 36  ? 17.52435  -5.29873  -1.61420  1.000 39.00022 ? 37  GLY A CA  1 
ATOM 294  C C   . GLY A 1 36  ? 18.63203  -5.61106  -0.63013  1.000 39.06460 ? 37  GLY A C   1 
ATOM 295  O O   . GLY A 1 36  ? 18.36768  -6.11699  0.46336   1.000 39.01776 ? 37  GLY A O   1 
ATOM 296  N N   . HIS A 1 37  ? 19.88199  -5.31818  -0.99978  1.000 39.19126 ? 38  HIS A N   1 
ATOM 297  C CA  . HIS A 1 37  ? 20.98053  -5.43116  -0.04666  1.000 39.32777 ? 38  HIS A CA  1 
ATOM 298  C C   . HIS A 1 37  ? 20.91867  -4.32598  0.99862   1.000 39.03880 ? 38  HIS A C   1 
ATOM 299  O O   . HIS A 1 37  ? 21.30859  -4.54065  2.15213   1.000 39.09953 ? 38  HIS A O   1 
ATOM 300  C CB  . HIS A 1 37  ? 22.32087  -5.39594  -0.78080  1.000 39.75250 ? 38  HIS A CB  1 
ATOM 301  C CG  . HIS A 1 37  ? 22.48684  -6.49146  -1.78758  1.000 39.99931 ? 38  HIS A CG  1 
ATOM 302  N ND1 . HIS A 1 37  ? 23.15341  -7.66442  -1.50838  1.000 40.27884 ? 38  HIS A ND1 1 
ATOM 303  C CD2 . HIS A 1 37  ? 22.07004  -6.59161  -3.07248  1.000 40.09896 ? 38  HIS A CD2 1 
ATOM 304  C CE1 . HIS A 1 37  ? 23.14111  -8.44070  -2.57775  1.000 40.57611 ? 38  HIS A CE1 1 
ATOM 305  N NE2 . HIS A 1 37  ? 22.49010  -7.81311  -3.54041  1.000 40.57987 ? 38  HIS A NE2 1 
ATOM 306  N N   . PHE A 1 38  ? 20.43913  -3.14158  0.61169   1.000 38.87701 ? 39  PHE A N   1 
ATOM 307  C CA  . PHE A 1 38  ? 20.19401  -2.08027  1.58059   1.000 38.74129 ? 39  PHE A CA  1 
ATOM 308  C C   . PHE A 1 38  ? 19.00403  -2.41282  2.47047   1.000 38.64859 ? 39  PHE A C   1 
ATOM 309  O O   . PHE A 1 38  ? 18.98172  -2.03164  3.64615   1.000 38.62962 ? 39  PHE A O   1 
ATOM 310  C CB  . PHE A 1 38  ? 19.97093  -0.75528  0.84690   1.000 38.86042 ? 39  PHE A CB  1 
ATOM 311  C CG  . PHE A 1 38  ? 19.80351  0.43164   1.75582   1.000 38.96612 ? 39  PHE A CG  1 
ATOM 312  C CD1 . PHE A 1 38  ? 18.54200  0.95089   2.01928   1.000 38.78497 ? 39  PHE A CD1 1 
ATOM 313  C CD2 . PHE A 1 38  ? 20.90881  1.03713   2.33524   1.000 39.26375 ? 39  PHE A CD2 1 
ATOM 314  C CE1 . PHE A 1 38  ? 18.38551  2.04639   2.85099   1.000 38.53654 ? 39  PHE A CE1 1 
ATOM 315  C CE2 . PHE A 1 38  ? 20.76042  2.13378   3.16872   1.000 39.35080 ? 39  PHE A CE2 1 
ATOM 316  C CZ  . PHE A 1 38  ? 19.49640  2.63838   3.42587   1.000 39.07446 ? 39  PHE A CZ  1 
ATOM 317  N N   . LEU A 1 39  ? 18.01379  -3.12418  1.92991   1.000 38.67396 ? 40  LEU A N   1 
ATOM 318  C CA  . LEU A 1 39  ? 16.84937  -3.51554  2.71270   1.000 38.26011 ? 40  LEU A CA  1 
ATOM 319  C C   . LEU A 1 39  ? 17.14347  -4.69342  3.63010   1.000 38.34281 ? 40  LEU A C   1 
ATOM 320  O O   . LEU A 1 39  ? 16.57064  -4.77689  4.72173   1.000 38.46379 ? 40  LEU A O   1 
ATOM 321  C CB  . LEU A 1 39  ? 15.68829  -3.86243  1.78279   1.000 38.18307 ? 40  LEU A CB  1 
ATOM 322  C CG  . LEU A 1 39  ? 14.72309  -2.73896  1.42174   1.000 37.81814 ? 40  LEU A CG  1 
ATOM 323  C CD1 . LEU A 1 39  ? 13.63232  -3.24132  0.48893   1.000 37.76822 ? 40  LEU A CD1 1 
ATOM 324  C CD2 . LEU A 1 39  ? 14.12731  -2.15458  2.68000   1.000 37.85304 ? 40  LEU A CD2 1 
ATOM 325  N N   . SER A 1 40  ? 18.02186  -5.60773  3.20694   1.000 38.60498 ? 41  SER A N   1 
ATOM 326  C CA  . SER A 1 40  ? 18.34324  -6.77181  4.02749   1.000 38.52571 ? 41  SER A CA  1 
ATOM 327  C C   . SER A 1 40  ? 19.17348  -6.39148  5.24644   1.000 38.31209 ? 41  SER A C   1 
ATOM 328  O O   . SER A 1 40  ? 19.12406  -7.08340  6.26970   1.000 38.24798 ? 41  SER A O   1 
ATOM 329  C CB  . SER A 1 40  ? 19.08054  -7.81643  3.18934   1.000 38.59178 ? 41  SER A CB  1 
ATOM 330  O OG  . SER A 1 40  ? 20.30988  -7.30827  2.70347   1.000 38.86083 ? 41  SER A OG  1 
ATOM 331  N N   . LYS A 1 41  ? 19.93486  -5.29978  5.15681   1.000 38.36540 ? 42  LYS A N   1 
ATOM 332  C CA  . LYS A 1 41  ? 20.71777  -4.83970  6.29821   1.000 38.42564 ? 42  LYS A CA  1 
ATOM 333  C C   . LYS A 1 41  ? 19.83009  -4.17770  7.34609   1.000 38.37467 ? 42  LYS A C   1 
ATOM 334  O O   . LYS A 1 41  ? 19.99501  -4.41492  8.54882   1.000 38.42544 ? 42  LYS A O   1 
ATOM 335  C CB  . LYS A 1 41  ? 21.80683  -3.87729  5.81959   1.000 38.64296 ? 42  LYS A CB  1 
ATOM 336  C CG  . LYS A 1 41  ? 22.60448  -3.20588  6.92684   1.000 39.09508 ? 42  LYS A CG  1 
ATOM 337  C CD  . LYS A 1 41  ? 23.27774  -1.93878  6.42011   1.000 39.54684 ? 42  LYS A CD  1 
ATOM 338  C CE  . LYS A 1 41  ? 23.86688  -1.12393  7.56115   1.000 39.63832 ? 42  LYS A CE  1 
ATOM 339  N NZ  . LYS A 1 41  ? 24.31253  0.22285   7.10377   1.000 39.36648 ? 42  LYS A NZ  1 
ATOM 340  N N   . ILE A 1 42  ? 18.87513  -3.35740  6.90857   1.000 38.48006 ? 43  ILE A N   1 
ATOM 341  C CA  . ILE A 1 42  ? 18.03917  -2.60988  7.84237   1.000 38.23360 ? 43  ILE A CA  1 
ATOM 342  C C   . ILE A 1 42  ? 16.96258  -3.50575  8.44597   1.000 38.11601 ? 43  ILE A C   1 
ATOM 343  O O   . ILE A 1 42  ? 16.79180  -3.55701  9.66992   1.000 38.25219 ? 43  ILE A O   1 
ATOM 344  C CB  . ILE A 1 42  ? 17.43607  -1.37885  7.13756   1.000 38.05279 ? 43  ILE A CB  1 
ATOM 345  C CG1 . ILE A 1 42  ? 18.52164  -0.32341  6.90545   1.000 38.18379 ? 43  ILE A CG1 1 
ATOM 346  C CG2 . ILE A 1 42  ? 16.28086  -0.79622  7.94242   1.000 37.91097 ? 43  ILE A CG2 1 
ATOM 347  C CD1 . ILE A 1 42  ? 18.00987  0.98168   6.33009   1.000 38.40894 ? 43  ILE A CD1 1 
ATOM 348  N N   . LEU A 1 43  ? 16.23676  -4.24335  7.60517   1.000 37.92247 ? 44  LEU A N   1 
ATOM 349  C CA  . LEU A 1 43  ? 15.12683  -5.06716  8.07227   1.000 38.05820 ? 44  LEU A CA  1 
ATOM 350  C C   . LEU A 1 43  ? 15.56710  -6.39511  8.68053   1.000 38.36827 ? 44  LEU A C   1 
ATOM 351  O O   . LEU A 1 43  ? 14.69943  -7.13912  9.15498   1.000 38.24916 ? 44  LEU A O   1 
ATOM 352  C CB  . LEU A 1 43  ? 14.14805  -5.33167  6.92463   1.000 38.03535 ? 44  LEU A CB  1 
ATOM 353  C CG  . LEU A 1 43  ? 13.41569  -4.11555  6.35338   1.000 37.75429 ? 44  LEU A CG  1 
ATOM 354  C CD1 . LEU A 1 43  ? 12.54272  -4.52190  5.17692   1.000 37.45545 ? 44  LEU A CD1 1 
ATOM 355  C CD2 . LEU A 1 43  ? 12.58788  -3.42923  7.42775   1.000 37.69993 ? 44  LEU A CD2 1 
ATOM 356  N N   . ASN A 1 44  ? 16.87594  -6.69705  8.66010   1.000 38.48728 ? 45  ASN A N   1 
ATOM 357  C CA  . ASN A 1 44  ? 17.47806  -7.89819  9.26255   1.000 38.25348 ? 45  ASN A CA  1 
ATOM 358  C C   . ASN A 1 44  ? 16.88989  -9.18507  8.68065   1.000 38.24509 ? 45  ASN A C   1 
ATOM 359  O O   . ASN A 1 44  ? 16.61525  -10.14878 9.39804   1.000 38.36260 ? 45  ASN A O   1 
ATOM 360  C CB  . ASN A 1 44  ? 17.36433  -7.87887  10.79230  1.000 38.20062 ? 45  ASN A CB  1 
ATOM 361  C CG  . ASN A 1 44  ? 18.45473  -8.68826  11.47147  1.000 38.42689 ? 45  ASN A CG  1 
ATOM 362  O OD1 . ASN A 1 44  ? 19.45873  -9.04190  10.85317  1.000 38.52970 ? 45  ASN A OD1 1 
ATOM 363  N ND2 . ASN A 1 44  ? 18.25997  -8.98637  12.75104  1.000 38.27535 ? 45  ASN A ND2 1 
ATOM 364  N N   . ILE A 1 45  ? 16.68747  -9.19434  7.36444   1.000 38.26556 ? 46  ILE A N   1 
ATOM 365  C CA  . ILE A 1 45  ? 16.17078  -10.35910 6.65371   1.000 38.39714 ? 46  ILE A CA  1 
ATOM 366  C C   . ILE A 1 45  ? 17.12788  -10.67410 5.51374   1.000 38.68779 ? 46  ILE A C   1 
ATOM 367  O O   . ILE A 1 45  ? 18.19459  -10.06118 5.40366   1.000 38.71808 ? 46  ILE A O   1 
ATOM 368  C CB  . ILE A 1 45  ? 14.73956  -10.12735 6.13260   1.000 38.69268 ? 46  ILE A CB  1 
ATOM 369  C CG1 . ILE A 1 45  ? 14.67631  -8.86112  5.27615   1.000 38.75734 ? 46  ILE A CG1 1 
ATOM 370  C CG2 . ILE A 1 45  ? 13.74468  -10.05717 7.28732   1.000 38.73684 ? 46  ILE A CG2 1 
ATOM 371  C CD1 . ILE A 1 45  ? 13.30061  -8.57887  4.70826   1.000 38.77288 ? 46  ILE A CD1 1 
ATOM 372  N N   . ASP A 1 46  ? 16.77204  -11.64283 4.67399   1.000 39.10618 ? 47  ASP A N   1 
ATOM 373  C CA  . ASP A 1 46  ? 17.61596  -11.99514 3.54292   1.000 39.29872 ? 47  ASP A CA  1 
ATOM 374  C C   . ASP A 1 46  ? 17.32587  -11.07253 2.35876   1.000 39.31358 ? 47  ASP A C   1 
ATOM 375  O O   . ASP A 1 46  ? 16.46412  -10.19091 2.41550   1.000 39.44678 ? 47  ASP A O   1 
ATOM 376  C CB  . ASP A 1 46  ? 17.42286  -13.46368 3.17080   1.000 39.42909 ? 47  ASP A CB  1 
ATOM 377  C CG  . ASP A 1 46  ? 15.96343  -13.85513 3.07779   1.000 39.86578 ? 47  ASP A CG  1 
ATOM 378  O OD1 . ASP A 1 46  ? 15.51815  -14.22628 1.97127   1.000 39.82364 ? 47  ASP A OD1 1 
ATOM 379  O OD2 . ASP A 1 46  ? 15.26199  -13.79148 4.11046   1.000 39.83623 ? 47  ASP A OD2 1 
ATOM 380  N N   . VAL A 1 47  ? 18.05953  -11.28188 1.26452   1.000 39.48944 ? 48  VAL A N   1 
ATOM 381  C CA  . VAL A 1 47  ? 17.97116  -10.38056 0.11950   1.000 39.33532 ? 48  VAL A CA  1 
ATOM 382  C C   . VAL A 1 47  ? 16.74077  -10.68680 -0.72775  1.000 39.40699 ? 48  VAL A C   1 
ATOM 383  O O   . VAL A 1 47  ? 16.01433  -9.77266  -1.13485  1.000 39.26902 ? 48  VAL A O   1 
ATOM 384  C CB  . VAL A 1 47  ? 19.26750  -10.45572 -0.70860  1.000 39.39488 ? 48  VAL A CB  1 
ATOM 385  C CG1 . VAL A 1 47  ? 19.23713  -9.45028  -1.85256  1.000 39.43550 ? 48  VAL A CG1 1 
ATOM 386  C CG2 . VAL A 1 47  ? 20.47798  -10.22251 0.18217   1.000 39.43131 ? 48  VAL A CG2 1 
ATOM 387  N N   . LYS A 1 48  ? 16.48092  -11.96956 -1.00384  1.000 39.72069 ? 49  LYS A N   1 
ATOM 388  C CA  . LYS A 1 48  ? 15.35348  -12.33560 -1.85697  1.000 39.64381 ? 49  LYS A CA  1 
ATOM 389  C C   . LYS A 1 48  ? 14.00936  -12.15330 -1.16101  1.000 39.50387 ? 49  LYS A C   1 
ATOM 390  O O   . LYS A 1 48  ? 12.98803  -12.01932 -1.84342  1.000 39.19383 ? 49  LYS A O   1 
ATOM 391  C CB  . LYS A 1 48  ? 15.50531  -13.77946 -2.35139  1.000 40.04656 ? 49  LYS A CB  1 
ATOM 392  C CG  . LYS A 1 48  ? 15.24657  -14.85521 -1.30248  1.000 40.44203 ? 49  LYS A CG  1 
ATOM 393  C CD  . LYS A 1 48  ? 14.51948  -16.05342 -1.89657  1.000 40.57449 ? 49  LYS A CD  1 
ATOM 394  C CE  . LYS A 1 48  ? 13.84041  -16.87987 -0.81298  1.000 40.01297 ? 49  LYS A CE  1 
ATOM 395  N NZ  . LYS A 1 48  ? 12.88594  -16.06508 -0.00902  1.000 39.36985 ? 49  LYS A NZ  1 
ATOM 396  N N   . LEU A 1 49  ? 13.98484  -12.13638 0.17382   1.000 39.74123 ? 50  LEU A N   1 
ATOM 397  C CA  . LEU A 1 49  ? 12.76074  -11.78831 0.88407   1.000 39.73332 ? 50  LEU A CA  1 
ATOM 398  C C   . LEU A 1 49  ? 12.52523  -10.28526 0.84816   1.000 39.57475 ? 50  LEU A C   1 
ATOM 399  O O   . LEU A 1 49  ? 11.38303  -9.83421  0.71346   1.000 39.54873 ? 50  LEU A O   1 
ATOM 400  C CB  . LEU A 1 49  ? 12.82919  -12.28703 2.32866   1.000 39.40581 ? 50  LEU A CB  1 
ATOM 401  C CG  . LEU A 1 49  ? 11.63171  -12.01257 3.24120   1.000 39.45654 ? 50  LEU A CG  1 
ATOM 402  C CD1 . LEU A 1 49  ? 10.38642  -12.70619 2.71783   1.000 39.44916 ? 50  LEU A CD1 1 
ATOM 403  C CD2 . LEU A 1 49  ? 11.93159  -12.44403 4.66865   1.000 39.56615 ? 50  LEU A CD2 1 
ATOM 404  N N   . ALA A 1 50  ? 13.60148  -9.50140  0.94405   1.000 39.42650 ? 51  ALA A N   1 
ATOM 405  C CA  . ALA A 1 50  ? 13.47807  -8.04958  0.92306   1.000 38.97667 ? 51  ALA A CA  1 
ATOM 406  C C   . ALA A 1 50  ? 13.13763  -7.52796  -0.46719  1.000 38.82549 ? 51  ALA A C   1 
ATOM 407  O O   . ALA A 1 50  ? 12.51795  -6.46566  -0.59158  1.000 38.52514 ? 51  ALA A O   1 
ATOM 408  C CB  . ALA A 1 50  ? 14.77102  -7.41495  1.42843   1.000 38.69784 ? 51  ALA A CB  1 
ATOM 409  N N   . GLU A 1 51  ? 13.53020  -8.25159  -1.51893  1.000 38.95109 ? 52  GLU A N   1 
ATOM 410  C CA  . GLU A 1 51  ? 13.17235  -7.84310  -2.87267  1.000 38.97484 ? 52  GLU A CA  1 
ATOM 411  C C   . GLU A 1 51  ? 11.70956  -8.12459  -3.18752  1.000 39.01160 ? 52  GLU A C   1 
ATOM 412  O O   . GLU A 1 51  ? 11.08781  -7.37261  -3.94673  1.000 38.86644 ? 52  GLU A O   1 
ATOM 413  C CB  . GLU A 1 51  ? 14.06656  -8.54441  -3.89718  1.000 39.02110 ? 52  GLU A CB  1 
ATOM 414  C CG  . GLU A 1 51  ? 15.49033  -8.01848  -3.95073  1.000 39.40329 ? 52  GLU A CG  1 
ATOM 415  C CD  . GLU A 1 51  ? 16.28300  -8.59704  -5.10875  1.000 39.91389 ? 52  GLU A CD  1 
ATOM 416  O OE1 . GLU A 1 51  ? 17.42975  -8.14989  -5.32654  1.000 39.97757 ? 52  GLU A OE1 1 
ATOM 417  O OE2 . GLU A 1 51  ? 15.76157  -9.49981  -5.79846  1.000 39.80922 ? 52  GLU A OE2 1 
ATOM 418  N N   . GLU A 1 52  ? 11.14627  -9.19342  -2.62726  1.000 39.11147 ? 53  GLU A N   1 
ATOM 419  C CA  . GLU A 1 52  ? 9.74399   -9.50703  -2.85846  1.000 39.21950 ? 53  GLU A CA  1 
ATOM 420  C C   . GLU A 1 52  ? 8.81741   -8.83057  -1.85773  1.000 39.23473 ? 53  GLU A C   1 
ATOM 421  O O   . GLU A 1 52  ? 7.61436   -8.72494  -2.12252  1.000 39.49805 ? 53  GLU A O   1 
ATOM 422  C CB  . GLU A 1 52  ? 9.53172   -11.02735 -2.83779  1.000 39.76912 ? 53  GLU A CB  1 
ATOM 423  C CG  . GLU A 1 52  ? 9.64486   -11.68320 -1.46829  1.000 39.88780 ? 53  GLU A CG  1 
ATOM 424  C CD  . GLU A 1 52  ? 8.29939   -12.12263 -0.91487  1.000 40.61865 ? 53  GLU A CD  1 
ATOM 425  O OE1 . GLU A 1 52  ? 8.28171   -12.85431 0.09707   1.000 40.73188 ? 53  GLU A OE1 1 
ATOM 426  O OE2 . GLU A 1 52  ? 7.25978   -11.75270 -1.49985  1.000 40.90523 ? 53  GLU A OE2 1 
ATOM 427  N N   . LEU A 1 53  ? 9.34676   -8.36084  -0.72488  1.000 39.05031 ? 54  LEU A N   1 
ATOM 428  C CA  . LEU A 1 53  ? 8.53087   -7.57720  0.19668   1.000 38.83912 ? 54  LEU A CA  1 
ATOM 429  C C   . LEU A 1 53  ? 8.30565   -6.16751  -0.33238  1.000 38.66613 ? 54  LEU A C   1 
ATOM 430  O O   . LEU A 1 53  ? 7.22570   -5.59702  -0.14524  1.000 38.69247 ? 54  LEU A O   1 
ATOM 431  C CB  . LEU A 1 53  ? 9.18227   -7.52812  1.57839   1.000 39.09059 ? 54  LEU A CB  1 
ATOM 432  C CG  . LEU A 1 53  ? 8.84026   -8.65758  2.55268   1.000 39.67136 ? 54  LEU A CG  1 
ATOM 433  C CD1 . LEU A 1 53  ? 9.52631   -8.43301  3.89106   1.000 39.39008 ? 54  LEU A CD1 1 
ATOM 434  C CD2 . LEU A 1 53  ? 7.33556   -8.78136  2.73407   1.000 39.97097 ? 54  LEU A CD2 1 
ATOM 435  N N   . LEU A 1 54  ? 9.31396   -5.59070  -0.99427  1.000 38.67325 ? 55  LEU A N   1 
ATOM 436  C CA  . LEU A 1 54  ? 9.17806   -4.24316  -1.53938  1.000 38.36155 ? 55  LEU A CA  1 
ATOM 437  C C   . LEU A 1 54  ? 8.24951   -4.21732  -2.74698  1.000 38.49260 ? 55  LEU A C   1 
ATOM 438  O O   . LEU A 1 54  ? 7.57020   -3.21034  -2.98189  1.000 38.62731 ? 55  LEU A O   1 
ATOM 439  C CB  . LEU A 1 54  ? 10.55516  -3.68869  -1.90920  1.000 38.37778 ? 55  LEU A CB  1 
ATOM 440  C CG  . LEU A 1 54  ? 10.65446  -2.22438  -2.34760  1.000 37.96889 ? 55  LEU A CG  1 
ATOM 441  C CD1 . LEU A 1 54  ? 10.20021  -1.29741  -1.23002  1.000 37.70052 ? 55  LEU A CD1 1 
ATOM 442  C CD2 . LEU A 1 54  ? 12.06750  -1.88826  -2.79572  1.000 38.29517 ? 55  LEU A CD2 1 
ATOM 443  N N   . LYS A 1 55  ? 8.20536   -5.30908  -3.51665  1.000 38.66958 ? 56  LYS A N   1 
ATOM 444  C CA  . LYS A 1 55  ? 7.26166   -5.40404  -4.62685  1.000 38.73773 ? 56  LYS A CA  1 
ATOM 445  C C   . LYS A 1 55  ? 5.82724   -5.47662  -4.11874  1.000 38.83126 ? 56  LYS A C   1 
ATOM 446  O O   . LYS A 1 55  ? 4.94672   -4.76085  -4.60859  1.000 38.83559 ? 56  LYS A O   1 
ATOM 447  C CB  . LYS A 1 55  ? 7.57873   -6.62634  -5.49019  1.000 38.89795 ? 56  LYS A CB  1 
ATOM 448  C CG  . LYS A 1 55  ? 8.84451   -6.52114  -6.32301  1.000 38.63309 ? 56  LYS A CG  1 
ATOM 449  C CD  . LYS A 1 55  ? 8.84357   -7.57252  -7.42374  1.000 38.51896 ? 56  LYS A CD  1 
ATOM 450  C CE  . LYS A 1 55  ? 10.15625  -7.59434  -8.18688  1.000 38.44953 ? 56  LYS A CE  1 
ATOM 451  N NZ  . LYS A 1 55  ? 11.26800  -8.13972  -7.36127  1.000 38.60051 ? 56  LYS A NZ  1 
ATOM 452  N N   . LYS A 1 56  ? 5.57859   -6.32709  -3.12153  1.000 38.95453 ? 57  LYS A N   1 
ATOM 453  C CA  . LYS A 1 56  ? 4.23769   -6.48236  -2.57570  1.000 38.92942 ? 57  LYS A CA  1 
ATOM 454  C C   . LYS A 1 56  ? 3.81940   -5.31573  -1.69194  1.000 39.05856 ? 57  LYS A C   1 
ATOM 455  O O   . LYS A 1 56  ? 2.62200   -5.15524  -1.43445  1.000 39.63024 ? 57  LYS A O   1 
ATOM 456  C CB  . LYS A 1 56  ? 4.14226   -7.79057  -1.78968  1.000 39.26650 ? 57  LYS A CB  1 
ATOM 457  C CG  . LYS A 1 56  ? 4.19889   -9.02868  -2.66620  1.000 40.40997 ? 57  LYS A CG  1 
ATOM 458  C CD  . LYS A 1 56  ? 4.28270   -10.29578 -1.83727  1.000 41.33840 ? 57  LYS A CD  1 
ATOM 459  C CE  . LYS A 1 56  ? 4.13722   -11.53225 -2.71130  1.000 42.27808 ? 57  LYS A CE  1 
ATOM 460  N NZ  . LYS A 1 56  ? 5.05194   -11.49301 -3.88598  1.000 41.67932 ? 57  LYS A NZ  1 
ATOM 461  N N   . ALA A 1 57  ? 4.76940   -4.50312  -1.22105  1.000 38.82041 ? 58  ALA A N   1 
ATOM 462  C CA  . ALA A 1 57  ? 4.40313   -3.31042  -0.46425  1.000 38.67397 ? 58  ALA A CA  1 
ATOM 463  C C   . ALA A 1 57  ? 3.78725   -2.25406  -1.36988  1.000 38.74014 ? 58  ALA A C   1 
ATOM 464  O O   . ALA A 1 57  ? 2.84105   -1.56549  -0.97351  1.000 38.92736 ? 58  ALA A O   1 
ATOM 465  C CB  . ALA A 1 57  ? 5.62168   -2.74182  0.26046   1.000 38.59760 ? 58  ALA A CB  1 
ATOM 466  N N   . TYR A 1 58  ? 4.30470   -2.11624  -2.59163  1.000 38.51590 ? 59  TYR A N   1 
ATOM 467  C CA  . TYR A 1 58  ? 3.76035   -1.13077  -3.51645  1.000 38.69705 ? 59  TYR A CA  1 
ATOM 468  C C   . TYR A 1 58  ? 2.47301   -1.61635  -4.17270  1.000 39.08948 ? 59  TYR A C   1 
ATOM 469  O O   . TYR A 1 58  ? 1.62978   -0.79488  -4.55223  1.000 39.35182 ? 59  TYR A O   1 
ATOM 470  C CB  . TYR A 1 58  ? 4.80193   -0.77448  -4.58113  1.000 38.52793 ? 59  TYR A CB  1 
ATOM 471  C CG  . TYR A 1 58  ? 4.34721   0.31515   -5.52455  1.000 38.60820 ? 59  TYR A CG  1 
ATOM 472  C CD1 . TYR A 1 58  ? 3.90903   0.01127   -6.80977  1.000 38.55628 ? 59  TYR A CD1 1 
ATOM 473  C CD2 . TYR A 1 58  ? 4.33116   1.64586   -5.12013  1.000 38.27364 ? 59  TYR A CD2 1 
ATOM 474  C CE1 . TYR A 1 58  ? 3.47658   1.00167   -7.66701  1.000 38.48185 ? 59  TYR A CE1 1 
ATOM 475  C CE2 . TYR A 1 58  ? 3.90367   2.64592   -5.97345  1.000 38.24167 ? 59  TYR A CE2 1 
ATOM 476  C CZ  . TYR A 1 58  ? 3.47977   2.31746   -7.24561  1.000 38.40112 ? 59  TYR A CZ  1 
ATOM 477  O OH  . TYR A 1 58  ? 3.05373   3.30941   -8.09765  1.000 38.65551 ? 59  TYR A OH  1 
ATOM 478  N N   . ILE A 1 59  ? 2.30842   -2.93357  -4.31889  1.000 39.08916 ? 60  ILE A N   1 
ATOM 479  C CA  . ILE A 1 59  ? 1.08140   -3.47941  -4.89305  1.000 39.35536 ? 60  ILE A CA  1 
ATOM 480  C C   . ILE A 1 59  ? -0.09084  -3.26860  -3.93948  1.000 39.88393 ? 60  ILE A C   1 
ATOM 481  O O   . ILE A 1 59  ? -1.18696  -2.86793  -4.35375  1.000 40.15169 ? 60  ILE A O   1 
ATOM 482  C CB  . ILE A 1 59  ? 1.28964   -4.96625  -5.24590  1.000 39.23469 ? 60  ILE A CB  1 
ATOM 483  C CG1 . ILE A 1 59  ? 2.22670   -5.09755  -6.44757  1.000 39.13214 ? 60  ILE A CG1 1 
ATOM 484  C CG2 . ILE A 1 59  ? -0.02838  -5.66695  -5.54711  1.000 40.30730 ? 60  ILE A CG2 1 
ATOM 485  C CD1 . ILE A 1 59  ? 2.66091   -6.51718  -6.73122  1.000 39.50165 ? 60  ILE A CD1 1 
ATOM 486  N N   . PHE A 1 60  ? 0.13621   -3.47574  -2.64571  1.000 39.72808 ? 61  PHE A N   1 
ATOM 487  C CA  . PHE A 1 60  ? -0.89470  -3.31756  -1.63097  1.000 39.82674 ? 61  PHE A CA  1 
ATOM 488  C C   . PHE A 1 60  ? -0.96912  -1.89999  -1.07032  1.000 39.82101 ? 61  PHE A C   1 
ATOM 489  O O   . PHE A 1 60  ? -1.71232  -1.66861  -0.11172  1.000 40.37503 ? 61  PHE A O   1 
ATOM 490  C CB  . PHE A 1 60  ? -0.66094  -4.31200  -0.48903  1.000 40.09680 ? 61  PHE A CB  1 
ATOM 491  C CG  . PHE A 1 60  ? -1.09522  -5.71693  -0.80516  1.000 40.35162 ? 61  PHE A CG  1 
ATOM 492  C CD1 . PHE A 1 60  ? -2.29374  -6.21056  -0.31373  1.000 40.78879 ? 61  PHE A CD1 1 
ATOM 493  C CD2 . PHE A 1 60  ? -0.30069  -6.54674  -1.58522  1.000 40.26200 ? 61  PHE A CD2 1 
ATOM 494  C CE1 . PHE A 1 60  ? -2.69785  -7.50287  -0.60050  1.000 41.40100 ? 61  PHE A CE1 1 
ATOM 495  C CE2 . PHE A 1 60  ? -0.69695  -7.84020  -1.87608  1.000 40.95596 ? 61  PHE A CE2 1 
ATOM 496  C CZ  . PHE A 1 60  ? -1.89742  -8.31879  -1.38213  1.000 41.74771 ? 61  PHE A CZ  1 
ATOM 497  N N   . HIS A 1 61  ? -0.22634  -0.94732  -1.64181  1.000 39.64656 ? 62  HIS A N   1 
ATOM 498  C CA  . HIS A 1 61  ? -0.19208  0.40232   -1.08762  1.000 39.69394 ? 62  HIS A CA  1 
ATOM 499  C C   . HIS A 1 61  ? -1.43317  1.21680   -1.42828  1.000 40.17102 ? 62  HIS A C   1 
ATOM 500  O O   . HIS A 1 61  ? -1.74954  2.16592   -0.70336  1.000 40.42578 ? 62  HIS A O   1 
ATOM 501  C CB  . HIS A 1 61  ? 1.06155   1.14651   -1.56379  1.000 39.42424 ? 62  HIS A CB  1 
ATOM 502  C CG  . HIS A 1 61  ? 0.86433   1.93704   -2.82026  1.000 39.41505 ? 62  HIS A CG  1 
ATOM 503  N ND1 . HIS A 1 61  ? 0.61981   1.34779   -4.04206  1.000 39.44202 ? 62  HIS A ND1 1 
ATOM 504  C CD2 . HIS A 1 61  ? 0.88751   3.27213   -3.04535  1.000 39.46135 ? 62  HIS A CD2 1 
ATOM 505  C CE1 . HIS A 1 61  ? 0.49400   2.28541   -4.96410  1.000 39.34020 ? 62  HIS A CE1 1 
ATOM 506  N NE2 . HIS A 1 61  ? 0.65283   3.46211   -4.38549  1.000 39.36950 ? 62  HIS A NE2 1 
ATOM 507  N N   . ASP A 1 62  ? -2.14227  0.87136   -2.50287  1.000 40.47563 ? 63  ASP A N   1 
ATOM 508  C CA  . ASP A 1 62  ? -3.35716  1.57045   -2.90426  1.000 40.51729 ? 63  ASP A CA  1 
ATOM 509  C C   . ASP A 1 62  ? -4.55027  0.62327   -2.96254  1.000 40.90297 ? 63  ASP A C   1 
ATOM 510  O O   . ASP A 1 62  ? -5.48418  0.83588   -3.73756  1.000 41.54903 ? 63  ASP A O   1 
ATOM 511  C CB  . ASP A 1 62  ? -3.16376  2.27163   -4.24904  1.000 40.49907 ? 63  ASP A CB  1 
ATOM 512  C CG  . ASP A 1 62  ? -2.62906  3.68380   -4.10057  1.000 40.15131 ? 63  ASP A CG  1 
ATOM 513  O OD1 . ASP A 1 62  ? -2.60204  4.19447   -2.96116  1.000 40.20333 ? 63  ASP A OD1 1 
ATOM 514  O OD2 . ASP A 1 62  ? -2.23722  4.28373   -5.12394  1.000 39.64802 ? 63  ASP A OD2 1 
ATOM 515  N N   . ILE A 1 63  ? -4.53346  -0.43026  -2.14132  1.000 40.72015 ? 64  ILE A N   1 
ATOM 516  C CA  . ILE A 1 63  ? -5.64698  -1.37571  -2.11922  1.000 40.99764 ? 64  ILE A CA  1 
ATOM 517  C C   . ILE A 1 63  ? -6.83158  -0.84423  -1.32702  1.000 41.30609 ? 64  ILE A C   1 
ATOM 518  O O   . ILE A 1 63  ? -7.94088  -1.37963  -1.45065  1.000 41.97367 ? 64  ILE A O   1 
ATOM 519  C CB  . ILE A 1 63  ? -5.15238  -2.73643  -1.58663  1.000 41.13314 ? 64  ILE A CB  1 
ATOM 520  C CG1 . ILE A 1 63  ? -5.98723  -3.88432  -2.16349  1.000 41.57272 ? 64  ILE A CG1 1 
ATOM 521  C CG2 . ILE A 1 63  ? -5.15271  -2.76818  -0.06165  1.000 41.20723 ? 64  ILE A CG2 1 
ATOM 522  C CD1 . ILE A 1 63  ? -5.52163  -5.25280  -1.73733  1.000 41.83439 ? 64  ILE A CD1 1 
ATOM 523  N N   . GLY A 1 64  ? -6.63908  0.21559   -0.53664  1.000 41.47235 ? 65  GLY A N   1 
ATOM 524  C CA  . GLY A 1 64  ? -7.75813  0.85512   0.13171   1.000 41.93354 ? 65  GLY A CA  1 
ATOM 525  C C   . GLY A 1 64  ? -8.62025  1.69101   -0.78815  1.000 42.05379 ? 65  GLY A C   1 
ATOM 526  O O   . GLY A 1 64  ? -9.75411  2.02034   -0.42711  1.000 42.37014 ? 65  GLY A O   1 
ATOM 527  N N   . LYS A 1 65  ? -8.11061  2.03376   -1.97395  1.000 42.08095 ? 66  LYS A N   1 
ATOM 528  C CA  . LYS A 1 65  ? -8.89828  2.69983   -3.00354  1.000 42.28203 ? 66  LYS A CA  1 
ATOM 529  C C   . LYS A 1 65  ? -9.84684  1.75240   -3.72532  1.000 42.55928 ? 66  LYS A C   1 
ATOM 530  O O   . LYS A 1 65  ? -10.66732 2.21327   -4.52718  1.000 42.70236 ? 66  LYS A O   1 
ATOM 531  C CB  . LYS A 1 65  ? -7.97464  3.36759   -4.02862  1.000 41.89340 ? 66  LYS A CB  1 
ATOM 532  C CG  . LYS A 1 65  ? -7.22264  4.58543   -3.50640  1.000 41.78894 ? 66  LYS A CG  1 
ATOM 533  C CD  . LYS A 1 65  ? -6.47430  5.29293   -4.62861  1.000 41.54354 ? 66  LYS A CD  1 
ATOM 534  C CE  . LYS A 1 65  ? -5.92274  6.63592   -4.17382  1.000 41.48346 ? 66  LYS A CE  1 
ATOM 535  N NZ  . LYS A 1 65  ? -5.20058  7.35325   -5.26197  1.000 41.23712 ? 66  LYS A NZ  1 
ATOM 536  N N   . CYS A 1 66  ? -9.75585  0.44938   -3.46041  1.000 42.57621 ? 67  CYS A N   1 
ATOM 537  C CA  . CYS A 1 66  ? -10.58799 -0.55398  -4.10306  1.000 42.81300 ? 67  CYS A CA  1 
ATOM 538  C C   . CYS A 1 66  ? -11.86718 -0.84012  -3.33262  1.000 43.39215 ? 67  CYS A C   1 
ATOM 539  O O   . CYS A 1 66  ? -12.50527 -1.86982  -3.57600  1.000 44.04697 ? 67  CYS A O   1 
ATOM 540  C CB  . CYS A 1 66  ? -9.79734  -1.84672  -4.28352  1.000 42.66401 ? 67  CYS A CB  1 
ATOM 541  S SG  . CYS A 1 66  ? -8.53691  -1.74906  -5.54477  1.000 42.90624 ? 67  CYS A SG  1 
ATOM 542  N N   . LEU A 1 67  ? -12.24280 0.03009   -2.40178  1.000 43.32736 ? 68  LEU A N   1 
ATOM 543  C CA  . LEU A 1 67  ? -13.49126 -0.13889  -1.67833  1.000 43.70470 ? 68  LEU A CA  1 
ATOM 544  C C   . LEU A 1 67  ? -14.66124 0.15111   -2.61846  1.000 43.84672 ? 68  LEU A C   1 
ATOM 545  O O   . LEU A 1 67  ? -14.55300 0.96241   -3.54287  1.000 44.02215 ? 68  LEU A O   1 
ATOM 546  C CB  . LEU A 1 67  ? -13.50913 0.79048   -0.46003  1.000 43.67363 ? 68  LEU A CB  1 
ATOM 547  C CG  . LEU A 1 67  ? -14.21158 0.41814   0.84942   1.000 44.37582 ? 68  LEU A CG  1 
ATOM 548  C CD1 . LEU A 1 67  ? -13.71481 1.32204   1.96136   1.000 44.25009 ? 68  LEU A CD1 1 
ATOM 549  C CD2 . LEU A 1 67  ? -15.70932 0.54438   0.75474   1.000 44.81390 ? 68  LEU A CD2 1 
ATOM 550  N N   . GLU A 1 68  ? -15.77837 -0.55393  -2.39723  1.000 43.90718 ? 69  GLU A N   1 
ATOM 551  C CA  . GLU A 1 68  ? -16.95624 -0.38755  -3.24673  1.000 43.94202 ? 69  GLU A CA  1 
ATOM 552  C C   . GLU A 1 68  ? -17.58745 0.99359   -3.09465  1.000 44.07628 ? 69  GLU A C   1 
ATOM 553  O O   . GLU A 1 68  ? -18.25620 1.46443   -4.01798  1.000 44.27054 ? 69  GLU A O   1 
ATOM 554  C CB  . GLU A 1 68  ? -17.99085 -1.47110  -2.94133  1.000 44.43708 ? 69  GLU A CB  1 
ATOM 555  C CG  . GLU A 1 68  ? -17.67094 -2.83970  -3.53148  1.000 44.74599 ? 69  GLU A CG  1 
ATOM 556  C CD  . GLU A 1 68  ? -18.76713 -3.85226  -3.26247  1.000 45.50502 ? 69  GLU A CD  1 
ATOM 557  O OE1 . GLU A 1 68  ? -18.59383 -5.03434  -3.63011  1.000 45.85614 ? 69  GLU A OE1 1 
ATOM 558  O OE2 . GLU A 1 68  ? -19.81377 -3.45681  -2.70403  1.000 45.68194 ? 69  GLU A OE2 1 
ATOM 559  N N   . GLU A 1 69  ? -17.39182 1.65641   -1.95049  1.000 44.18898 ? 70  GLU A N   1 
ATOM 560  C CA  . GLU A 1 69  ? -17.84062 3.03865   -1.81346  1.000 44.25343 ? 70  GLU A CA  1 
ATOM 561  C C   . GLU A 1 69  ? -16.98973 3.98940   -2.64683  1.000 44.03052 ? 70  GLU A C   1 
ATOM 562  O O   . GLU A 1 69  ? -17.49094 5.01544   -3.11777  1.000 44.10821 ? 70  GLU A O   1 
ATOM 563  C CB  . GLU A 1 69  ? -17.81446 3.45930   -0.34394  1.000 44.87959 ? 70  GLU A CB  1 
ATOM 564  C CG  . GLU A 1 69  ? -18.75393 2.65722   0.54385   1.000 45.44349 ? 70  GLU A CG  1 
ATOM 565  C CD  . GLU A 1 69  ? -18.94305 3.27196   1.91853   1.000 46.45271 ? 70  GLU A CD  1 
ATOM 566  O OE1 . GLU A 1 69  ? -19.87533 2.84558   2.63251   1.000 46.92133 ? 70  GLU A OE1 1 
ATOM 567  O OE2 . GLU A 1 69  ? -18.16935 4.18400   2.28227   1.000 46.43344 ? 70  GLU A OE2 1 
ATOM 568  N N   . PHE A 1 70  ? -15.71056 3.66719   -2.84752  1.000 43.91748 ? 71  PHE A N   1 
ATOM 569  C CA  . PHE A 1 70  ? -14.83506 4.56120   -3.59738  1.000 43.58821 ? 71  PHE A CA  1 
ATOM 570  C C   . PHE A 1 70  ? -15.00947 4.40223   -5.10308  1.000 43.51430 ? 71  PHE A C   1 
ATOM 571  O O   . PHE A 1 70  ? -15.01987 5.39869   -5.83431  1.000 43.62408 ? 71  PHE A O   1 
ATOM 572  C CB  . PHE A 1 70  ? -13.37688 4.32449   -3.20334  1.000 43.39027 ? 71  PHE A CB  1 
ATOM 573  C CG  . PHE A 1 70  ? -13.04278 4.78672   -1.81492  1.000 43.42399 ? 71  PHE A CG  1 
ATOM 574  C CD1 . PHE A 1 70  ? -13.70600 5.86869   -1.25438  1.000 43.52534 ? 71  PHE A CD1 1 
ATOM 575  C CD2 . PHE A 1 70  ? -12.06140 4.14769   -1.07374  1.000 43.37214 ? 71  PHE A CD2 1 
ATOM 576  C CE1 . PHE A 1 70  ? -13.40243 6.30067   0.02381   1.000 43.66138 ? 71  PHE A CE1 1 
ATOM 577  C CE2 . PHE A 1 70  ? -11.75004 4.57439   0.20617   1.000 43.34857 ? 71  PHE A CE2 1 
ATOM 578  C CZ  . PHE A 1 70  ? -12.42274 5.65174   0.75426   1.000 43.55335 ? 71  PHE A CZ  1 
ATOM 579  N N   . GLN A 1 71  ? -15.15302 3.16643   -5.58610  1.000 43.38172 ? 72  GLN A N   1 
ATOM 580  C CA  . GLN A 1 71  ? -15.26297 2.93442   -7.02131  1.000 43.44502 ? 72  GLN A CA  1 
ATOM 581  C C   . GLN A 1 71  ? -16.63622 3.28833   -7.57755  1.000 43.77272 ? 72  GLN A C   1 
ATOM 582  O O   . GLN A 1 71  ? -16.77511 3.43248   -8.79743  1.000 43.75015 ? 72  GLN A O   1 
ATOM 583  C CB  . GLN A 1 71  ? -14.93565 1.47538   -7.34643  1.000 43.38305 ? 72  GLN A CB  1 
ATOM 584  C CG  . GLN A 1 71  ? -13.50915 1.07674   -7.01064  1.000 43.20390 ? 72  GLN A CG  1 
ATOM 585  C CD  . GLN A 1 71  ? -12.48938 1.79890   -7.86853  1.000 43.00428 ? 72  GLN A CD  1 
ATOM 586  O OE1 . GLN A 1 71  ? -12.61336 1.84532   -9.09164  1.000 43.10461 ? 72  GLN A OE1 1 
ATOM 587  N NE2 . GLN A 1 71  ? -11.47365 2.36774   -7.22982  1.000 42.82550 ? 72  GLN A NE2 1 
ATOM 588  N N   . GLN A 1 72  ? -17.64591 3.43626   -6.72045  1.000 43.75591 ? 73  GLN A N   1 
ATOM 589  C CA  . GLN A 1 72  ? -18.99681 3.77408   -7.15357  1.000 43.48011 ? 73  GLN A CA  1 
ATOM 590  C C   . GLN A 1 72  ? -19.30490 5.26216   -7.06323  1.000 43.44389 ? 73  GLN A C   1 
ATOM 591  O O   . GLN A 1 72  ? -19.99855 5.79009   -7.93736  1.000 43.88317 ? 73  GLN A O   1 
ATOM 592  C CB  . GLN A 1 72  ? -20.02691 2.98883   -6.33749  1.000 43.34655 ? 73  GLN A CB  1 
ATOM 593  C CG  . GLN A 1 72  ? -20.10740 1.51433   -6.70322  1.000 43.29349 ? 73  GLN A CG  1 
ATOM 594  C CD  . GLN A 1 72  ? -20.86075 0.69774   -5.66970  1.000 43.62157 ? 73  GLN A CD  1 
ATOM 595  O OE1 . GLN A 1 72  ? -21.21128 1.19867   -4.60099  1.000 43.54285 ? 73  GLN A OE1 1 
ATOM 596  N NE2 . GLN A 1 72  ? -21.11259 -0.56816  -5.98401  1.000 43.93494 ? 73  GLN A NE2 1 
ATOM 597  N N   . ARG A 1 73  ? -18.81098 5.95065   -6.02632  1.000 43.36708 ? 74  ARG A N   1 
ATOM 598  C CA  . ARG A 1 73  ? -18.99288 7.39892   -5.93543  1.000 43.76991 ? 74  ARG A CA  1 
ATOM 599  C C   . ARG A 1 73  ? -18.24689 8.13710   -7.04133  1.000 44.09732 ? 74  ARG A C   1 
ATOM 600  O O   . ARG A 1 73  ? -18.69254 9.21171   -7.46570  1.000 44.19615 ? 74  ARG A O   1 
ATOM 601  C CB  . ARG A 1 73  ? -18.53602 7.91517   -4.56851  1.000 44.12536 ? 74  ARG A CB  1 
ATOM 602  C CG  . ARG A 1 73  ? -19.64744 8.11518   -3.53771  1.000 44.49060 ? 74  ARG A CG  1 
ATOM 603  C CD  . ARG A 1 73  ? -20.24001 6.81374   -3.02042  1.000 44.91900 ? 74  ARG A CD  1 
ATOM 604  N NE  . ARG A 1 73  ? -20.27868 6.79583   -1.55935  1.000 45.35214 ? 74  ARG A NE  1 
ATOM 605  C CZ  . ARG A 1 73  ? -20.63081 5.74232   -0.82845  1.000 45.76834 ? 74  ARG A CZ  1 
ATOM 606  N NH1 . ARG A 1 73  ? -20.97917 4.60701   -1.41954  1.000 45.77873 ? 74  ARG A NH1 1 
ATOM 607  N NH2 . ARG A 1 73  ? -20.63444 5.82330   0.49626   1.000 45.70353 ? 74  ARG A NH2 1 
ATOM 608  N N   . ARG A 1 74  ? -17.11175 7.58144   -7.49258  1.000 44.05445 ? 75  ARG A N   1 
ATOM 609  C CA  . ARG A 1 74  ? -16.31898 8.06508   -8.63348  1.000 43.71425 ? 75  ARG A CA  1 
ATOM 610  C C   . ARG A 1 74  ? -15.80943 9.49308   -8.43926  1.000 43.94600 ? 75  ARG A C   1 
ATOM 611  O O   . ARG A 1 74  ? -15.60508 10.22274  -9.41226  1.000 43.86606 ? 75  ARG A O   1 
ATOM 612  C CB  . ARG A 1 74  ? -17.10022 7.95539   -9.95064  1.000 43.47544 ? 75  ARG A CB  1 
ATOM 613  C CG  . ARG A 1 74  ? -17.50568 6.54011   -10.33698 1.000 43.70371 ? 75  ARG A CG  1 
ATOM 614  C CD  . ARG A 1 74  ? -18.10628 6.50884   -11.73785 1.000 43.67408 ? 75  ARG A CD  1 
ATOM 615  N NE  . ARG A 1 74  ? -17.08830 6.54421   -12.78400 1.000 43.64048 ? 75  ARG A NE  1 
ATOM 616  C CZ  . ARG A 1 74  ? -16.70189 5.48670   -13.48995 1.000 43.54964 ? 75  ARG A CZ  1 
ATOM 617  N NH1 . ARG A 1 74  ? -17.25181 4.30108   -13.26720 1.000 43.50512 ? 75  ARG A NH1 1 
ATOM 618  N NH2 . ARG A 1 74  ? -15.76725 5.61538   -14.42227 1.000 43.64408 ? 75  ARG A NH2 1 
ATOM 619  N N   . GLU A 1 75  ? -15.60672 9.91616   -7.18965  1.000 44.35805 ? 76  GLU A N   1 
ATOM 620  C CA  . GLU A 1 75  ? -15.12280 11.26657  -6.92070  1.000 44.55889 ? 76  GLU A CA  1 
ATOM 621  C C   . GLU A 1 75  ? -13.75328 11.28144  -6.25493  1.000 44.45357 ? 76  GLU A C   1 
ATOM 622  O O   . GLU A 1 75  ? -12.80936 11.83806  -6.82595  1.000 44.41385 ? 76  GLU A O   1 
ATOM 623  C CB  . GLU A 1 75  ? -16.14287 12.03161  -6.06564  1.000 44.53050 ? 76  GLU A CB  1 
ATOM 624  C CG  . GLU A 1 75  ? -17.48220 12.25660  -6.75030  1.000 45.10824 ? 76  GLU A CG  1 
ATOM 625  C CD  . GLU A 1 75  ? -18.46975 13.00226  -5.87293  1.000 46.15436 ? 76  GLU A CD  1 
ATOM 626  O OE1 . GLU A 1 75  ? -18.06092 13.49376  -4.79952  1.000 46.51616 ? 76  GLU A OE1 1 
ATOM 627  O OE2 . GLU A 1 75  ? -19.65397 13.10096  -6.25894  1.000 46.09646 ? 76  GLU A OE2 1 
ATOM 628  N N   . LYS A 1 76  ? -13.59880 10.66232  -5.08512  1.000 43.93211 ? 77  LYS A N   1 
ATOM 629  C CA  . LYS A 1 76  ? -12.37683 10.82246  -4.30897  1.000 43.34835 ? 77  LYS A CA  1 
ATOM 630  C C   . LYS A 1 76  ? -12.12409 9.57476   -3.47461  1.000 43.23549 ? 77  LYS A C   1 
ATOM 631  O O   . LYS A 1 76  ? -12.95403 8.66508   -3.40087  1.000 43.39611 ? 77  LYS A O   1 
ATOM 632  C CB  . LYS A 1 76  ? -12.44252 12.06937  -3.41755  1.000 43.25491 ? 77  LYS A CB  1 
ATOM 633  C CG  . LYS A 1 76  ? -11.83519 13.31433  -4.05016  1.000 43.23024 ? 77  LYS A CG  1 
ATOM 634  C CD  . LYS A 1 76  ? -12.32470 14.58476  -3.38040  1.000 43.38296 ? 77  LYS A CD  1 
ATOM 635  C CE  . LYS A 1 76  ? -11.95066 15.80979  -4.20088  1.000 42.88315 ? 77  LYS A CE  1 
ATOM 636  N NZ  . LYS A 1 76  ? -12.43359 17.07089  -3.57394  1.000 42.62883 ? 77  LYS A NZ  1 
ATOM 637  N N   . PHE A 1 77  ? -10.95456 9.55312   -2.83949  1.000 43.06736 ? 78  PHE A N   1 
ATOM 638  C CA  . PHE A 1 77  ? -10.44181 8.39127   -2.11786  1.000 42.87698 ? 78  PHE A CA  1 
ATOM 639  C C   . PHE A 1 77  ? -9.88827  8.81918   -0.76226  1.000 43.25389 ? 78  PHE A C   1 
ATOM 640  O O   . PHE A 1 77  ? -8.75138  8.50738   -0.40548  1.000 43.32593 ? 78  PHE A O   1 
ATOM 641  C CB  . PHE A 1 77  ? -9.37079  7.66656   -2.93344  1.000 42.52312 ? 78  PHE A CB  1 
ATOM 642  C CG  . PHE A 1 77  ? -9.82862  7.23564   -4.29819  1.000 42.30756 ? 78  PHE A CG  1 
ATOM 643  C CD1 . PHE A 1 77  ? -10.44384 6.00729   -4.47391  1.000 42.57168 ? 78  PHE A CD1 1 
ATOM 644  C CD2 . PHE A 1 77  ? -9.63811  8.05130   -5.40546  1.000 42.35357 ? 78  PHE A CD2 1 
ATOM 645  C CE1 . PHE A 1 77  ? -10.86725 5.59837   -5.72582  1.000 42.74361 ? 78  PHE A CE1 1 
ATOM 646  C CE2 . PHE A 1 77  ? -10.06657 7.65217   -6.65884  1.000 42.57502 ? 78  PHE A CE2 1 
ATOM 647  C CZ  . PHE A 1 77  ? -10.67602 6.42175   -6.81896  1.000 42.57957 ? 78  PHE A CZ  1 
ATOM 648  N N   . ARG A 1 78  ? -10.68457 9.57309   -0.00513  1.000 43.67522 ? 79  ARG A N   1 
ATOM 649  C CA  . ARG A 1 78  ? -10.23750 10.08220  1.28577   1.000 43.89052 ? 79  ARG A CA  1 
ATOM 650  C C   . ARG A 1 78  ? -10.12243 8.95217   2.30409   1.000 43.94792 ? 79  ARG A C   1 
ATOM 651  O O   . ARG A 1 78  ? -10.96084 8.04569   2.34078   1.000 43.83953 ? 79  ARG A O   1 
ATOM 652  C CB  . ARG A 1 78  ? -11.19703 11.16174  1.79287   1.000 44.80118 ? 79  ARG A CB  1 
ATOM 653  C CG  . ARG A 1 78  ? -10.67921 11.93722  2.99846   1.000 45.75401 ? 79  ARG A CG  1 
ATOM 654  C CD  . ARG A 1 78  ? -11.52381 13.16258  3.30776   1.000 46.40688 ? 79  ARG A CD  1 
ATOM 655  N NE  . ARG A 1 78  ? -11.05272 13.84856  4.50929   1.000 47.20621 ? 79  ARG A NE  1 
ATOM 656  C CZ  . ARG A 1 78  ? -10.09394 14.77042  4.52046   1.000 47.55311 ? 79  ARG A CZ  1 
ATOM 657  N NH1 . ARG A 1 78  ? -9.49505  15.12421  3.39070   1.000 47.55762 ? 79  ARG A NH1 1 
ATOM 658  N NH2 . ARG A 1 78  ? -9.73094  15.33853  5.66316   1.000 47.10402 ? 79  ARG A NH2 1 
ATOM 659  N N   . PHE A 1 79  ? -9.04848  9.01168   3.10754   1.000 44.12342 ? 80  PHE A N   1 
ATOM 660  C CA  . PHE A 1 79  ? -8.68136  8.01381   4.12350   1.000 43.95981 ? 80  PHE A CA  1 
ATOM 661  C C   . PHE A 1 79  ? -8.47110  6.62456   3.52372   1.000 43.29915 ? 80  PHE A C   1 
ATOM 662  O O   . PHE A 1 79  ? -8.74015  5.61156   4.17285   1.000 43.32120 ? 80  PHE A O   1 
ATOM 663  C CB  . PHE A 1 79  ? -9.70109  7.95579   5.26947   1.000 44.69766 ? 80  PHE A CB  1 
ATOM 664  C CG  . PHE A 1 79  ? -9.84774  9.24859   6.01611   1.000 45.61333 ? 80  PHE A CG  1 
ATOM 665  C CD1 . PHE A 1 79  ? -8.73527  10.02455  6.31011   1.000 45.95996 ? 80  PHE A CD1 1 
ATOM 666  C CD2 . PHE A 1 79  ? -11.09942 9.69268   6.41807   1.000 46.08776 ? 80  PHE A CD2 1 
ATOM 667  C CE1 . PHE A 1 79  ? -8.86659  11.21958  6.99941   1.000 46.81775 ? 80  PHE A CE1 1 
ATOM 668  C CE2 . PHE A 1 79  ? -11.24005 10.88552  7.10803   1.000 46.98847 ? 80  PHE A CE2 1 
ATOM 669  C CZ  . PHE A 1 79  ? -10.12136 11.65022  7.39822   1.000 47.32113 ? 80  PHE A CZ  1 
ATOM 670  N N   . HIS A 1 80  ? -7.97273  6.56244   2.28607   1.000 42.92408 ? 81  HIS A N   1 
ATOM 671  C CA  . HIS A 1 80  ? -7.68652  5.27226   1.66944   1.000 42.59093 ? 81  HIS A CA  1 
ATOM 672  C C   . HIS A 1 80  ? -6.39247  4.66648   2.19514   1.000 42.27351 ? 81  HIS A C   1 
ATOM 673  O O   . HIS A 1 80  ? -6.23329  3.44138   2.16693   1.000 42.16151 ? 81  HIS A O   1 
ATOM 674  C CB  . HIS A 1 80  ? -7.61828  5.41132   0.14729   1.000 42.42679 ? 81  HIS A CB  1 
ATOM 675  C CG  . HIS A 1 80  ? -6.42257  6.17026   -0.33747  1.000 42.09284 ? 81  HIS A CG  1 
ATOM 676  N ND1 . HIS A 1 80  ? -6.39337  7.54613   -0.40754  1.000 42.36690 ? 81  HIS A ND1 1 
ATOM 677  C CD2 . HIS A 1 80  ? -5.21214  5.74590   -0.77195  1.000 41.93094 ? 81  HIS A CD2 1 
ATOM 678  C CE1 . HIS A 1 80  ? -5.21792  7.93680   -0.86618  1.000 42.31465 ? 81  HIS A CE1 1 
ATOM 679  N NE2 . HIS A 1 80  ? -4.48186  6.86387   -1.09358  1.000 42.12103 ? 81  HIS A NE2 1 
ATOM 680  N N   . GLU A 1 81  ? -5.46295  5.49968   2.67383   1.000 42.21900 ? 82  GLU A N   1 
ATOM 681  C CA  . GLU A 1 81  ? -4.23329  4.98963   3.26948   1.000 41.93453 ? 82  GLU A CA  1 
ATOM 682  C C   . GLU A 1 81  ? -4.48249  4.33740   4.62337   1.000 41.91024 ? 82  GLU A C   1 
ATOM 683  O O   . GLU A 1 81  ? -3.67535  3.50850   5.05727   1.000 41.40147 ? 82  GLU A O   1 
ATOM 684  C CB  . GLU A 1 81  ? -3.19645  6.11421   3.39436   1.000 41.84781 ? 82  GLU A CB  1 
ATOM 685  C CG  . GLU A 1 81  ? -3.47684  7.16793   4.46876   1.000 42.00904 ? 82  GLU A CG  1 
ATOM 686  C CD  . GLU A 1 81  ? -4.44425  8.24881   4.01577   1.000 42.67072 ? 82  GLU A CD  1 
ATOM 687  O OE1 . GLU A 1 81  ? -4.84618  8.24026   2.83281   1.000 42.87380 ? 82  GLU A OE1 1 
ATOM 688  O OE2 . GLU A 1 81  ? -4.80303  9.11014   4.84683   1.000 42.96748 ? 82  GLU A OE2 1 
ATOM 689  N N   . VAL A 1 82  ? -5.58126  4.69128   5.29287   1.000 42.19464 ? 83  VAL A N   1 
ATOM 690  C CA  . VAL A 1 82  ? -5.99923  3.96667   6.48635   1.000 42.22409 ? 83  VAL A CA  1 
ATOM 691  C C   . VAL A 1 82  ? -6.51818  2.58552   6.10609   1.000 42.10928 ? 83  VAL A C   1 
ATOM 692  O O   . VAL A 1 82  ? -6.15479  1.57608   6.72366   1.000 41.95986 ? 83  VAL A O   1 
ATOM 693  C CB  . VAL A 1 82  ? -7.05211  4.79076   7.25327   1.000 43.21351 ? 83  VAL A CB  1 
ATOM 694  C CG1 . VAL A 1 82  ? -7.74619  3.95394   8.31938   1.000 43.80050 ? 83  VAL A CG1 1 
ATOM 695  C CG2 . VAL A 1 82  ? -6.40789  6.02181   7.87331   1.000 43.57109 ? 83  VAL A CG2 1 
ATOM 696  N N   . TYR A 1 83  ? -7.34698  2.51535   5.05978   1.000 42.45029 ? 84  TYR A N   1 
ATOM 697  C CA  . TYR A 1 83  ? -7.92009  1.23879   4.64337   1.000 42.40336 ? 84  TYR A CA  1 
ATOM 698  C C   . TYR A 1 83  ? -6.88805  0.35767   3.95003   1.000 41.90488 ? 84  TYR A C   1 
ATOM 699  O O   . TYR A 1 83  ? -7.01477  -0.87140  3.97109   1.000 41.87307 ? 84  TYR A O   1 
ATOM 700  C CB  . TYR A 1 83  ? -9.12102  1.46766   3.72072   1.000 42.57824 ? 84  TYR A CB  1 
ATOM 701  C CG  . TYR A 1 83  ? -10.18238 2.40195   4.27009   1.000 42.97948 ? 84  TYR A CG  1 
ATOM 702  C CD1 . TYR A 1 83  ? -10.53106 2.38769   5.61958   1.000 43.46940 ? 84  TYR A CD1 1 
ATOM 703  C CD2 . TYR A 1 83  ? -10.83912 3.29760   3.43292   1.000 43.19306 ? 84  TYR A CD2 1 
ATOM 704  C CE1 . TYR A 1 83  ? -11.49822 3.24620   6.11848   1.000 44.37480 ? 84  TYR A CE1 1 
ATOM 705  C CE2 . TYR A 1 83  ? -11.80696 4.15843   3.92197   1.000 43.80401 ? 84  TYR A CE2 1 
ATOM 706  C CZ  . TYR A 1 83  ? -12.13251 4.12745   5.26370   1.000 44.65079 ? 84  TYR A CZ  1 
ATOM 707  O OH  . TYR A 1 83  ? -13.09528 4.98207   5.75064   1.000 45.26683 ? 84  TYR A OH  1 
ATOM 708  N N   . SER A 1 84  ? -5.86830  0.95991   3.33155   1.000 41.65157 ? 85  SER A N   1 
ATOM 709  C CA  . SER A 1 84  ? -4.80397  0.16735   2.72386   1.000 41.17699 ? 85  SER A CA  1 
ATOM 710  C C   . SER A 1 84  ? -3.91461  -0.46008  3.78792   1.000 41.27239 ? 85  SER A C   1 
ATOM 711  O O   . SER A 1 84  ? -3.45919  -1.59924  3.63404   1.000 41.22473 ? 85  SER A O   1 
ATOM 712  C CB  . SER A 1 84  ? -3.96478  1.03391   1.78537   1.000 41.02047 ? 85  SER A CB  1 
ATOM 713  O OG  . SER A 1 84  ? -4.77079  1.89565   1.00574   1.000 41.36869 ? 85  SER A OG  1 
ATOM 714  N N   . ALA A 1 85  ? -3.66148  0.26960   4.87595   1.000 41.26986 ? 86  ALA A N   1 
ATOM 715  C CA  . ALA A 1 85  ? -2.78348  -0.22267  5.92887   1.000 40.81980 ? 86  ALA A CA  1 
ATOM 716  C C   . ALA A 1 85  ? -3.44947  -1.29067  6.78397   1.000 41.11332 ? 86  ALA A C   1 
ATOM 717  O O   . ALA A 1 85  ? -2.75569  -2.14293  7.34886   1.000 41.30166 ? 86  ALA A O   1 
ATOM 718  C CB  . ALA A 1 85  ? -2.32278  0.93754   6.80875   1.000 40.68851 ? 86  ALA A CB  1 
ATOM 719  N N   . LEU A 1 86  ? -4.77915  -1.26082  6.89837   1.000 41.49477 ? 87  LEU A N   1 
ATOM 720  C CA  . LEU A 1 86  ? -5.47234  -2.29621  7.65766   1.000 41.77054 ? 87  LEU A CA  1 
ATOM 721  C C   . LEU A 1 86  ? -5.48634  -3.61661  6.89783   1.000 41.96429 ? 87  LEU A C   1 
ATOM 722  O O   . LEU A 1 86  ? -5.37232  -4.68778  7.50551   1.000 41.87722 ? 87  LEU A O   1 
ATOM 723  C CB  . LEU A 1 86  ? -6.89442  -1.84502  7.98851   1.000 42.10357 ? 87  LEU A CB  1 
ATOM 724  C CG  . LEU A 1 86  ? -7.01345  -0.76182  9.06234   1.000 42.10207 ? 87  LEU A CG  1 
ATOM 725  C CD1 . LEU A 1 86  ? -8.45677  -0.30882  9.21679   1.000 43.27214 ? 87  LEU A CD1 1 
ATOM 726  C CD2 . LEU A 1 86  ? -6.45702  -1.25750  10.38751  1.000 42.63022 ? 87  LEU A CD2 1 
ATOM 727  N N   . VAL A 1 87  ? -5.62256  -3.55595  5.56931   1.000 41.98488 ? 88  VAL A N   1 
ATOM 728  C CA  . VAL A 1 87  ? -5.52045  -4.75489  4.74129   1.000 41.71565 ? 88  VAL A CA  1 
ATOM 729  C C   . VAL A 1 87  ? -4.09677  -5.29736  4.76654   1.000 41.69248 ? 88  VAL A C   1 
ATOM 730  O O   . VAL A 1 87  ? -3.87873  -6.50310  4.94236   1.000 41.76001 ? 88  VAL A O   1 
ATOM 731  C CB  . VAL A 1 87  ? -5.98730  -4.44782  3.30489   1.000 41.59069 ? 88  VAL A CB  1 
ATOM 732  C CG1 . VAL A 1 87  ? -5.70446  -5.61772  2.37504   1.000 41.72320 ? 88  VAL A CG1 1 
ATOM 733  C CG2 . VAL A 1 87  ? -7.46424  -4.11182  3.28694   1.000 42.31252 ? 88  VAL A CG2 1 
ATOM 734  N N   . ALA A 1 88  ? -3.10581  -4.41031  4.63243   1.000 41.58870 ? 89  ALA A N   1 
ATOM 735  C CA  . ALA A 1 88  ? -1.70648  -4.82065  4.64176   1.000 41.16187 ? 89  ALA A CA  1 
ATOM 736  C C   . ALA A 1 88  ? -1.24447  -5.30847  6.00853   1.000 41.17859 ? 89  ALA A C   1 
ATOM 737  O O   . ALA A 1 88  ? -0.24389  -6.02725  6.08449   1.000 41.13235 ? 89  ALA A O   1 
ATOM 738  C CB  . ALA A 1 88  ? -0.81800  -3.66781  4.17793   1.000 40.76452 ? 89  ALA A CB  1 
ATOM 739  N N   . ARG A 1 89  ? -1.94031  -4.93350  7.08574   1.000 41.53708 ? 90  ARG A N   1 
ATOM 740  C CA  . ARG A 1 89  ? -1.64529  -5.52267  8.38676   1.000 41.83790 ? 90  ARG A CA  1 
ATOM 741  C C   . ARG A 1 89  ? -2.07220  -6.98351  8.43957   1.000 41.98340 ? 90  ARG A C   1 
ATOM 742  O O   . ARG A 1 89  ? -1.40657  -7.79963  9.08513   1.000 41.98728 ? 90  ARG A O   1 
ATOM 743  C CB  . ARG A 1 89  ? -2.33169  -4.72875  9.49937   1.000 42.12034 ? 90  ARG A CB  1 
ATOM 744  C CG  . ARG A 1 89  ? -1.85472  -5.08509  10.90088  1.000 42.73986 ? 90  ARG A CG  1 
ATOM 745  C CD  . ARG A 1 89  ? -2.60637  -4.30693  11.96657  1.000 43.79228 ? 90  ARG A CD  1 
ATOM 746  N NE  . ARG A 1 89  ? -3.46155  -5.16885  12.77745  1.000 44.85629 ? 90  ARG A NE  1 
ATOM 747  C CZ  . ARG A 1 89  ? -3.05626  -5.80866  13.87025  1.000 45.57612 ? 90  ARG A CZ  1 
ATOM 748  N NH1 . ARG A 1 89  ? -1.80237  -5.68803  14.28672  1.000 45.45519 ? 90  ARG A NH1 1 
ATOM 749  N NH2 . ARG A 1 89  ? -3.90387  -6.57182  14.54696  1.000 45.65071 ? 90  ARG A NH2 1 
ATOM 750  N N   . GLU A 1 90  ? -3.16409  -7.33324  7.75639   1.000 41.99641 ? 91  GLU A N   1 
ATOM 751  C CA  . GLU A 1 90  ? -3.62722  -8.71571  7.73587   1.000 41.97372 ? 91  GLU A CA  1 
ATOM 752  C C   . GLU A 1 90  ? -2.85168  -9.56430  6.73510   1.000 41.62302 ? 91  GLU A C   1 
ATOM 753  O O   . GLU A 1 90  ? -2.61686  -10.75152 6.98704   1.000 41.75687 ? 91  GLU A O   1 
ATOM 754  C CB  . GLU A 1 90  ? -5.12377  -8.75893  7.41653   1.000 42.28041 ? 91  GLU A CB  1 
ATOM 755  C CG  . GLU A 1 90  ? -5.79052  -10.09489 7.69898   1.000 42.52459 ? 91  GLU A CG  1 
ATOM 756  C CD  . GLU A 1 90  ? -5.77618  -10.45038 9.17289   1.000 42.90219 ? 91  GLU A CD  1 
ATOM 757  O OE1 . GLU A 1 90  ? -6.00869  -9.54855  10.00630  1.000 43.06996 ? 91  GLU A OE1 1 
ATOM 758  O OE2 . GLU A 1 90  ? -5.53234  -11.63108 9.49834   1.000 42.93073 ? 91  GLU A OE2 1 
ATOM 759  N N   . VAL A 1 91  ? -2.44442  -8.97958  5.60832   1.000 41.33021 ? 92  VAL A N   1 
ATOM 760  C CA  . VAL A 1 91  ? -1.73224  -9.73605  4.58306   1.000 41.30525 ? 92  VAL A CA  1 
ATOM 761  C C   . VAL A 1 91  ? -0.29145  -10.00013 5.00636   1.000 41.39580 ? 92  VAL A C   1 
ATOM 762  O O   . VAL A 1 91  ? 0.19324   -11.13610 4.93766   1.000 41.78162 ? 92  VAL A O   1 
ATOM 763  C CB  . VAL A 1 91  ? -1.80424  -8.99499  3.23338   1.000 41.37098 ? 92  VAL A CB  1 
ATOM 764  C CG1 . VAL A 1 91  ? -0.92670  -9.67402  2.19283   1.000 41.51376 ? 92  VAL A CG1 1 
ATOM 765  C CG2 . VAL A 1 91  ? -3.24280  -8.92970  2.74416   1.000 41.76679 ? 92  VAL A CG2 1 
ATOM 766  N N   . PHE A 1 92  ? 0.40620   -8.96689  5.47553   1.000 41.10400 ? 93  PHE A N   1 
ATOM 767  C CA  . PHE A 1 92  ? 1.81881   -9.07267  5.81708   1.000 40.70536 ? 93  PHE A CA  1 
ATOM 768  C C   . PHE A 1 92  ? 2.06048   -9.51802  7.25557   1.000 40.82707 ? 93  PHE A C   1 
ATOM 769  O O   . PHE A 1 92  ? 3.18598   -9.38415  7.74508   1.000 40.50414 ? 93  PHE A O   1 
ATOM 770  C CB  . PHE A 1 92  ? 2.52678   -7.73515  5.57730   1.000 40.33617 ? 93  PHE A CB  1 
ATOM 771  C CG  . PHE A 1 92  ? 2.65265   -7.36091  4.12867   1.000 40.18690 ? 93  PHE A CG  1 
ATOM 772  C CD1 . PHE A 1 92  ? 3.77588   -7.72609  3.40214   1.000 40.03234 ? 93  PHE A CD1 1 
ATOM 773  C CD2 . PHE A 1 92  ? 1.65636   -6.63049  3.49724   1.000 40.11772 ? 93  PHE A CD2 1 
ATOM 774  C CE1 . PHE A 1 92  ? 3.89899   -7.38004  2.06699   1.000 39.74436 ? 93  PHE A CE1 1 
ATOM 775  C CE2 . PHE A 1 92  ? 1.77193   -6.28057  2.16353   1.000 39.74785 ? 93  PHE A CE2 1 
ATOM 776  C CZ  . PHE A 1 92  ? 2.89484   -6.65588  1.44841   1.000 39.50671 ? 93  PHE A CZ  1 
ATOM 777  N N   . LYS A 1 93  ? 1.04387   -10.04820 7.94296   1.000 41.21311 ? 94  LYS A N   1 
ATOM 778  C CA  . LYS A 1 93  ? 1.23901   -10.47557 9.32502   1.000 41.22093 ? 94  LYS A CA  1 
ATOM 779  C C   . LYS A 1 93  ? 2.06137   -11.75306 9.42795   1.000 40.92819 ? 94  LYS A C   1 
ATOM 780  O O   . LYS A 1 93  ? 2.63047   -12.02145 10.48984  1.000 41.01487 ? 94  LYS A O   1 
ATOM 781  C CB  . LYS A 1 93  ? -0.11010  -10.66259 10.02747  1.000 41.50423 ? 94  LYS A CB  1 
ATOM 782  C CG  . LYS A 1 93  ? -0.87960  -11.91405 9.63632   1.000 41.59395 ? 94  LYS A CG  1 
ATOM 783  C CD  . LYS A 1 93  ? -2.13968  -12.06554 10.47288  1.000 42.01445 ? 94  LYS A CD  1 
ATOM 784  C CE  . LYS A 1 93  ? -2.79830  -13.41584 10.24208  1.000 42.44262 ? 94  LYS A CE  1 
ATOM 785  N NZ  . LYS A 1 93  ? -4.09886  -13.52970 10.95972  1.000 42.65044 ? 94  LYS A NZ  1 
ATOM 786  N N   . LYS A 1 94  ? 2.15979   -12.52928 8.34854   1.000 40.81689 ? 95  LYS A N   1 
ATOM 787  C CA  . LYS A 1 94  ? 2.94312   -13.75615 8.35845   1.000 41.17709 ? 95  LYS A CA  1 
ATOM 788  C C   . LYS A 1 94  ? 4.44410   -13.50535 8.30126   1.000 41.14934 ? 95  LYS A C   1 
ATOM 789  O O   . LYS A 1 94  ? 5.21968   -14.43136 8.56349   1.000 41.07237 ? 95  LYS A O   1 
ATOM 790  C CB  . LYS A 1 94  ? 2.52390   -14.64810 7.18930   1.000 41.32753 ? 95  LYS A CB  1 
ATOM 791  C CG  . LYS A 1 94  ? 2.74514   -14.01990 5.82792   1.000 41.36449 ? 95  LYS A CG  1 
ATOM 792  C CD  . LYS A 1 94  ? 2.33827   -14.97033 4.72148   1.000 42.20983 ? 95  LYS A CD  1 
ATOM 793  C CE  . LYS A 1 94  ? 2.75479   -14.44484 3.36305   1.000 42.86484 ? 95  LYS A CE  1 
ATOM 794  N NZ  . LYS A 1 94  ? 2.46782   -15.43790 2.29920   1.000 44.00539 ? 95  LYS A NZ  1 
ATOM 795  N N   . TYR A 1 95  ? 4.87031   -12.28880 7.97111   1.000 41.09111 ? 96  TYR A N   1 
ATOM 796  C CA  . TYR A 1 95  ? 6.28305   -11.93991 7.93651   1.000 40.87700 ? 96  TYR A CA  1 
ATOM 797  C C   . TYR A 1 95  ? 6.79116   -11.40714 9.26985   1.000 40.64257 ? 96  TYR A C   1 
ATOM 798  O O   . TYR A 1 95  ? 7.96067   -11.01920 9.36035   1.000 40.32691 ? 96  TYR A O   1 
ATOM 799  C CB  . TYR A 1 95  ? 6.54373   -10.91049 6.83119   1.000 40.56617 ? 96  TYR A CB  1 
ATOM 800  C CG  . TYR A 1 95  ? 6.24095   -11.42358 5.44048   1.000 40.77679 ? 96  TYR A CG  1 
ATOM 801  C CD1 . TYR A 1 95  ? 7.07304   -12.35328 4.82500   1.000 40.86729 ? 96  TYR A CD1 1 
ATOM 802  C CD2 . TYR A 1 95  ? 5.12098   -10.98056 4.74382   1.000 41.10279 ? 96  TYR A CD2 1 
ATOM 803  C CE1 . TYR A 1 95  ? 6.79838   -12.82822 3.55143   1.000 41.31351 ? 96  TYR A CE1 1 
ATOM 804  C CE2 . TYR A 1 95  ? 4.83798   -11.44832 3.46954   1.000 41.38551 ? 96  TYR A CE2 1 
ATOM 805  C CZ  . TYR A 1 95  ? 5.67993   -12.37161 2.87999   1.000 41.53813 ? 96  TYR A CZ  1 
ATOM 806  O OH  . TYR A 1 95  ? 5.40287   -12.83929 1.61522   1.000 42.10731 ? 96  TYR A OH  1 
ATOM 807  N N   . GLY A 1 96  ? 5.94600   -11.37576 10.29824  1.000 40.37243 ? 97  GLY A N   1 
ATOM 808  C CA  . GLY A 1 96  ? 6.36996   -10.96275 11.62129  1.000 40.19888 ? 97  GLY A CA  1 
ATOM 809  C C   . GLY A 1 96  ? 6.30476   -9.46861  11.85638  1.000 39.56316 ? 97  GLY A C   1 
ATOM 810  O O   . GLY A 1 96  ? 5.39173   -8.79279  11.37208  1.000 39.40933 ? 97  GLY A O   1 
ATOM 811  N N   . ASP A 1 97  ? 7.27967   -8.94218  12.60329  1.000 39.41519 ? 98  ASP A N   1 
ATOM 812  C CA  . ASP A 1 97  ? 7.31536   -7.51608  12.90752  1.000 39.62109 ? 98  ASP A CA  1 
ATOM 813  C C   . ASP A 1 97  ? 7.71360   -6.67466  11.70215  1.000 39.25754 ? 98  ASP A C   1 
ATOM 814  O O   . ASP A 1 97  ? 7.45530   -5.46615  11.69388  1.000 39.06845 ? 98  ASP A O   1 
ATOM 815  C CB  . ASP A 1 97  ? 8.28165   -7.24914  14.06438  1.000 39.94154 ? 98  ASP A CB  1 
ATOM 816  C CG  . ASP A 1 97  ? 7.66908   -7.54692  15.42105  1.000 39.86738 ? 98  ASP A CG  1 
ATOM 817  O OD1 . ASP A 1 97  ? 6.45015   -7.81376  15.48284  1.000 40.09586 ? 98  ASP A OD1 1 
ATOM 818  O OD2 . ASP A 1 97  ? 8.40950   -7.51428  16.42706  1.000 39.47399 ? 98  ASP A OD2 1 
ATOM 819  N N   . ILE A 1 98  ? 8.34052   -7.28408  10.69286  1.000 39.31903 ? 99  ILE A N   1 
ATOM 820  C CA  . ILE A 1 98  ? 8.71880   -6.55201  9.48911   1.000 38.97447 ? 99  ILE A CA  1 
ATOM 821  C C   . ILE A 1 98  ? 7.48410   -6.23922  8.65145   1.000 38.82730 ? 99  ILE A C   1 
ATOM 822  O O   . ILE A 1 98  ? 7.41517   -5.19246  7.99451   1.000 38.85070 ? 99  ILE A O   1 
ATOM 823  C CB  . ILE A 1 98  ? 9.77611   -7.36049  8.70951   1.000 38.93396 ? 99  ILE A CB  1 
ATOM 824  C CG1 . ILE A 1 98  ? 10.95226  -7.70010  9.62785   1.000 39.21767 ? 99  ILE A CG1 1 
ATOM 825  C CG2 . ILE A 1 98  ? 10.29798  -6.59453  7.49993   1.000 38.68882 ? 99  ILE A CG2 1 
ATOM 826  C CD1 . ILE A 1 98  ? 11.63066  -6.48239  10.23714  1.000 38.74323 ? 99  ILE A CD1 1 
ATOM 827  N N   . GLY A 1 99  ? 6.47639   -7.11393  8.68825   1.000 39.09984 ? 100 GLY A N   1 
ATOM 828  C CA  . GLY A 1 99  ? 5.22497   -6.81927  8.01319   1.000 39.09828 ? 100 GLY A CA  1 
ATOM 829  C C   . GLY A 1 99  ? 4.43376   -5.71052  8.67650   1.000 38.97316 ? 100 GLY A C   1 
ATOM 830  O O   . GLY A 1 99  ? 3.65849   -5.01588  8.01283   1.000 39.07304 ? 100 GLY A O   1 
ATOM 831  N N   . GLY A 1 100 ? 4.60999   -5.53008  9.98770   1.000 38.96349 ? 101 GLY A N   1 
ATOM 832  C CA  . GLY A 1 100 ? 4.03232   -4.37437  10.64945  1.000 38.86877 ? 101 GLY A CA  1 
ATOM 833  C C   . GLY A 1 100 ? 4.73651   -3.08388  10.28724  1.000 38.65886 ? 101 GLY A C   1 
ATOM 834  O O   . GLY A 1 100 ? 4.12157   -2.01480  10.29696  1.000 38.71428 ? 101 GLY A O   1 
ATOM 835  N N   . VAL A 1 101 ? 6.03063   -3.16521  9.96994   1.000 38.74712 ? 102 VAL A N   1 
ATOM 836  C CA  . VAL A 1 101 ? 6.77246   -2.00876  9.47597   1.000 38.56264 ? 102 VAL A CA  1 
ATOM 837  C C   . VAL A 1 101 ? 6.26763   -1.60683  8.09184   1.000 38.71408 ? 102 VAL A C   1 
ATOM 838  O O   . VAL A 1 101 ? 6.11661   -0.41391  7.79049   1.000 38.84554 ? 102 VAL A O   1 
ATOM 839  C CB  . VAL A 1 101 ? 8.28227   -2.33183  9.49273   1.000 38.00921 ? 102 VAL A CB  1 
ATOM 840  C CG1 . VAL A 1 101 ? 9.07126   -1.49476  8.49943   1.000 37.39093 ? 102 VAL A CG1 1 
ATOM 841  C CG2 . VAL A 1 101 ? 8.84001   -2.15440  10.89703  1.000 38.37643 ? 102 VAL A CG2 1 
ATOM 842  N N   . VAL A 1 102 ? 5.95559   -2.59924  7.25091   1.000 38.86767 ? 103 VAL A N   1 
ATOM 843  C CA  . VAL A 1 102 ? 5.38364   -2.34947  5.92899   1.000 38.63696 ? 103 VAL A CA  1 
ATOM 844  C C   . VAL A 1 102 ? 3.99915   -1.71777  6.05078   1.000 38.89946 ? 103 VAL A C   1 
ATOM 845  O O   . VAL A 1 102 ? 3.65525   -0.79339  5.30296   1.000 39.07869 ? 103 VAL A O   1 
ATOM 846  C CB  . VAL A 1 102 ? 5.35261   -3.66629  5.12594   1.000 38.60142 ? 103 VAL A CB  1 
ATOM 847  C CG1 . VAL A 1 102 ? 4.60597   -3.51015  3.80719   1.000 38.80900 ? 103 VAL A CG1 1 
ATOM 848  C CG2 . VAL A 1 102 ? 6.76806   -4.16115  4.87267   1.000 38.40714 ? 103 VAL A CG2 1 
ATOM 849  N N   . SER A 1 103 ? 3.20847   -2.16477  7.03142   1.000 39.09593 ? 104 SER A N   1 
ATOM 850  C CA  . SER A 1 103 ? 1.86243   -1.62998  7.21800   1.000 39.20764 ? 104 SER A CA  1 
ATOM 851  C C   . SER A 1 103 ? 1.87877   -0.19506  7.73766   1.000 39.35985 ? 104 SER A C   1 
ATOM 852  O O   . SER A 1 103 ? 0.93722   0.56310   7.48034   1.000 39.59191 ? 104 SER A O   1 
ATOM 853  C CB  . SER A 1 103 ? 1.07395   -2.52984  8.16885   1.000 39.84128 ? 104 SER A CB  1 
ATOM 854  O OG  . SER A 1 103 ? -0.27202  -2.10367  8.27431   1.000 41.10356 ? 104 SER A OG  1 
ATOM 855  N N   . VAL A 1 104 ? 2.93113   0.19800   8.45909   1.000 39.23431 ? 105 VAL A N   1 
ATOM 856  C CA  . VAL A 1 104 ? 3.05191   1.58627   8.89742   1.000 38.96529 ? 105 VAL A CA  1 
ATOM 857  C C   . VAL A 1 104 ? 3.45704   2.47778   7.72612   1.000 39.05015 ? 105 VAL A C   1 
ATOM 858  O O   . VAL A 1 104 ? 2.93508   3.58956   7.56260   1.000 39.32801 ? 105 VAL A O   1 
ATOM 859  C CB  . VAL A 1 104 ? 4.03910   1.67863   10.08035  1.000 38.68501 ? 105 VAL A CB  1 
ATOM 860  C CG1 . VAL A 1 104 ? 4.43086   3.11928   10.38879  1.000 38.77442 ? 105 VAL A CG1 1 
ATOM 861  C CG2 . VAL A 1 104 ? 3.42727   1.04452   11.31787  1.000 39.64613 ? 105 VAL A CG2 1 
ATOM 862  N N   . ALA A 1 105 ? 4.35316   1.98227   6.86360   1.000 38.90558 ? 106 ALA A N   1 
ATOM 863  C CA  . ALA A 1 105 ? 4.82990   2.76678   5.72632   1.000 38.70905 ? 106 ALA A CA  1 
ATOM 864  C C   . ALA A 1 105 ? 3.74413   2.98026   4.67755   1.000 38.96201 ? 106 ALA A C   1 
ATOM 865  O O   . ALA A 1 105 ? 3.77464   3.98004   3.95280   1.000 39.30712 ? 106 ALA A O   1 
ATOM 866  C CB  . ALA A 1 105 ? 6.04475   2.08792   5.09449   1.000 38.10103 ? 106 ALA A CB  1 
ATOM 867  N N   . ILE A 1 106 ? 2.78048   2.06325   4.58319   1.000 39.07602 ? 107 ILE A N   1 
ATOM 868  C CA  . ILE A 1 106 ? 1.64550   2.27463   3.69146   1.000 39.47247 ? 107 ILE A CA  1 
ATOM 869  C C   . ILE A 1 106 ? 0.69274   3.31103   4.28847   1.000 39.83807 ? 107 ILE A C   1 
ATOM 870  O O   . ILE A 1 106 ? 0.07883   4.10129   3.55707   1.000 40.08885 ? 107 ILE A O   1 
ATOM 871  C CB  . ILE A 1 106 ? 0.97652   0.91231   3.40131   1.000 39.32176 ? 107 ILE A CB  1 
ATOM 872  C CG1 . ILE A 1 106 ? 1.94141   0.02970   2.60374   1.000 38.95103 ? 107 ILE A CG1 1 
ATOM 873  C CG2 . ILE A 1 106 ? -0.32860  1.05213   2.62955   1.000 39.82993 ? 107 ILE A CG2 1 
ATOM 874  C CD1 . ILE A 1 106 ? 1.39949   -1.33562  2.24850   1.000 39.11061 ? 107 ILE A CD1 1 
ATOM 875  N N   . LEU A 1 107 ? 0.60926   3.37349   5.62178   1.000 39.78714 ? 108 LEU A N   1 
ATOM 876  C CA  . LEU A 1 107 ? -0.25377  4.34939   6.28473   1.000 39.94529 ? 108 LEU A CA  1 
ATOM 877  C C   . LEU A 1 107 ? 0.27530   5.77253   6.12866   1.000 40.05971 ? 108 LEU A C   1 
ATOM 878  O O   . LEU A 1 107 ? -0.50479  6.71434   5.94416   1.000 40.61998 ? 108 LEU A O   1 
ATOM 879  C CB  . LEU A 1 107 ? -0.39304  3.99293   7.76607   1.000 39.67483 ? 108 LEU A CB  1 
ATOM 880  C CG  . LEU A 1 107 ? -1.17856  4.94055   8.67550   1.000 39.58205 ? 108 LEU A CG  1 
ATOM 881  C CD1 . LEU A 1 107 ? -2.62722  5.04384   8.22748   1.000 40.74550 ? 108 LEU A CD1 1 
ATOM 882  C CD2 . LEU A 1 107 ? -1.09017  4.49145   10.12491  1.000 39.97504 ? 108 LEU A CD2 1 
ATOM 883  N N   . LEU A 1 108 ? 1.59246   5.94839   6.17871   1.000 39.85092 ? 109 LEU A N   1 
ATOM 884  C CA  . LEU A 1 108 ? 2.19923   7.27227   6.18739   1.000 39.99339 ? 109 LEU A CA  1 
ATOM 885  C C   . LEU A 1 108 ? 2.44582   7.83977   4.79345   1.000 40.51180 ? 109 LEU A C   1 
ATOM 886  O O   . LEU A 1 108 ? 3.04415   8.91362   4.68019   1.000 40.88196 ? 109 LEU A O   1 
ATOM 887  C CB  . LEU A 1 108 ? 3.52012   7.24082   6.96223   1.000 39.55649 ? 109 LEU A CB  1 
ATOM 888  C CG  . LEU A 1 108 ? 3.46968   6.85643   8.44107   1.000 39.45914 ? 109 LEU A CG  1 
ATOM 889  C CD1 . LEU A 1 108 ? 4.87566   6.64840   8.98057   1.000 38.71759 ? 109 LEU A CD1 1 
ATOM 890  C CD2 . LEU A 1 108 ? 2.73937   7.92118   9.24286   1.000 39.81449 ? 109 LEU A CD2 1 
ATOM 891  N N   . HIS A 1 109 ? 2.00534   7.16200   3.73377   1.000 40.53734 ? 110 HIS A N   1 
ATOM 892  C CA  . HIS A 1 109 ? 2.32035   7.62444   2.38768   1.000 40.68873 ? 110 HIS A CA  1 
ATOM 893  C C   . HIS A 1 109 ? 1.35423   8.68332   1.87278   1.000 41.53075 ? 110 HIS A C   1 
ATOM 894  O O   . HIS A 1 109 ? 1.62567   9.28785   0.82975   1.000 42.08012 ? 110 HIS A O   1 
ATOM 895  C CB  . HIS A 1 109 ? 2.36811   6.44382   1.40838   1.000 40.36144 ? 110 HIS A CB  1 
ATOM 896  C CG  . HIS A 1 109 ? 1.04204   6.08792   0.81375   1.000 41.08277 ? 110 HIS A CG  1 
ATOM 897  N ND1 . HIS A 1 109 ? 0.06621   5.41333   1.51461   1.000 41.17927 ? 110 HIS A ND1 1 
ATOM 898  C CD2 . HIS A 1 109 ? 0.53602   6.30200   -0.42419  1.000 41.35873 ? 110 HIS A CD2 1 
ATOM 899  C CE1 . HIS A 1 109 ? -0.98664  5.23313   0.73694   1.000 41.48427 ? 110 HIS A CE1 1 
ATOM 900  N NE2 . HIS A 1 109 ? -0.72748  5.76378   -0.44458  1.000 41.59037 ? 110 HIS A NE2 1 
ATOM 901  N N   . HIS A 1 110 ? 0.23649   8.92040   2.56731   1.000 41.47443 ? 111 HIS A N   1 
ATOM 902  C CA  . HIS A 1 110 ? -0.64694  10.02505  2.21142   1.000 42.05302 ? 111 HIS A CA  1 
ATOM 903  C C   . HIS A 1 110 ? -1.20206  10.73698  3.44158   1.000 42.49693 ? 111 HIS A C   1 
ATOM 904  O O   . HIS A 1 110 ? -2.25749  11.37581  3.35267   1.000 42.77974 ? 111 HIS A O   1 
ATOM 905  C CB  . HIS A 1 110 ? -1.79640  9.54614   1.32196   1.000 42.14994 ? 111 HIS A CB  1 
ATOM 906  C CG  . HIS A 1 110 ? -1.54458  9.74338   -0.14044  1.000 42.74809 ? 111 HIS A CG  1 
ATOM 907  N ND1 . HIS A 1 110 ? -2.15607  8.98108   -1.11229  1.000 43.18206 ? 111 HIS A ND1 1 
ATOM 908  C CD2 . HIS A 1 110 ? -0.74817  10.62051  -0.79656  1.000 42.85665 ? 111 HIS A CD2 1 
ATOM 909  C CE1 . HIS A 1 110 ? -1.74582  9.37822   -2.30380  1.000 43.29728 ? 111 HIS A CE1 1 
ATOM 910  N NE2 . HIS A 1 110 ? -0.89065  10.37161  -2.14015  1.000 43.18555 ? 111 HIS A NE2 1 
ATOM 911  N N   . HIS A 1 111 ? -0.51874  10.64368  4.57972   1.000 42.30800 ? 112 HIS A N   1 
ATOM 912  C CA  . HIS A 1 111 ? -0.96270  11.30300  5.80154   1.000 42.46386 ? 112 HIS A CA  1 
ATOM 913  C C   . HIS A 1 111 ? -0.71433  12.80332  5.69198   1.000 42.52555 ? 112 HIS A C   1 
ATOM 914  O O   . HIS A 1 111 ? 0.42591   13.23737  5.49796   1.000 42.28004 ? 112 HIS A O   1 
ATOM 915  C CB  . HIS A 1 111 ? -0.22506  10.71786  7.00556   1.000 42.29752 ? 112 HIS A CB  1 
ATOM 916  C CG  . HIS A 1 111 ? -0.94387  10.89608  8.30779   1.000 42.68536 ? 112 HIS A CG  1 
ATOM 917  N ND1 . HIS A 1 111 ? -1.98897  11.78026  8.47022   1.000 43.27296 ? 112 HIS A ND1 1 
ATOM 918  C CD2 . HIS A 1 111 ? -0.76659  10.29980  9.51076   1.000 42.62968 ? 112 HIS A CD2 1 
ATOM 919  C CE1 . HIS A 1 111 ? -2.42514  11.71990  9.71584   1.000 43.11790 ? 112 HIS A CE1 1 
ATOM 920  N NE2 . HIS A 1 111 ? -1.70004  10.82963  10.36830  1.000 43.12268 ? 112 HIS A NE2 1 
ATOM 921  N N   . ASN A 1 112 ? -1.77840  13.59508  5.80884   1.000 42.91095 ? 113 ASN A N   1 
ATOM 922  C CA  . ASN A 1 112 ? -1.68689  15.04820  5.71106   1.000 42.91830 ? 113 ASN A CA  1 
ATOM 923  C C   . ASN A 1 112 ? -2.46409  15.72077  6.83424   1.000 42.84256 ? 113 ASN A C   1 
ATOM 924  O O   . ASN A 1 112 ? -3.08903  16.76859  6.64485   1.000 43.16197 ? 113 ASN A O   1 
ATOM 925  C CB  . ASN A 1 112 ? -2.16824  15.53827  4.34727   1.000 43.14824 ? 113 ASN A CB  1 
ATOM 926  C CG  . ASN A 1 112 ? -1.02716  15.73814  3.36531   1.000 42.76386 ? 113 ASN A CG  1 
ATOM 927  O OD1 . ASN A 1 112 ? -0.65909  16.86852  3.04429   1.000 42.72491 ? 113 ASN A OD1 1 
ATOM 928  N ND2 . ASN A 1 112 ? -0.45884  14.63725  2.88619   1.000 42.71417 ? 113 ASN A ND2 1 
ATOM 929  N N   . TRP A 1 113 ? -2.43719  15.12482  8.02309   1.000 42.72557 ? 114 TRP A N   1 
ATOM 930  C CA  . TRP A 1 113 ? -2.97117  15.74334  9.23117   1.000 43.21748 ? 114 TRP A CA  1 
ATOM 931  C C   . TRP A 1 113 ? -1.90305  16.03085  10.27261  1.000 42.60248 ? 114 TRP A C   1 
ATOM 932  O O   . TRP A 1 113 ? -1.98218  17.04789  10.96521  1.000 41.63575 ? 114 TRP A O   1 
ATOM 933  C CB  . TRP A 1 113 ? -4.05447  14.85514  9.85313   1.000 44.02384 ? 114 TRP A CB  1 
ATOM 934  C CG  . TRP A 1 113 ? -5.41331  15.04950  9.25028   1.000 45.32296 ? 114 TRP A CG  1 
ATOM 935  C CD1 . TRP A 1 113 ? -5.76932  14.84448  7.94904   1.000 45.56207 ? 114 TRP A CD1 1 
ATOM 936  C CD2 . TRP A 1 113 ? -6.60202  15.47717  9.92903   1.000 46.11049 ? 114 TRP A CD2 1 
ATOM 937  N NE1 . TRP A 1 113 ? -7.10374  15.12391  7.77320   1.000 46.29335 ? 114 TRP A NE1 1 
ATOM 938  C CE2 . TRP A 1 113 ? -7.63805  15.51349  8.97339   1.000 46.55066 ? 114 TRP A CE2 1 
ATOM 939  C CE3 . TRP A 1 113 ? -6.88991  15.83472  11.25075  1.000 46.43702 ? 114 TRP A CE3 1 
ATOM 940  C CZ2 . TRP A 1 113 ? -8.94035  15.89333  9.29702   1.000 46.71705 ? 114 TRP A CZ2 1 
ATOM 941  C CZ3 . TRP A 1 113 ? -8.18475  16.21142  11.57072  1.000 46.89147 ? 114 TRP A CZ3 1 
ATOM 942  C CH2 . TRP A 1 113 ? -9.19297  16.23770  10.59718  1.000 46.69330 ? 114 TRP A CH2 1 
ATOM 943  N N   . ILE A 1 114 ? -0.90570  15.16010  10.40102  1.000 42.54438 ? 115 ILE A N   1 
ATOM 944  C CA  . ILE A 1 114 ? 0.19815   15.38798  11.32394  1.000 41.45423 ? 115 ILE A CA  1 
ATOM 945  C C   . ILE A 1 114 ? 1.49989   15.55858  10.55058  1.000 40.79694 ? 115 ILE A C   1 
ATOM 946  O O   . ILE A 1 114 ? 1.58743   15.20077  9.37578   1.000 41.08063 ? 115 ILE A O   1 
ATOM 947  C CB  . ILE A 1 114 ? 0.32630   14.24620  12.35146  1.000 41.50436 ? 115 ILE A CB  1 
ATOM 948  C CG1 . ILE A 1 114 ? 0.67758   12.93172  11.65176  1.000 41.45785 ? 115 ILE A CG1 1 
ATOM 949  C CG2 . ILE A 1 114 ? -0.95257  14.11109  13.16896  1.000 41.70918 ? 115 ILE A CG2 1 
ATOM 950  C CD1 . ILE A 1 114 ? 1.58633   12.03576  12.46043  1.000 40.75494 ? 115 ILE A CD1 1 
ATOM 951  N N   . SER A 1 118 ? -8.52329  11.83952  11.59787  1.000 48.14977 ? 119 SER A N   1 
ATOM 952  C CA  . SER A 1 118 ? -9.33523  10.97225  12.44520  1.000 48.88375 ? 119 SER A CA  1 
ATOM 953  C C   . SER A 1 118 ? -10.48749 10.35370  11.65354  1.000 48.78118 ? 119 SER A C   1 
ATOM 954  O O   . SER A 1 118 ? -11.59373 10.89448  11.64077  1.000 49.02349 ? 119 SER A O   1 
ATOM 955  C CB  . SER A 1 118 ? -9.87743  11.75143  13.64502  1.000 49.05310 ? 119 SER A CB  1 
ATOM 956  O OG  . SER A 1 118 ? -8.82650  12.37368  14.36395  1.000 49.23060 ? 119 SER A OG  1 
ATOM 957  N N   . PRO A 1 119 ? -10.23114 9.22622   10.99508  1.000 48.39249 ? 120 PRO A N   1 
ATOM 958  C CA  . PRO A 1 119 ? -11.26988 8.59011   10.18114  1.000 48.32349 ? 120 PRO A CA  1 
ATOM 959  C C   . PRO A 1 119 ? -12.29984 7.85494   11.02607  1.000 48.41450 ? 120 PRO A C   1 
ATOM 960  O O   . PRO A 1 119 ? -12.06329 7.48411   12.17739  1.000 48.12113 ? 120 PRO A O   1 
ATOM 961  C CB  . PRO A 1 119 ? -10.47980 7.60552   9.31255   1.000 47.81402 ? 120 PRO A CB  1 
ATOM 962  C CG  . PRO A 1 119 ? -9.29952  7.25966   10.14434  1.000 47.65855 ? 120 PRO A CG  1 
ATOM 963  C CD  . PRO A 1 119 ? -8.94058  8.52406   10.87928  1.000 48.05996 ? 120 PRO A CD  1 
ATOM 964  N N   . LYS A 1 120 ? -13.46158 7.64683   10.41692  1.000 48.57661 ? 121 LYS A N   1 
ATOM 965  C CA  . LYS A 1 120 ? -14.54850 6.87682   10.99978  1.000 48.71352 ? 121 LYS A CA  1 
ATOM 966  C C   . LYS A 1 120 ? -14.74859 5.59117   10.20741  1.000 48.24571 ? 121 LYS A C   1 
ATOM 967  O O   . LYS A 1 120 ? -14.13714 5.37495   9.15765   1.000 47.90390 ? 121 LYS A O   1 
ATOM 968  C CB  . LYS A 1 120 ? -15.84366 7.69738   11.03089  1.000 48.84335 ? 121 LYS A CB  1 
ATOM 969  C CG  . LYS A 1 120 ? -16.31917 8.06459   12.42854  1.000 49.40953 ? 121 LYS A CG  1 
ATOM 970  C CD  . LYS A 1 120 ? -16.76174 6.83476   13.20801  1.000 49.69830 ? 121 LYS A CD  1 
ATOM 971  C CE  . LYS A 1 120 ? -17.31551 7.21449   14.57378  1.000 50.25077 ? 121 LYS A CE  1 
ATOM 972  N NZ  . LYS A 1 120 ? -17.82601 6.02985   15.31920  1.000 50.04645 ? 121 LYS A NZ  1 
ATOM 973  N N   . ARG A 1 121 ? -15.61812 4.73371   10.72615  1.000 48.12032 ? 122 ARG A N   1 
ATOM 974  C CA  . ARG A 1 121 ? -15.89490 3.45688   10.07915  1.000 48.13973 ? 122 ARG A CA  1 
ATOM 975  C C   . ARG A 1 121 ? -16.92313 3.64150   8.97001   1.000 48.15220 ? 122 ARG A C   1 
ATOM 976  O O   . ARG A 1 121 ? -18.03531 4.10642   9.24293   1.000 48.60520 ? 122 ARG A O   1 
ATOM 977  C CB  . ARG A 1 121 ? -16.40733 2.44232   11.09334  1.000 47.97432 ? 122 ARG A CB  1 
ATOM 978  C CG  . ARG A 1 121 ? -16.74266 1.08663   10.48999  1.000 47.90636 ? 122 ARG A CG  1 
ATOM 979  C CD  . ARG A 1 121 ? -17.82686 0.37903   11.28939  1.000 48.02713 ? 122 ARG A CD  1 
ATOM 980  N NE  . ARG A 1 121 ? -17.96031 -1.02837  10.92098  1.000 48.22641 ? 122 ARG A NE  1 
ATOM 981  C CZ  . ARG A 1 121 ? -18.72288 -1.47334  9.92663   1.000 48.12614 ? 122 ARG A CZ  1 
ATOM 982  N NH1 . ARG A 1 121 ? -19.42652 -0.62130  9.19306   1.000 48.24890 ? 122 ARG A NH1 1 
ATOM 983  N NH2 . ARG A 1 121 ? -18.78387 -2.77194  9.66541   1.000 47.66462 ? 122 ARG A NH2 1 
ATOM 984  N N   . PRO A 1 122 ? -16.60318 3.30206   7.72285   1.000 47.61937 ? 123 PRO A N   1 
ATOM 985  C CA  . PRO A 1 122 ? -17.62843 3.31023   6.67625   1.000 47.71027 ? 123 PRO A CA  1 
ATOM 986  C C   . PRO A 1 122 ? -18.58330 2.13967   6.84644   1.000 47.88455 ? 123 PRO A C   1 
ATOM 987  O O   . PRO A 1 122 ? -18.25799 1.11963   7.45892   1.000 47.70901 ? 123 PRO A O   1 
ATOM 988  C CB  . PRO A 1 122 ? -16.81918 3.19016   5.38154   1.000 47.20552 ? 123 PRO A CB  1 
ATOM 989  C CG  . PRO A 1 122 ? -15.56996 2.48925   5.78951   1.000 46.70371 ? 123 PRO A CG  1 
ATOM 990  C CD  . PRO A 1 122 ? -15.27895 2.91991   7.20221   1.000 47.01982 ? 123 PRO A CD  1 
ATOM 991  N N   . ARG A 1 123 ? -19.79225 2.31311   6.30512   1.000 47.97218 ? 124 ARG A N   1 
ATOM 992  C CA  . ARG A 1 123 ? -20.82380 1.28838   6.44275   1.000 48.15947 ? 124 ARG A CA  1 
ATOM 993  C C   . ARG A 1 123 ? -20.49517 0.06454   5.59696   1.000 47.74358 ? 124 ARG A C   1 
ATOM 994  O O   . ARG A 1 123 ? -20.49766 -1.06758  6.09467   1.000 47.60735 ? 124 ARG A O   1 
ATOM 995  C CB  . ARG A 1 123 ? -22.19387 1.85483   6.06006   1.000 48.38449 ? 124 ARG A CB  1 
ATOM 996  C CG  . ARG A 1 123 ? -22.69858 2.98690   6.95220   1.000 48.74513 ? 124 ARG A CG  1 
ATOM 997  C CD  . ARG A 1 123 ? -22.44846 4.35437   6.32733   1.000 48.91200 ? 124 ARG A CD  1 
ATOM 998  N NE  . ARG A 1 123 ? -22.82829 4.37893   4.91752   1.000 49.23396 ? 124 ARG A NE  1 
ATOM 999  C CZ  . ARG A 1 123 ? -22.42392 5.29886   4.04692   1.000 49.00459 ? 124 ARG A CZ  1 
ATOM 1000 N NH1 . ARG A 1 123 ? -21.61743 6.27772   4.43639   1.000 48.13157 ? 124 ARG A NH1 1 
ATOM 1001 N NH2 . ARG A 1 123 ? -22.82350 5.23729   2.78309   1.000 48.55060 ? 124 ARG A NH2 1 
ATOM 1002 N N   . ASN A 1 124 ? -20.20654 0.27322   4.31604   1.000 46.96553 ? 125 ASN A N   1 
ATOM 1003 C CA  . ASN A 1 124 ? -19.75700 -0.81060  3.45622   1.000 46.47097 ? 125 ASN A CA  1 
ATOM 1004 C C   . ASN A 1 124 ? -18.25397 -0.99747  3.62306   1.000 46.44687 ? 125 ASN A C   1 
ATOM 1005 O O   . ASN A 1 124 ? -17.48595 -0.03528  3.53047   1.000 46.55967 ? 125 ASN A O   1 
ATOM 1006 C CB  . ASN A 1 124 ? -20.10406 -0.51387  1.99709   1.000 46.17816 ? 125 ASN A CB  1 
ATOM 1007 C CG  . ASN A 1 124 ? -19.95761 -1.72851  1.10016   1.000 45.79448 ? 125 ASN A CG  1 
ATOM 1008 O OD1 . ASN A 1 124 ? -19.75147 -2.84640  1.57270   1.000 45.97195 ? 125 ASN A OD1 1 
ATOM 1009 N ND2 . ASN A 1 124 ? -20.06582 -1.51295  -0.20522  1.000 45.34075 ? 125 ASN A ND2 1 
ATOM 1010 N N   . LEU A 1 125 ? -17.83809 -2.23576  3.88794   1.000 46.22413 ? 126 LEU A N   1 
ATOM 1011 C CA  . LEU A 1 125 ? -16.42824 -2.57194  4.01830   1.000 45.60545 ? 126 LEU A CA  1 
ATOM 1012 C C   . LEU A 1 125 ? -15.92576 -3.49214  2.91836   1.000 45.29703 ? 126 LEU A C   1 
ATOM 1013 O O   . LEU A 1 125 ? -14.72131 -3.76140  2.86562   1.000 45.10320 ? 126 LEU A O   1 
ATOM 1014 C CB  . LEU A 1 125 ? -16.15554 -3.23281  5.37839   1.000 45.59226 ? 126 LEU A CB  1 
ATOM 1015 C CG  . LEU A 1 125 ? -16.23402 -2.35977  6.63000   1.000 46.16344 ? 126 LEU A CG  1 
ATOM 1016 C CD1 . LEU A 1 125 ? -15.87774 -3.17433  7.86061   1.000 46.21103 ? 126 LEU A CD1 1 
ATOM 1017 C CD2 . LEU A 1 125 ? -15.31051 -1.16604  6.49812   1.000 46.30550 ? 126 LEU A CD2 1 
ATOM 1018 N N   . LYS A 1 126 ? -16.80634 -3.97554  2.04636   1.000 45.48982 ? 127 LYS A N   1 
ATOM 1019 C CA  . LYS A 1 126 ? -16.41322 -4.94631  1.03513   1.000 45.36301 ? 127 LYS A CA  1 
ATOM 1020 C C   . LYS A 1 126 ? -15.61616 -4.27085  -0.07400  1.000 45.03967 ? 127 LYS A C   1 
ATOM 1021 O O   . LYS A 1 126 ? -16.04924 -3.26476  -0.64347  1.000 44.89071 ? 127 LYS A O   1 
ATOM 1022 C CB  . LYS A 1 126 ? -17.65078 -5.63568  0.46025   1.000 45.44237 ? 127 LYS A CB  1 
ATOM 1023 C CG  . LYS A 1 126 ? -17.35459 -6.64095  -0.64107  1.000 45.80925 ? 127 LYS A CG  1 
ATOM 1024 C CD  . LYS A 1 126 ? -18.57725 -7.48538  -0.96594  1.000 46.15222 ? 127 LYS A CD  1 
ATOM 1025 C CE  . LYS A 1 126 ? -18.30770 -8.42386  -2.13295  1.000 46.21106 ? 127 LYS A CE  1 
ATOM 1026 N NZ  . LYS A 1 126 ? -17.09543 -9.26085  -1.91113  1.000 45.93701 ? 127 LYS A NZ  1 
ATOM 1027 N N   . LEU A 1 127 ? -14.44030 -4.81772  -0.36543  1.000 44.88685 ? 128 LEU A N   1 
ATOM 1028 C CA  . LEU A 1 127 ? -13.63347 -4.33004  -1.46926  1.000 44.31137 ? 128 LEU A CA  1 
ATOM 1029 C C   . LEU A 1 127 ? -14.20283 -4.82141  -2.79582  1.000 44.49440 ? 128 LEU A C   1 
ATOM 1030 O O   . LEU A 1 127 ? -15.00865 -5.75441  -2.85096  1.000 44.84848 ? 128 LEU A O   1 
ATOM 1031 C CB  . LEU A 1 127 ? -12.18155 -4.78509  -1.31982  1.000 44.21074 ? 128 LEU A CB  1 
ATOM 1032 C CG  . LEU A 1 127 ? -11.39767 -4.19677  -0.14681  1.000 44.10899 ? 128 LEU A CG  1 
ATOM 1033 C CD1 . LEU A 1 127 ? -10.25732 -5.11798  0.25314   1.000 44.19396 ? 128 LEU A CD1 1 
ATOM 1034 C CD2 . LEU A 1 127 ? -10.87165 -2.81983  -0.50875  1.000 43.85088 ? 128 LEU A CD2 1 
ATOM 1035 N N   . CYS A 1 128 ? -13.77344 -4.17431  -3.87475  1.000 44.31805 ? 129 CYS A N   1 
ATOM 1036 C CA  . CYS A 1 128 ? -14.23328 -4.55359  -5.20249  1.000 44.24249 ? 129 CYS A CA  1 
ATOM 1037 C C   . CYS A 1 128 ? -13.56004 -5.85121  -5.63270  1.000 44.41456 ? 129 CYS A C   1 
ATOM 1038 O O   . CYS A 1 128 ? -12.33079 -5.96466  -5.59948  1.000 44.48060 ? 129 CYS A O   1 
ATOM 1039 C CB  . CYS A 1 128 ? -13.93591 -3.43677  -6.20218  1.000 43.91684 ? 129 CYS A CB  1 
ATOM 1040 S SG  . CYS A 1 128 ? -15.09521 -3.32954  -7.58545  1.000 45.03930 ? 129 CYS A SG  1 
ATOM 1041 N N   . ASN A 1 129 ? -14.37158 -6.83889  -6.02545  1.000 44.72870 ? 130 ASN A N   1 
ATOM 1042 C CA  . ASN A 1 129 ? -13.83140 -8.11562  -6.48205  1.000 44.78593 ? 130 ASN A CA  1 
ATOM 1043 C C   . ASN A 1 129 ? -13.14674 -8.00227  -7.83670  1.000 44.45393 ? 130 ASN A C   1 
ATOM 1044 O O   . ASN A 1 129 ? -12.30927 -8.84901  -8.16645  1.000 44.18482 ? 130 ASN A O   1 
ATOM 1045 C CB  . ASN A 1 129 ? -14.93802 -9.17067  -6.54632  1.000 45.19542 ? 130 ASN A CB  1 
ATOM 1046 C CG  . ASN A 1 129 ? -15.12777 -9.89887  -5.22820  1.000 45.77689 ? 130 ASN A CG  1 
ATOM 1047 O OD1 . ASN A 1 129 ? -14.79679 -9.37662  -4.16324  1.000 45.96285 ? 130 ASN A OD1 1 
ATOM 1048 N ND2 . ASN A 1 129 ? -15.66084 -11.11381 -5.29455  1.000 45.83123 ? 130 ASN A ND2 1 
ATOM 1049 N N   . GLU A 1 130 ? -13.48195 -6.97652  -8.62403  1.000 44.54890 ? 131 GLU A N   1 
ATOM 1050 C CA  . GLU A 1 130 ? -12.75521 -6.72220  -9.86192  1.000 44.72691 ? 131 GLU A CA  1 
ATOM 1051 C C   . GLU A 1 130 ? -11.34927 -6.20386  -9.58634  1.000 44.29652 ? 131 GLU A C   1 
ATOM 1052 O O   . GLU A 1 130 ? -10.45522 -6.37066  -10.42262 1.000 44.09555 ? 131 GLU A O   1 
ATOM 1053 C CB  . GLU A 1 130 ? -13.52979 -5.72935  -10.72886 1.000 45.38662 ? 131 GLU A CB  1 
ATOM 1054 C CG  . GLU A 1 130 ? -13.24868 -5.84129  -12.21962 1.000 46.12409 ? 131 GLU A CG  1 
ATOM 1055 C CD  . GLU A 1 130 ? -14.24102 -5.05504  -13.05760 1.000 46.79442 ? 131 GLU A CD  1 
ATOM 1056 O OE1 . GLU A 1 130 ? -13.80576 -4.17095  -13.82586 1.000 46.35995 ? 131 GLU A OE1 1 
ATOM 1057 O OE2 . GLU A 1 130 ? -15.45739 -5.32021  -12.94579 1.000 47.31536 ? 131 GLU A OE2 1 
ATOM 1058 N N   . CYS A 1 131 ? -11.13403 -5.57781  -8.42620  1.000 44.32809 ? 132 CYS A N   1 
ATOM 1059 C CA  . CYS A 1 131 ? -9.79725  -5.12452  -8.05797  1.000 44.12828 ? 132 CYS A CA  1 
ATOM 1060 C C   . CYS A 1 131 ? -8.96097  -6.26029  -7.48557  1.000 43.72888 ? 132 CYS A C   1 
ATOM 1061 O O   . CYS A 1 131 ? -7.76465  -6.36376  -7.78248  1.000 43.57802 ? 132 CYS A O   1 
ATOM 1062 C CB  . CYS A 1 131 ? -9.88871  -3.98017  -7.05107  1.000 44.19971 ? 132 CYS A CB  1 
ATOM 1063 S SG  . CYS A 1 131 ? -8.36430  -3.67698  -6.13194  1.000 45.43938 ? 132 CYS A SG  1 
ATOM 1064 N N   . LEU A 1 132 ? -9.58412  -7.13671  -6.68926  1.000 43.76252 ? 133 LEU A N   1 
ATOM 1065 C CA  . LEU A 1 132 ? -8.87593  -8.24590  -6.05678  1.000 43.83692 ? 133 LEU A CA  1 
ATOM 1066 C C   . LEU A 1 132 ? -8.38744  -9.28180  -7.06317  1.000 43.89578 ? 133 LEU A C   1 
ATOM 1067 O O   . LEU A 1 132 ? -7.51466  -10.08823 -6.72572  1.000 43.94314 ? 133 LEU A O   1 
ATOM 1068 C CB  . LEU A 1 132 ? -9.77336  -8.91517  -5.01275  1.000 44.10565 ? 133 LEU A CB  1 
ATOM 1069 C CG  . LEU A 1 132 ? -9.56170  -8.53381  -3.54297  1.000 43.99216 ? 133 LEU A CG  1 
ATOM 1070 C CD1 . LEU A 1 132 ? -9.80461  -7.04952  -3.29974  1.000 43.95958 ? 133 LEU A CD1 1 
ATOM 1071 C CD2 . LEU A 1 132 ? -10.44930 -9.37744  -2.63849  1.000 44.58142 ? 133 LEU A CD2 1 
ATOM 1072 N N   . SER A 1 133 ? -8.93270  -9.28299  -8.28256  1.000 43.78241 ? 134 SER A N   1 
ATOM 1073 C CA  . SER A 1 133 ? -8.32569  -10.05242 -9.36134  1.000 43.64154 ? 134 SER A CA  1 
ATOM 1074 C C   . SER A 1 133 ? -6.99460  -9.44326  -9.78768  1.000 43.16503 ? 134 SER A C   1 
ATOM 1075 O O   . SER A 1 133 ? -6.02544  -10.17125 -10.02597 1.000 43.20645 ? 134 SER A O   1 
ATOM 1076 C CB  . SER A 1 133 ? -9.28308  -10.13743 -10.55049 1.000 43.83298 ? 134 SER A CB  1 
ATOM 1077 O OG  . SER A 1 133 ? -10.52244 -10.71046 -10.17067 1.000 44.20469 ? 134 SER A OG  1 
ATOM 1078 N N   . ILE A 1 134 ? -6.92573  -8.10990  -9.87358  1.000 43.05508 ? 135 ILE A N   1 
ATOM 1079 C CA  . ILE A 1 134 ? -5.71065  -7.43880  -10.33448 1.000 42.90606 ? 135 ILE A CA  1 
ATOM 1080 C C   . ILE A 1 134 ? -4.60291  -7.52909  -9.29035  1.000 42.86316 ? 135 ILE A C   1 
ATOM 1081 O O   . ILE A 1 134 ? -3.41786  -7.62111  -9.63726  1.000 42.69562 ? 135 ILE A O   1 
ATOM 1082 C CB  . ILE A 1 134 ? -6.02071  -5.97423  -10.70102 1.000 42.75358 ? 135 ILE A CB  1 
ATOM 1083 C CG1 . ILE A 1 134 ? -7.33951  -5.88393  -11.46858 1.000 43.28699 ? 135 ILE A CG1 1 
ATOM 1084 C CG2 . ILE A 1 134 ? -4.89971  -5.37201  -11.53768 1.000 42.14370 ? 135 ILE A CG2 1 
ATOM 1085 C CD1 . ILE A 1 134 ? -7.79392  -4.46425  -11.73909 1.000 43.15580 ? 135 ILE A CD1 1 
ATOM 1086 N N   . ILE A 1 135 ? -4.96051  -7.51278  -8.00427  1.000 43.03226 ? 136 ILE A N   1 
ATOM 1087 C CA  . ILE A 1 135 ? -3.95825  -7.66906  -6.95543  1.000 42.79975 ? 136 ILE A CA  1 
ATOM 1088 C C   . ILE A 1 135 ? -3.47253  -9.11463  -6.89746  1.000 42.89337 ? 136 ILE A C   1 
ATOM 1089 O O   . ILE A 1 135 ? -2.29513  -9.37305  -6.61410  1.000 42.85661 ? 136 ILE A O   1 
ATOM 1090 C CB  . ILE A 1 135 ? -4.53423  -7.19115  -5.60715  1.000 42.78996 ? 136 ILE A CB  1 
ATOM 1091 C CG1 . ILE A 1 135 ? -5.16937  -5.80623  -5.76090  1.000 42.92503 ? 136 ILE A CG1 1 
ATOM 1092 C CG2 . ILE A 1 135 ? -3.45821  -7.13824  -4.52782  1.000 42.34802 ? 136 ILE A CG2 1 
ATOM 1093 C CD1 . ILE A 1 135 ? -4.18690  -4.70652  -6.11494  1.000 42.05979 ? 136 ILE A CD1 1 
ATOM 1094 N N   . LYS A 1 136 ? -4.35299  -10.07560 -7.19635  1.000 42.99295 ? 137 LYS A N   1 
ATOM 1095 C CA  . LYS A 1 136 ? -3.94509  -11.47750 -7.22578  1.000 43.13349 ? 137 LYS A CA  1 
ATOM 1096 C C   . LYS A 1 136 ? -3.06538  -11.79032 -8.43052  1.000 42.87322 ? 137 LYS A C   1 
ATOM 1097 O O   . LYS A 1 136 ? -2.17640  -12.64455 -8.33844  1.000 43.28256 ? 137 LYS A O   1 
ATOM 1098 C CB  . LYS A 1 136 ? -5.17311  -12.38781 -7.22855  1.000 43.31907 ? 137 LYS A CB  1 
ATOM 1099 C CG  . LYS A 1 136 ? -5.59627  -12.87692 -5.85450  1.000 43.55718 ? 137 LYS A CG  1 
ATOM 1100 C CD  . LYS A 1 136 ? -6.31986  -14.21174 -5.95256  1.000 43.93757 ? 137 LYS A CD  1 
ATOM 1101 C CE  . LYS A 1 136 ? -5.37386  -15.32415 -6.38358  1.000 43.58844 ? 137 LYS A CE  1 
ATOM 1102 N NZ  . LYS A 1 136 ? -6.04798  -16.65226 -6.41931  1.000 42.47297 ? 137 LYS A NZ  1 
ATOM 1103 N N   . LYS A 1 137 ? -3.29172  -11.11626 -9.56202  1.000 42.46634 ? 138 LYS A N   1 
ATOM 1104 C CA  . LYS A 1 137 ? -2.48365  -11.36712 -10.75097 1.000 42.24985 ? 138 LYS A CA  1 
ATOM 1105 C C   . LYS A 1 137 ? -1.08605  -10.77020 -10.64682 1.000 42.29249 ? 138 LYS A C   1 
ATOM 1106 O O   . LYS A 1 137 ? -0.19135  -11.19064 -11.38805 1.000 41.96130 ? 138 LYS A O   1 
ATOM 1107 C CB  . LYS A 1 137 ? -3.18029  -10.81907 -12.00013 1.000 41.95832 ? 138 LYS A CB  1 
ATOM 1108 C CG  . LYS A 1 137 ? -4.39592  -11.61266 -12.46220 1.000 41.87735 ? 138 LYS A CG  1 
ATOM 1109 C CD  . LYS A 1 137 ? -5.34903  -10.72534 -13.25053 1.000 41.86362 ? 138 LYS A CD  1 
ATOM 1110 C CE  . LYS A 1 137 ? -6.71315  -11.37072 -13.41586 1.000 41.80489 ? 138 LYS A CE  1 
ATOM 1111 N NZ  . LYS A 1 137 ? -6.70356  -12.42523 -14.46552 1.000 41.43076 ? 138 LYS A NZ  1 
ATOM 1112 N N   . LEU A 1 138 ? -0.87481  -9.80915  -9.74905  1.000 42.45452 ? 139 LEU A N   1 
ATOM 1113 C CA  . LEU A 1 138 ? 0.40807   -9.13149  -9.62681  1.000 42.08497 ? 139 LEU A CA  1 
ATOM 1114 C C   . LEU A 1 138 ? 1.22004   -9.56446  -8.41776  1.000 42.18262 ? 139 LEU A C   1 
ATOM 1115 O O   . LEU A 1 138 ? 2.44990   -9.58657  -8.49534  1.000 42.03435 ? 139 LEU A O   1 
ATOM 1116 C CB  . LEU A 1 138 ? 0.19941   -7.61287  -9.56768  1.000 41.69555 ? 139 LEU A CB  1 
ATOM 1117 C CG  . LEU A 1 138 ? -0.25325  -6.95875  -10.87319 1.000 41.63804 ? 139 LEU A CG  1 
ATOM 1118 C CD1 . LEU A 1 138 ? -0.85491  -5.59057  -10.61025 1.000 41.51859 ? 139 LEU A CD1 1 
ATOM 1119 C CD2 . LEU A 1 138 ? 0.91157   -6.85828  -11.84436 1.000 41.91994 ? 139 LEU A CD2 1 
ATOM 1120 N N   . SER A 1 139 ? 0.56929   -9.90807  -7.30678  1.000 42.65578 ? 140 SER A N   1 
ATOM 1121 C CA  . SER A 1 139 ? 1.26459   -10.29755 -6.08559  1.000 42.91064 ? 140 SER A CA  1 
ATOM 1122 C C   . SER A 1 139 ? 1.33762   -11.80879 -5.90985  1.000 43.32479 ? 140 SER A C   1 
ATOM 1123 O O   . SER A 1 139 ? 2.42054   -12.35511 -5.67983  1.000 43.28035 ? 140 SER A O   1 
ATOM 1124 C CB  . SER A 1 139 ? 0.58113   -9.66994  -4.86463  1.000 42.53367 ? 140 SER A CB  1 
ATOM 1125 O OG  . SER A 1 139 ? -0.71855  -10.20339 -4.68026  1.000 42.92136 ? 140 SER A OG  1 
ATOM 1126 N N   . GLY A 1 140 ? 0.20182   -12.49610 -6.01177  1.000 43.51502 ? 141 GLY A N   1 
ATOM 1127 C CA  . GLY A 1 140 ? 0.13848   -13.92579 -5.80784  1.000 44.16205 ? 141 GLY A CA  1 
ATOM 1128 C C   . GLY A 1 140 ? -0.45122  -14.35158 -4.48124  1.000 44.46309 ? 141 GLY A C   1 
ATOM 1129 O O   . GLY A 1 140 ? -0.71764  -15.54572 -4.29755  1.000 44.86219 ? 141 GLY A O   1 
ATOM 1130 N N   . GLU A 1 141 ? -0.65672  -13.41908 -3.55427  1.000 44.35740 ? 142 GLU A N   1 
ATOM 1131 C CA  . GLU A 1 141 ? -1.26023  -13.72964 -2.27004  1.000 44.19733 ? 142 GLU A CA  1 
ATOM 1132 C C   . GLU A 1 141 ? -2.78109  -13.64632 -2.37920  1.000 44.15485 ? 142 GLU A C   1 
ATOM 1133 O O   . GLU A 1 141 ? -3.34222  -13.41002 -3.45164  1.000 44.17162 ? 142 GLU A O   1 
ATOM 1134 C CB  . GLU A 1 141 ? -0.73488  -12.78785 -1.18737  1.000 43.92049 ? 142 GLU A CB  1 
ATOM 1135 C CG  . GLU A 1 141 ? 0.75905   -12.52632 -1.26426  1.000 43.96485 ? 142 GLU A CG  1 
ATOM 1136 C CD  . GLU A 1 141 ? 1.40512   -12.44022 0.10615   1.000 43.93763 ? 142 GLU A CD  1 
ATOM 1137 O OE1 . GLU A 1 141 ? 2.65095   -12.38412 0.17775   1.000 43.41028 ? 142 GLU A OE1 1 
ATOM 1138 O OE2 . GLU A 1 141 ? 0.66635   -12.43810 1.11379   1.000 43.78334 ? 142 GLU A OE2 1 
ATOM 1139 N N   . LYS A 1 142 ? -3.46204  -13.84589 -1.25432  1.000 44.30967 ? 143 LYS A N   1 
ATOM 1140 C CA  . LYS A 1 142 ? -4.91288  -13.75341 -1.19513  1.000 44.70770 ? 143 LYS A CA  1 
ATOM 1141 C C   . LYS A 1 142 ? -5.31580  -12.65303 -0.22292  1.000 44.61070 ? 143 LYS A C   1 
ATOM 1142 O O   . LYS A 1 142 ? -4.71089  -12.49657 0.84310   1.000 44.11391 ? 143 LYS A O   1 
ATOM 1143 C CB  . LYS A 1 142 ? -5.54435  -15.09265 -0.78494  1.000 45.03681 ? 143 LYS A CB  1 
ATOM 1144 C CG  . LYS A 1 142 ? -7.05777  -15.15915 -0.98964  1.000 45.32329 ? 143 LYS A CG  1 
ATOM 1145 C CD  . LYS A 1 142 ? -7.45386  -14.67205 -2.38153  1.000 45.11484 ? 143 LYS A CD  1 
ATOM 1146 C CE  . LYS A 1 142 ? -8.87681  -14.13260 -2.40171  1.000 45.20586 ? 143 LYS A CE  1 
ATOM 1147 N NZ  . LYS A 1 142 ? -9.17214  -13.38690 -3.65870  1.000 44.85509 ? 143 LYS A NZ  1 
ATOM 1148 N N   . ILE A 1 143 ? -6.34191  -11.89753 -0.60136  1.000 44.58543 ? 144 ILE A N   1 
ATOM 1149 C CA  . ILE A 1 143 ? -6.78693  -10.71868 0.13575   1.000 44.50866 ? 144 ILE A CA  1 
ATOM 1150 C C   . ILE A 1 143 ? -8.13770  -11.01969 0.77492   1.000 44.77630 ? 144 ILE A C   1 
ATOM 1151 O O   . ILE A 1 143 ? -8.99419  -11.64469 0.13119   1.000 44.83854 ? 144 ILE A O   1 
ATOM 1152 C CB  . ILE A 1 143 ? -6.87716  -9.49482  -0.79246  1.000 44.19284 ? 144 ILE A CB  1 
ATOM 1153 C CG1 . ILE A 1 143 ? -5.63108  -9.39461  -1.67584  1.000 43.94840 ? 144 ILE A CG1 1 
ATOM 1154 C CG2 . ILE A 1 143 ? -7.07145  -8.21366  0.00176   1.000 43.80183 ? 144 ILE A CG2 1 
ATOM 1155 C CD1 . ILE A 1 143 ? -5.89137  -9.70063  -3.13963  1.000 43.98222 ? 144 ILE A CD1 1 
ATOM 1156 N N   . PRO A 1 144 ? -8.36621  -10.63006 2.03082   1.000 44.58617 ? 145 PRO A N   1 
ATOM 1157 C CA  . PRO A 1 144 ? -9.73279  -10.65706 2.56685   1.000 44.91861 ? 145 PRO A CA  1 
ATOM 1158 C C   . PRO A 1 144 ? -10.61312 -9.64530  1.84746   1.000 45.12015 ? 145 PRO A C   1 
ATOM 1159 O O   . PRO A 1 144 ? -10.19425 -8.51902  1.56877   1.000 45.18560 ? 145 PRO A O   1 
ATOM 1160 C CB  . PRO A 1 144 ? -9.54575  -10.29511 4.04597   1.000 45.02405 ? 145 PRO A CB  1 
ATOM 1161 C CG  . PRO A 1 144 ? -8.21128  -9.61501  4.11191   1.000 44.40459 ? 145 PRO A CG  1 
ATOM 1162 C CD  . PRO A 1 144 ? -7.37611  -10.28138 3.06399   1.000 44.21548 ? 145 PRO A CD  1 
ATOM 1163 N N   . GLU A 1 145 ? -11.84298 -10.06814 1.53633   1.000 45.27230 ? 146 GLU A N   1 
ATOM 1164 C CA  . GLU A 1 145 ? -12.71082 -9.26975  0.67438   1.000 45.49865 ? 146 GLU A CA  1 
ATOM 1165 C C   . GLU A 1 145 ? -13.25717 -8.03880  1.38646   1.000 45.20573 ? 146 GLU A C   1 
ATOM 1166 O O   . GLU A 1 145 ? -13.58175 -7.04241  0.73119   1.000 45.19251 ? 146 GLU A O   1 
ATOM 1167 C CB  . GLU A 1 145 ? -13.85748 -10.12900 0.14316   1.000 46.14033 ? 146 GLU A CB  1 
ATOM 1168 C CG  . GLU A 1 145 ? -13.41882 -11.19111 -0.85303  1.000 46.52194 ? 146 GLU A CG  1 
ATOM 1169 C CD  . GLU A 1 145 ? -14.58362 -11.98494 -1.41228  1.000 47.42026 ? 146 GLU A CD  1 
ATOM 1170 O OE1 . GLU A 1 145 ? -15.66480 -11.97877 -0.78592  1.000 47.46307 ? 146 GLU A OE1 1 
ATOM 1171 O OE2 . GLU A 1 145 ? -14.41789 -12.61440 -2.47918  1.000 47.51048 ? 146 GLU A OE2 1 
ATOM 1172 N N   . GLU A 1 146 ? -13.36877 -8.08174  2.70779   1.000 45.26304 ? 147 GLU A N   1 
ATOM 1173 C CA  . GLU A 1 146 ? -13.77441 -6.92109  3.48392   1.000 45.26469 ? 147 GLU A CA  1 
ATOM 1174 C C   . GLU A 1 146 ? -12.55265 -6.22909  4.07567   1.000 44.94823 ? 147 GLU A C   1 
ATOM 1175 O O   . GLU A 1 146 ? -11.47226 -6.81280  4.18747   1.000 44.80672 ? 147 GLU A O   1 
ATOM 1176 C CB  . GLU A 1 146 ? -14.74169 -7.31833  4.60240   1.000 45.14086 ? 147 GLU A CB  1 
ATOM 1177 C CG  . GLU A 1 146 ? -16.11524 -7.74768  4.12073   1.000 45.30140 ? 147 GLU A CG  1 
ATOM 1178 C CD  . GLU A 1 146 ? -17.18632 -7.54184  5.17425   1.000 45.64762 ? 147 GLU A CD  1 
ATOM 1179 O OE1 . GLU A 1 146 ? -17.00769 -6.65730  6.03833   1.000 45.56793 ? 147 GLU A OE1 1 
ATOM 1180 O OE2 . GLU A 1 146 ? -18.20527 -8.26349  5.14031   1.000 45.95333 ? 147 GLU A OE2 1 
ATOM 1181 N N   . ILE A 1 147 ? -12.73674 -4.96419  4.44279   1.000 44.91835 ? 148 ILE A N   1 
ATOM 1182 C CA  . ILE A 1 147 ? -11.71693 -4.21032  5.16725   1.000 44.85071 ? 148 ILE A CA  1 
ATOM 1183 C C   . ILE A 1 147 ? -11.63949 -4.77101  6.58157   1.000 45.24473 ? 148 ILE A C   1 
ATOM 1184 O O   . ILE A 1 147 ? -12.64091 -4.73687  7.31220   1.000 45.71384 ? 148 ILE A O   1 
ATOM 1185 C CB  . ILE A 1 147 ? -12.02775 -2.70449  5.18797   1.000 44.86737 ? 148 ILE A CB  1 
ATOM 1186 C CG1 . ILE A 1 147 ? -11.98915 -2.11504  3.77458   1.000 44.63027 ? 148 ILE A CG1 1 
ATOM 1187 C CG2 . ILE A 1 147 ? -11.06229 -1.97282  6.11475   1.000 44.39871 ? 148 ILE A CG2 1 
ATOM 1188 C CD1 . ILE A 1 147 ? -10.60622 -2.04445  3.16905   1.000 44.10339 ? 148 ILE A CD1 1 
ATOM 1189 N N   . PRO A 1 148 ? -10.49080 -5.30177  7.00975   1.000 45.02515 ? 149 PRO A N   1 
ATOM 1190 C CA  . PRO A 1 148 ? -10.39262 -5.82330  8.37837   1.000 45.15639 ? 149 PRO A CA  1 
ATOM 1191 C C   . PRO A 1 148 ? -10.29266 -4.70066  9.39699   1.000 45.23849 ? 149 PRO A C   1 
ATOM 1192 O O   . PRO A 1 148 ? -9.19855  -4.32671  9.83331   1.000 44.97351 ? 149 PRO A O   1 
ATOM 1193 C CB  . PRO A 1 148 ? -9.12370  -6.68341  8.34207   1.000 44.60266 ? 149 PRO A CB  1 
ATOM 1194 C CG  . PRO A 1 148 ? -8.31426  -6.12431  7.23515   1.000 43.97133 ? 149 PRO A CG  1 
ATOM 1195 C CD  . PRO A 1 148 ? -9.25249  -5.51003  6.23989   1.000 44.31379 ? 149 PRO A CD  1 
ATOM 1196 N N   . TRP A 1 149 ? -11.44857 -4.15956  9.77905   1.000 45.61772 ? 150 TRP A N   1 
ATOM 1197 C CA  . TRP A 1 149 ? -11.51073 -3.05745  10.72800  1.000 46.41985 ? 150 TRP A CA  1 
ATOM 1198 C C   . TRP A 1 149 ? -11.14363 -3.55950  12.11605  1.000 47.15456 ? 150 TRP A C   1 
ATOM 1199 O O   . TRP A 1 149 ? -12.01627 -3.92486  12.91018  1.000 47.09147 ? 150 TRP A O   1 
ATOM 1200 C CB  . TRP A 1 149 ? -12.90524 -2.42683  10.72075  1.000 46.74812 ? 150 TRP A CB  1 
ATOM 1201 C CG  . TRP A 1 149 ? -13.00493 -1.12879  11.47089  1.000 47.46374 ? 150 TRP A CG  1 
ATOM 1202 C CD1 . TRP A 1 149 ? -13.51041 -0.94022  12.72708  1.000 47.78552 ? 150 TRP A CD1 1 
ATOM 1203 C CD2 . TRP A 1 149 ? -12.58894 0.16200   11.00902  1.000 47.50308 ? 150 TRP A CD2 1 
ATOM 1204 N NE1 . TRP A 1 149 ? -13.43653 0.38904   13.07257  1.000 47.95030 ? 150 TRP A NE1 1 
ATOM 1205 C CE2 . TRP A 1 149 ? -12.87314 1.08616   12.03574  1.000 47.73474 ? 150 TRP A CE2 1 
ATOM 1206 C CE3 . TRP A 1 149 ? -12.00259 0.62594   9.82715   1.000 47.06839 ? 150 TRP A CE3 1 
ATOM 1207 C CZ2 . TRP A 1 149 ? -12.59014 2.44710   11.91487  1.000 47.51158 ? 150 TRP A CZ2 1 
ATOM 1208 C CZ3 . TRP A 1 149 ? -11.72229 1.97680   9.70933   1.000 46.99914 ? 150 TRP A CZ3 1 
ATOM 1209 C CH2 . TRP A 1 149 ? -12.01590 2.87100   10.74713  1.000 47.34517 ? 150 TRP A CH2 1 
ATOM 1210 N N   . ARG A 1 150 ? -9.84226  -3.57619  12.40946  1.000 47.30629 ? 151 ARG A N   1 
ATOM 1211 C CA  . ARG A 1 150 ? -9.29688  -4.11494  13.65042  1.000 47.56587 ? 151 ARG A CA  1 
ATOM 1212 C C   . ARG A 1 150 ? -9.32738  -3.03396  14.73279  1.000 48.29031 ? 151 ARG A C   1 
ATOM 1213 O O   . ARG A 1 150 ? -8.28085  -2.64810  15.26933  1.000 48.22590 ? 151 ARG A O   1 
ATOM 1214 C CB  . ARG A 1 150 ? -7.87632  -4.63522  13.37645  1.000 46.71878 ? 151 ARG A CB  1 
ATOM 1215 C CG  . ARG A 1 150 ? -7.22408  -5.55405  14.41721  1.000 47.00021 ? 151 ARG A CG  1 
ATOM 1216 C CD  . ARG A 1 150 ? -8.13520  -6.64254  14.93294  1.000 47.32148 ? 151 ARG A CD  1 
ATOM 1217 N NE  . ARG A 1 150 ? -7.70597  -7.06594  16.26207  1.000 47.38264 ? 151 ARG A NE  1 
ATOM 1218 C CZ  . ARG A 1 150 ? -6.74768  -7.95835  16.49841  1.000 46.94176 ? 151 ARG A CZ  1 
ATOM 1219 N NH1 . ARG A 1 150 ? -6.10918  -8.54913  15.49648  1.000 46.10501 ? 151 ARG A NH1 1 
ATOM 1220 N NH2 . ARG A 1 150 ? -6.42745  -8.26356  17.74580  1.000 46.13059 ? 151 ARG A NH2 1 
ATOM 1221 N N   . ASN A 1 151 ? -10.51643 -2.44131  14.94102  1.000 48.38789 ? 152 ASN A N   1 
ATOM 1222 C CA  . ASN A 1 151 ? -10.89534 -1.46528  15.96959  1.000 48.81785 ? 152 ASN A CA  1 
ATOM 1223 C C   . ASN A 1 151 ? -10.25699 -0.08528  15.77308  1.000 48.65633 ? 152 ASN A C   1 
ATOM 1224 O O   . ASN A 1 151 ? -10.62353 0.87041   16.46729  1.000 48.64692 ? 152 ASN A O   1 
ATOM 1225 C CB  . ASN A 1 151 ? -10.57046 -2.01116  17.37074  1.000 48.87764 ? 152 ASN A CB  1 
ATOM 1226 C CG  . ASN A 1 151 ? -11.50244 -1.47398  18.44828  1.000 49.41191 ? 152 ASN A CG  1 
ATOM 1227 O OD1 . ASN A 1 151 ? -11.29276 -0.38243  18.97901  1.000 49.30664 ? 152 ASN A OD1 1 
ATOM 1228 N ND2 . ASN A 1 151 ? -12.52988 -2.24676  18.78488  1.000 49.64796 ? 152 ASN A ND2 1 
ATOM 1229 N N   . TRP A 1 152 ? -9.27863  0.01345   14.85684  1.000 48.32036 ? 153 TRP A N   1 
ATOM 1230 C CA  . TRP A 1 152 ? -8.49789  1.17850   14.42275  1.000 47.94707 ? 153 TRP A CA  1 
ATOM 1231 C C   . TRP A 1 152 ? -7.58662  1.74616   15.52543  1.000 47.78498 ? 153 TRP A C   1 
ATOM 1232 O O   . TRP A 1 152 ? -6.61840  2.45382   15.22975  1.000 47.51762 ? 153 TRP A O   1 
ATOM 1233 C CB  . TRP A 1 152 ? -9.45030  2.24249   13.82796  1.000 47.86320 ? 153 TRP A CB  1 
ATOM 1234 C CG  . TRP A 1 152 ? -8.94138  3.65815   13.77725  1.000 47.88065 ? 153 TRP A CG  1 
ATOM 1235 C CD1 . TRP A 1 152 ? -9.41173  4.72656   14.48309  1.000 47.93596 ? 153 TRP A CD1 1 
ATOM 1236 C CD2 . TRP A 1 152 ? -7.85025  4.14839   12.98611  1.000 47.42770 ? 153 TRP A CD2 1 
ATOM 1237 N NE1 . TRP A 1 152 ? -8.68401  5.85256   14.17787  1.000 47.76456 ? 153 TRP A NE1 1 
ATOM 1238 C CE2 . TRP A 1 152 ? -7.71681  5.52259   13.26491  1.000 47.60088 ? 153 TRP A CE2 1 
ATOM 1239 C CE3 . TRP A 1 152 ? -6.96676  3.55471   12.07803  1.000 46.78609 ? 153 TRP A CE3 1 
ATOM 1240 C CZ2 . TRP A 1 152 ? -6.74149  6.31459   12.66204  1.000 47.32161 ? 153 TRP A CZ2 1 
ATOM 1241 C CZ3 . TRP A 1 152 ? -5.99935  4.34314   11.48027  1.000 46.66110 ? 153 TRP A CZ3 1 
ATOM 1242 C CH2 . TRP A 1 152 ? -5.89704  5.70871   11.77215  1.000 46.71363 ? 153 TRP A CH2 1 
ATOM 1243 N N   . ILE A 1 153 ? -7.76136  1.31622   16.77234  1.000 47.83632 ? 154 ILE A N   1 
ATOM 1244 C CA  . ILE A 1 153 ? -6.97520  1.83643   17.88004  1.000 47.62078 ? 154 ILE A CA  1 
ATOM 1245 C C   . ILE A 1 153 ? -5.94265  0.83086   18.37387  1.000 47.23380 ? 154 ILE A C   1 
ATOM 1246 O O   . ILE A 1 153 ? -5.00387  1.23006   19.08021  1.000 46.85789 ? 154 ILE A O   1 
ATOM 1247 C CB  . ILE A 1 153 ? -7.88258  2.31507   19.03797  1.000 47.61595 ? 154 ILE A CB  1 
ATOM 1248 C CG1 . ILE A 1 153 ? -7.25980  3.52029   19.75263  1.000 46.81968 ? 154 ILE A CG1 1 
ATOM 1249 C CG2 . ILE A 1 153 ? -8.20839  1.18580   20.02073  1.000 47.05986 ? 154 ILE A CG2 1 
ATOM 1250 C CD1 . ILE A 1 153 ? -8.15478  4.14168   20.80212  1.000 46.08487 ? 154 ILE A CD1 1 
ATOM 1251 N N   . GLU A 1 154 ? -6.06462  -0.44726  18.00702  1.000 47.25618 ? 155 GLU A N   1 
ATOM 1252 C CA  . GLU A 1 154 ? -4.98315  -1.39871  18.21301  1.000 46.93871 ? 155 GLU A CA  1 
ATOM 1253 C C   . GLU A 1 154 ? -3.88752  -1.24137  17.16992  1.000 46.40776 ? 155 GLU A C   1 
ATOM 1254 O O   . GLU A 1 154 ? -2.77604  -1.74253  17.37267  1.000 46.05287 ? 155 GLU A O   1 
ATOM 1255 C CB  . GLU A 1 154 ? -5.52927  -2.82797  18.19000  1.000 47.17389 ? 155 GLU A CB  1 
ATOM 1256 C CG  . GLU A 1 154 ? -6.61784  -3.08132  19.22144  1.000 47.77320 ? 155 GLU A CG  1 
ATOM 1257 C CD  . GLU A 1 154 ? -7.55480  -4.20509  18.82301  1.000 48.02858 ? 155 GLU A CD  1 
ATOM 1258 O OE1 . GLU A 1 154 ? -8.34225  -4.65504  19.68253  1.000 47.68382 ? 155 GLU A OE1 1 
ATOM 1259 O OE2 . GLU A 1 154 ? -7.50440  -4.63764  17.65176  1.000 48.00336 ? 155 GLU A OE2 1 
ATOM 1260 N N   . PHE A 1 155 ? -4.17999  -0.55404  16.06461  1.000 46.32182 ? 156 PHE A N   1 
ATOM 1261 C CA  . PHE A 1 155 ? -3.18905  -0.27632  15.03483  1.000 45.60538 ? 156 PHE A CA  1 
ATOM 1262 C C   . PHE A 1 155 ? -2.47317  1.05087   15.25045  1.000 44.94611 ? 156 PHE A C   1 
ATOM 1263 O O   . PHE A 1 155 ? -1.29716  1.16929   14.89352  1.000 44.20401 ? 156 PHE A O   1 
ATOM 1264 C CB  . PHE A 1 155 ? -3.85058  -0.29231  13.65129  1.000 45.20705 ? 156 PHE A CB  1 
ATOM 1265 C CG  . PHE A 1 155 ? -2.88842  -0.09464  12.51052  1.000 44.27872 ? 156 PHE A CG  1 
ATOM 1266 C CD1 . PHE A 1 155 ? -3.15214  0.84091   11.52087  1.000 43.63408 ? 156 PHE A CD1 1 
ATOM 1267 C CD2 . PHE A 1 155 ? -1.72014  -0.84062  12.42965  1.000 43.94296 ? 156 PHE A CD2 1 
ATOM 1268 C CE1 . PHE A 1 155 ? -2.26997  1.02795   10.46986  1.000 42.38834 ? 156 PHE A CE1 1 
ATOM 1269 C CE2 . PHE A 1 155 ? -0.83183  -0.65774  11.38158  1.000 42.73537 ? 156 PHE A CE2 1 
ATOM 1270 C CZ  . PHE A 1 155 ? -1.10834  0.27771   10.40098  1.000 41.61853 ? 156 PHE A CZ  1 
ATOM 1271 N N   . THR A 1 156 ? -3.14204  2.04859   15.83798  1.000 45.27696 ? 157 THR A N   1 
ATOM 1272 C CA  . THR A 1 156 ? -2.50364  3.35123   16.01655  1.000 45.12235 ? 157 THR A CA  1 
ATOM 1273 C C   . THR A 1 156 ? -1.47708  3.32544   17.14249  1.000 44.63616 ? 157 THR A C   1 
ATOM 1274 O O   . THR A 1 156 ? -0.44899  4.00783   17.06272  1.000 44.14975 ? 157 THR A O   1 
ATOM 1275 C CB  . THR A 1 156 ? -3.54899  4.43504   16.28221  1.000 45.59080 ? 157 THR A CB  1 
ATOM 1276 O OG1 . THR A 1 156 ? -4.48354  3.97663   17.26628  1.000 46.20716 ? 157 THR A OG1 1 
ATOM 1277 C CG2 . THR A 1 156 ? -4.28294  4.80179   15.00101  1.000 46.05983 ? 157 THR A CG2 1 
ATOM 1278 N N   . GLU A 1 157 ? -1.73289  2.55370   18.20111  1.000 45.14904 ? 158 GLU A N   1 
ATOM 1279 C CA  . GLU A 1 157 ? -0.76039  2.46792   19.28306  1.000 45.11368 ? 158 GLU A CA  1 
ATOM 1280 C C   . GLU A 1 157 ? 0.43150   1.59156   18.92259  1.000 44.27975 ? 158 GLU A C   1 
ATOM 1281 O O   . GLU A 1 157 ? 1.51314   1.77845   19.49091  1.000 43.77476 ? 158 GLU A O   1 
ATOM 1282 C CB  . GLU A 1 157 ? -1.42028  1.95439   20.56654  1.000 45.47580 ? 158 GLU A CB  1 
ATOM 1283 C CG  . GLU A 1 157 ? -2.08520  0.59685   20.44933  1.000 46.01771 ? 158 GLU A CG  1 
ATOM 1284 C CD  . GLU A 1 157 ? -2.78341  0.18542   21.73110  1.000 46.62088 ? 158 GLU A CD  1 
ATOM 1285 O OE1 . GLU A 1 157 ? -2.11719  0.15252   22.78760  1.000 46.87569 ? 158 GLU A OE1 1 
ATOM 1286 O OE2 . GLU A 1 157 ? -3.99878  -0.10177  21.68295  1.000 46.69641 ? 158 GLU A OE2 1 
ATOM 1287 N N   . GLU A 1 158 ? 0.26643   0.64923   17.99256  1.000 43.95573 ? 159 GLU A N   1 
ATOM 1288 C CA  . GLU A 1 158 ? 1.40464   -0.11114  17.49909  1.000 43.51462 ? 159 GLU A CA  1 
ATOM 1289 C C   . GLU A 1 158 ? 2.10466   0.57652   16.33534  1.000 42.82933 ? 159 GLU A C   1 
ATOM 1290 O O   . GLU A 1 158 ? 3.26224   0.25226   16.05364  1.000 42.24813 ? 159 GLU A O   1 
ATOM 1291 C CB  . GLU A 1 158 ? 0.97739   -1.52863  17.09228  1.000 43.96137 ? 159 GLU A CB  1 
ATOM 1292 C CG  . GLU A 1 158 ? 0.23231   -1.62996  15.77343  1.000 44.42347 ? 159 GLU A CG  1 
ATOM 1293 C CD  . GLU A 1 158 ? -0.15434  -3.05543  15.42641  1.000 44.88655 ? 159 GLU A CD  1 
ATOM 1294 O OE1 . GLU A 1 158 ? 0.72268   -3.94259  15.48818  1.000 45.05074 ? 159 GLU A OE1 1 
ATOM 1295 O OE2 . GLU A 1 158 ? -1.33546  -3.28846  15.09095  1.000 45.03703 ? 159 GLU A OE2 1 
ATOM 1296 N N   . ALA A 1 159 ? 1.43976   1.51943   15.65857  1.000 43.18281 ? 160 ALA A N   1 
ATOM 1297 C CA  . ALA A 1 159 ? 2.13653   2.35254   14.68499  1.000 42.20521 ? 160 ALA A CA  1 
ATOM 1298 C C   . ALA A 1 159 ? 2.94521   3.44424   15.36664  1.000 41.58827 ? 160 ALA A C   1 
ATOM 1299 O O   . ALA A 1 159 ? 4.01428   3.81431   14.87254  1.000 41.07339 ? 160 ALA A O   1 
ATOM 1300 C CB  . ALA A 1 159 ? 1.15235   2.97747   13.69516  1.000 41.88682 ? 160 ALA A CB  1 
ATOM 1301 N N   . GLU A 1 160 ? 2.45506   3.96749   16.49446  1.000 42.07508 ? 161 GLU A N   1 
ATOM 1302 C CA  . GLU A 1 160 ? 3.24714   4.90971   17.27718  1.000 41.95794 ? 161 GLU A CA  1 
ATOM 1303 C C   . GLU A 1 160 ? 4.41746   4.21660   17.96060  1.000 41.12298 ? 161 GLU A C   1 
ATOM 1304 O O   . GLU A 1 160 ? 5.43400   4.85773   18.24377  1.000 40.49792 ? 161 GLU A O   1 
ATOM 1305 C CB  . GLU A 1 160 ? 2.36694   5.61271   18.31107  1.000 42.76539 ? 161 GLU A CB  1 
ATOM 1306 C CG  . GLU A 1 160 ? 1.45727   6.68443   17.72875  1.000 43.56903 ? 161 GLU A CG  1 
ATOM 1307 C CD  . GLU A 1 160 ? 0.59987   7.35925   18.78303  1.000 44.59142 ? 161 GLU A CD  1 
ATOM 1308 O OE1 . GLU A 1 160 ? -0.47985  7.88080   18.43040  1.000 44.72652 ? 161 GLU A OE1 1 
ATOM 1309 O OE2 . GLU A 1 160 ? 1.00605   7.36842   19.96462  1.000 45.10054 ? 161 GLU A OE2 1 
ATOM 1310 N N   . GLU A 1 161 ? 4.28898   2.91642   18.23706  1.000 41.42335 ? 162 GLU A N   1 
ATOM 1311 C CA  . GLU A 1 161 ? 5.41812   2.14206   18.74138  1.000 40.94783 ? 162 GLU A CA  1 
ATOM 1312 C C   . GLU A 1 161 ? 6.45892   1.91908   17.64937  1.000 40.18175 ? 162 GLU A C   1 
ATOM 1313 O O   . GLU A 1 161 ? 7.66545   2.03377   17.89799  1.000 39.78028 ? 162 GLU A O   1 
ATOM 1314 C CB  . GLU A 1 161 ? 4.91525   0.80772   19.30053  1.000 41.40208 ? 162 GLU A CB  1 
ATOM 1315 C CG  . GLU A 1 161 ? 5.99272   -0.22866  19.59806  1.000 41.06658 ? 162 GLU A CG  1 
ATOM 1316 C CD  . GLU A 1 161 ? 6.81083   0.10786   20.83069  1.000 41.16508 ? 162 GLU A CD  1 
ATOM 1317 O OE1 . GLU A 1 161 ? 7.98676   -0.30947  20.89640  1.000 40.96399 ? 162 GLU A OE1 1 
ATOM 1318 O OE2 . GLU A 1 161 ? 6.27633   0.78125   21.73731  1.000 40.98930 ? 162 GLU A OE2 1 
ATOM 1319 N N   . ILE A 1 162 ? 6.00552   1.62444   16.42834  1.000 40.27589 ? 163 ILE A N   1 
ATOM 1320 C CA  . ILE A 1 162 ? 6.91952   1.33977   15.32538  1.000 39.82383 ? 163 ILE A CA  1 
ATOM 1321 C C   . ILE A 1 162 ? 7.59046   2.62272   14.83347  1.000 39.21507 ? 163 ILE A C   1 
ATOM 1322 O O   . ILE A 1 162 ? 8.79555   2.63585   14.54752  1.000 38.82735 ? 163 ILE A O   1 
ATOM 1323 C CB  . ILE A 1 162 ? 6.15780   0.59157   14.21017  1.000 39.59403 ? 163 ILE A CB  1 
ATOM 1324 C CG1 . ILE A 1 162 ? 5.96787   -0.87710  14.59818  1.000 39.82552 ? 163 ILE A CG1 1 
ATOM 1325 C CG2 . ILE A 1 162 ? 6.87320   0.65136   12.87832  1.000 39.10589 ? 163 ILE A CG2 1 
ATOM 1326 C CD1 . ILE A 1 162 ? 5.09787   -1.65902  13.63560  1.000 39.86824 ? 163 ILE A CD1 1 
ATOM 1327 N N   . MET A 1 163 ? 6.83952   3.73130   14.77758  1.000 39.43986 ? 164 MET A N   1 
ATOM 1328 C CA  . MET A 1 163 ? 7.41992   5.01640   14.38470  1.000 38.97901 ? 164 MET A CA  1 
ATOM 1329 C C   . MET A 1 163 ? 8.41913   5.53644   15.41298  1.000 39.07206 ? 164 MET A C   1 
ATOM 1330 O O   . MET A 1 163 ? 9.33810   6.28347   15.05809  1.000 38.69930 ? 164 MET A O   1 
ATOM 1331 C CB  . MET A 1 163 ? 6.32141   6.05916   14.17243  1.000 39.24303 ? 164 MET A CB  1 
ATOM 1332 C CG  . MET A 1 163 ? 5.56943   5.94092   12.85878  1.000 39.16653 ? 164 MET A CG  1 
ATOM 1333 S SD  . MET A 1 163 ? 4.40075   7.29669   12.63203  1.000 38.17448 ? 164 MET A SD  1 
ATOM 1334 C CE  . MET A 1 163 ? 3.35284   7.08468   14.06812  1.000 39.95092 ? 164 MET A CE  1 
ATOM 1335 N N   . ARG A 1 164 ? 8.26085   5.15638   16.68136  1.000 39.43465 ? 165 ARG A N   1 
ATOM 1336 C CA  . ARG A 1 164 ? 9.19643   5.59394   17.71010  1.000 38.86818 ? 165 ARG A CA  1 
ATOM 1337 C C   . ARG A 1 164 ? 10.47784  4.76841   17.68912  1.000 38.82312 ? 165 ARG A C   1 
ATOM 1338 O O   . ARG A 1 164 ? 11.56835  5.30786   17.90298  1.000 38.61885 ? 165 ARG A O   1 
ATOM 1339 C CB  . ARG A 1 164 ? 8.52645   5.52023   19.08361  1.000 39.27120 ? 165 ARG A CB  1 
ATOM 1340 C CG  . ARG A 1 164 ? 9.38218   5.97418   20.25672  1.000 39.66421 ? 165 ARG A CG  1 
ATOM 1341 C CD  . ARG A 1 164 ? 8.60386   5.96166   21.57250  1.000 40.08352 ? 165 ARG A CD  1 
ATOM 1342 N NE  . ARG A 1 164 ? 8.02462   4.65311   21.87081  1.000 40.55359 ? 165 ARG A NE  1 
ATOM 1343 C CZ  . ARG A 1 164 ? 6.72066   4.39029   21.86720  1.000 40.60815 ? 165 ARG A CZ  1 
ATOM 1344 N NH1 . ARG A 1 164 ? 5.84810   5.34808   21.58209  1.000 40.46413 ? 165 ARG A NH1 1 
ATOM 1345 N NH2 . ARG A 1 164 ? 6.29005   3.16835   22.14591  1.000 40.52682 ? 165 ARG A NH2 1 
ATOM 1346 N N   . THR A 1 165 ? 10.37432  3.46953   17.41167  1.000 38.95334 ? 166 THR A N   1 
ATOM 1347 C CA  . THR A 1 165 ? 11.51629  2.56755   17.51348  1.000 38.86344 ? 166 THR A CA  1 
ATOM 1348 C C   . THR A 1 165 ? 12.16259  2.23932   16.17336  1.000 38.75911 ? 166 THR A C   1 
ATOM 1349 O O   . THR A 1 165 ? 13.39018  2.12983   16.09978  1.000 38.95590 ? 166 THR A O   1 
ATOM 1350 C CB  . THR A 1 165 ? 11.09960  1.26176   18.19839  1.000 38.74320 ? 166 THR A CB  1 
ATOM 1351 O OG1 . THR A 1 165 ? 10.09367  0.60817   17.41480  1.000 38.93245 ? 166 THR A OG1 1 
ATOM 1352 C CG2 . THR A 1 165 ? 10.55304  1.54125   19.58983  1.000 39.32544 ? 166 THR A CG2 1 
ATOM 1353 N N   . ASN A 1 166 ? 11.37924  2.08129   15.10970  1.000 38.55087 ? 167 ASN A N   1 
ATOM 1354 C CA  . ASN A 1 166 ? 11.88386  1.56830   13.83774  1.000 38.15182 ? 167 ASN A CA  1 
ATOM 1355 C C   . ASN A 1 166 ? 11.41132  2.43706   12.67806  1.000 37.76265 ? 167 ASN A C   1 
ATOM 1356 O O   . ASN A 1 166 ? 10.85720  1.95266   11.68903  1.000 37.66558 ? 167 ASN A O   1 
ATOM 1357 C CB  . ASN A 1 166 ? 11.46348  0.11473   13.63758  1.000 38.16360 ? 167 ASN A CB  1 
ATOM 1358 C CG  . ASN A 1 166 ? 12.37576  -0.62934  12.68077  1.000 38.04751 ? 167 ASN A CG  1 
ATOM 1359 O OD1 . ASN A 1 166 ? 13.42652  -0.12293  12.28584  1.000 37.95631 ? 167 ASN A OD1 1 
ATOM 1360 N ND2 . ASN A 1 166 ? 11.98011  -1.84045  12.30728  1.000 38.17388 ? 167 ASN A ND2 1 
ATOM 1361 N N   . LEU A 1 167 ? 11.61244  3.75292   12.79825  1.000 37.79142 ? 168 LEU A N   1 
ATOM 1362 C CA  . LEU A 1 167 ? 11.27669  4.65533   11.69987  1.000 37.50387 ? 168 LEU A CA  1 
ATOM 1363 C C   . LEU A 1 167 ? 12.24474  4.50124   10.53070  1.000 37.20684 ? 168 LEU A C   1 
ATOM 1364 O O   . LEU A 1 167 ? 11.88117  4.79030   9.38363   1.000 37.06983 ? 168 LEU A O   1 
ATOM 1365 C CB  . LEU A 1 167 ? 11.26471  6.10281   12.19552  1.000 37.50856 ? 168 LEU A CB  1 
ATOM 1366 C CG  . LEU A 1 167 ? 10.64453  7.16004   11.27645  1.000 37.47436 ? 168 LEU A CG  1 
ATOM 1367 C CD1 . LEU A 1 167 ? 9.12686   7.02780   11.23265  1.000 37.70228 ? 168 LEU A CD1 1 
ATOM 1368 C CD2 . LEU A 1 167 ? 11.06861  8.55618   11.68506  1.000 37.59104 ? 168 LEU A CD2 1 
ATOM 1369 N N   . ARG A 1 168 ? 13.47234  4.04536   10.80178  1.000 37.34097 ? 169 ARG A N   1 
ATOM 1370 C CA  . ARG A 1 168 ? 14.43921  3.80039   9.73528   1.000 37.37936 ? 169 ARG A CA  1 
ATOM 1371 C C   . ARG A 1 168 ? 13.99910  2.64222   8.84660   1.000 37.45497 ? 169 ARG A C   1 
ATOM 1372 O O   . ARG A 1 168 ? 14.16562  2.69216   7.62154   1.000 37.41883 ? 169 ARG A O   1 
ATOM 1373 C CB  . ARG A 1 168 ? 15.81767  3.52781   10.33842  1.000 37.30518 ? 169 ARG A CB  1 
ATOM 1374 C CG  . ARG A 1 168 ? 16.91425  3.28846   9.31644   1.000 37.63539 ? 169 ARG A CG  1 
ATOM 1375 C CD  . ARG A 1 168 ? 18.28743  3.42299   9.94015   1.000 38.07511 ? 169 ARG A CD  1 
ATOM 1376 N NE  . ARG A 1 168 ? 19.33866  3.49339   8.93024   1.000 38.48510 ? 169 ARG A NE  1 
ATOM 1377 C CZ  . ARG A 1 168 ? 20.24900  2.54618   8.73202   1.000 38.70580 ? 169 ARG A CZ  1 
ATOM 1378 N NH1 . ARG A 1 168 ? 20.24020  1.44985   9.47785   1.000 38.81167 ? 169 ARG A NH1 1 
ATOM 1379 N NH2 . ARG A 1 168 ? 21.16975  2.69569   7.78930   1.000 38.83543 ? 169 ARG A NH2 1 
ATOM 1380 N N   . GLY A 1 169 ? 13.41935  1.59915   9.44413   1.000 37.29763 ? 170 GLY A N   1 
ATOM 1381 C CA  . GLY A 1 169 ? 12.85108  0.52585   8.64998   1.000 37.02527 ? 170 GLY A CA  1 
ATOM 1382 C C   . GLY A 1 169 ? 11.59118  0.93624   7.91678   1.000 37.26307 ? 170 GLY A C   1 
ATOM 1383 O O   . GLY A 1 169 ? 11.29270  0.39999   6.84548   1.000 37.61021 ? 170 GLY A O   1 
ATOM 1384 N N   . VAL A 1 170 ? 10.83740  1.88514   8.47812   1.000 37.14914 ? 171 VAL A N   1 
ATOM 1385 C CA  . VAL A 1 170 ? 9.63647   2.38509   7.81370   1.000 37.10596 ? 171 VAL A CA  1 
ATOM 1386 C C   . VAL A 1 170 ? 10.01344  3.21696   6.59464   1.000 37.21268 ? 171 VAL A C   1 
ATOM 1387 O O   . VAL A 1 170 ? 9.48630   3.00875   5.49531   1.000 37.40721 ? 171 VAL A O   1 
ATOM 1388 C CB  . VAL A 1 170 ? 8.77351   3.18668   8.80631   1.000 37.13863 ? 171 VAL A CB  1 
ATOM 1389 C CG1 . VAL A 1 170 ? 7.73848   4.03900   8.08054   1.000 37.28480 ? 171 VAL A CG1 1 
ATOM 1390 C CG2 . VAL A 1 170 ? 8.08896   2.24869   9.76579   1.000 37.32994 ? 171 VAL A CG2 1 
ATOM 1391 N N   . TYR A 1 171 ? 10.96576  4.14159   6.76426   1.000 37.07595 ? 172 TYR A N   1 
ATOM 1392 C CA  . TYR A 1 171 ? 11.40070  5.01826   5.68064   1.000 37.02308 ? 172 TYR A CA  1 
ATOM 1393 C C   . TYR A 1 171 ? 12.13173  4.27204   4.56990   1.000 37.16038 ? 172 TYR A C   1 
ATOM 1394 O O   . TYR A 1 171 ? 12.23510  4.79524   3.45543   1.000 37.28968 ? 172 TYR A O   1 
ATOM 1395 C CB  . TYR A 1 171 ? 12.29889  6.12414   6.23582   1.000 37.22855 ? 172 TYR A CB  1 
ATOM 1396 C CG  . TYR A 1 171 ? 11.61407  7.46351   6.39484   1.000 37.27709 ? 172 TYR A CG  1 
ATOM 1397 C CD1 . TYR A 1 171 ? 12.11347  8.59627   5.76131   1.000 37.31193 ? 172 TYR A CD1 1 
ATOM 1398 C CD2 . TYR A 1 171 ? 10.47288  7.59753   7.18010   1.000 37.27049 ? 172 TYR A CD2 1 
ATOM 1399 C CE1 . TYR A 1 171 ? 11.49629  9.82655   5.90206   1.000 37.55649 ? 172 TYR A CE1 1 
ATOM 1400 C CE2 . TYR A 1 171 ? 9.84754   8.82637   7.32912   1.000 37.23662 ? 172 TYR A CE2 1 
ATOM 1401 C CZ  . TYR A 1 171 ? 10.36457  9.93527   6.68567   1.000 37.70159 ? 172 TYR A CZ  1 
ATOM 1402 O OH  . TYR A 1 171 ? 9.75120   11.15937  6.82474   1.000 38.32077 ? 172 TYR A OH  1 
ATOM 1403 N N   . SER A 1 172 ? 12.63745  3.06674   4.84430   1.000 37.07679 ? 173 SER A N   1 
ATOM 1404 C CA  . SER A 1 172 ? 13.20613  2.23571   3.79150   1.000 37.17954 ? 173 SER A CA  1 
ATOM 1405 C C   . SER A 1 172 ? 12.13352  1.63001   2.89394   1.000 37.33983 ? 173 SER A C   1 
ATOM 1406 O O   . SER A 1 172 ? 12.45031  1.17895   1.78795   1.000 37.53455 ? 173 SER A O   1 
ATOM 1407 C CB  . SER A 1 172 ? 14.05911  1.12668   4.40427   1.000 37.24211 ? 173 SER A CB  1 
ATOM 1408 O OG  . SER A 1 172 ? 13.25065  0.21309   5.12417   1.000 37.12068 ? 173 SER A OG  1 
ATOM 1409 N N   . ILE A 1 173 ? 10.88030  1.60082   3.34802   1.000 37.35672 ? 174 ILE A N   1 
ATOM 1410 C CA  . ILE A 1 173 ? 9.75979   1.12321   2.54542   1.000 37.25163 ? 174 ILE A CA  1 
ATOM 1411 C C   . ILE A 1 173 ? 8.94144   2.32517   2.08232   1.000 37.16501 ? 174 ILE A C   1 
ATOM 1412 O O   . ILE A 1 173 ? 8.39651   2.32796   0.97236   1.000 37.35623 ? 174 ILE A O   1 
ATOM 1413 C CB  . ILE A 1 173 ? 8.89838   0.12226   3.34251   1.000 37.14701 ? 174 ILE A CB  1 
ATOM 1414 C CG1 . ILE A 1 173 ? 9.77432   -0.98934  3.92585   1.000 37.22311 ? 174 ILE A CG1 1 
ATOM 1415 C CG2 . ILE A 1 173 ? 7.80572   -0.49291  2.47307   1.000 37.16973 ? 174 ILE A CG2 1 
ATOM 1416 C CD1 . ILE A 1 173 ? 10.39396  -1.89873  2.88480   1.000 37.16592 ? 174 ILE A CD1 1 
ATOM 1417 N N   . LEU A 1 174 ? 8.88155   3.36761   2.91932   1.000 37.09661 ? 175 LEU A N   1 
ATOM 1418 C CA  . LEU A 1 174 ? 8.02372   4.51954   2.64204   1.000 37.18242 ? 175 LEU A CA  1 
ATOM 1419 C C   . LEU A 1 174 ? 8.55482   5.35437   1.48162   1.000 37.13532 ? 175 LEU A C   1 
ATOM 1420 O O   . LEU A 1 174 ? 7.80344   5.70329   0.56385   1.000 36.94794 ? 175 LEU A O   1 
ATOM 1421 C CB  . LEU A 1 174 ? 7.88651   5.37981   3.89988   1.000 37.25872 ? 175 LEU A CB  1 
ATOM 1422 C CG  . LEU A 1 174 ? 7.20207   6.74201   3.78953   1.000 37.48350 ? 175 LEU A CG  1 
ATOM 1423 C CD1 . LEU A 1 174 ? 5.76508   6.57822   3.36621   1.000 38.00814 ? 175 LEU A CD1 1 
ATOM 1424 C CD2 . LEU A 1 174 ? 7.28232   7.48872   5.10951   1.000 37.92306 ? 175 LEU A CD2 1 
ATOM 1425 N N   . LEU A 1 175 ? 9.84423   5.68996   1.50870   1.000 37.28462 ? 176 LEU A N   1 
ATOM 1426 C CA  . LEU A 1 175 ? 10.44718  6.54613   0.48821   1.000 37.23720 ? 176 LEU A CA  1 
ATOM 1427 C C   . LEU A 1 175 ? 10.51610  5.92950   -0.91674  1.000 37.27725 ? 176 LEU A C   1 
ATOM 1428 O O   . LEU A 1 175 ? 10.31817  6.67579   -1.88344  1.000 37.42445 ? 176 LEU A O   1 
ATOM 1429 C CB  . LEU A 1 175 ? 11.83930  7.01168   0.93974   1.000 36.97536 ? 176 LEU A CB  1 
ATOM 1430 C CG  . LEU A 1 175 ? 11.90662  7.98252   2.12196   1.000 36.78202 ? 176 LEU A CG  1 
ATOM 1431 C CD1 . LEU A 1 175 ? 13.29277  8.59973   2.22313   1.000 37.61666 ? 176 LEU A CD1 1 
ATOM 1432 C CD2 . LEU A 1 175 ? 10.84340  9.06986   2.01321   1.000 36.63482 ? 176 LEU A CD2 1 
ATOM 1433 N N   . PRO A 1 176 ? 10.78137  4.62302   -1.12049  1.000 37.12298 ? 177 PRO A N   1 
ATOM 1434 C CA  . PRO A 1 176 ? 10.55579  4.07171   -2.46954  1.000 37.15142 ? 177 PRO A CA  1 
ATOM 1435 C C   . PRO A 1 176 ? 9.09186   3.97910   -2.85576  1.000 37.19625 ? 177 PRO A C   1 
ATOM 1436 O O   . PRO A 1 176 ? 8.79089   3.96216   -4.05519  1.000 37.27323 ? 177 PRO A O   1 
ATOM 1437 C CB  . PRO A 1 176 ? 11.19647  2.67994   -2.40068  1.000 37.58190 ? 177 PRO A CB  1 
ATOM 1438 C CG  . PRO A 1 176 ? 12.20277  2.79601   -1.35807  1.000 37.67869 ? 177 PRO A CG  1 
ATOM 1439 C CD  . PRO A 1 176 ? 11.57570  3.66240   -0.32269  1.000 37.40043 ? 177 PRO A CD  1 
ATOM 1440 N N   . LEU A 1 177 ? 8.17518   3.91758   -1.88720  1.000 37.37285 ? 178 LEU A N   1 
ATOM 1441 C CA  . LEU A 1 177 ? 6.75635   3.85083   -2.22007  1.000 37.29381 ? 178 LEU A CA  1 
ATOM 1442 C C   . LEU A 1 177 ? 6.23173   5.20361   -2.68344  1.000 37.28910 ? 178 LEU A C   1 
ATOM 1443 O O   . LEU A 1 177 ? 5.43576   5.27184   -3.62469  1.000 37.25696 ? 178 LEU A O   1 
ATOM 1444 C CB  . LEU A 1 177 ? 5.95526   3.34775   -1.02003  1.000 37.18815 ? 178 LEU A CB  1 
ATOM 1445 C CG  . LEU A 1 177 ? 5.35242   1.94773   -1.14482  1.000 37.63655 ? 178 LEU A CG  1 
ATOM 1446 C CD1 . LEU A 1 177 ? 6.43971   0.90900   -1.37384  1.000 37.65882 ? 178 LEU A CD1 1 
ATOM 1447 C CD2 . LEU A 1 177 ? 4.53181   1.60890   0.08966   1.000 37.78232 ? 178 LEU A CD2 1 
ATOM 1448 N N   . VAL A 1 178 ? 6.66902   6.28817   -2.03740  1.000 37.36272 ? 179 VAL A N   1 
ATOM 1449 C CA  . VAL A 1 178 ? 6.19957   7.62469   -2.39753  1.000 37.36643 ? 179 VAL A CA  1 
ATOM 1450 C C   . VAL A 1 178 ? 6.81463   8.06958   -3.72279  1.000 37.28158 ? 179 VAL A C   1 
ATOM 1451 O O   . VAL A 1 178 ? 6.14945   8.71088   -4.54825  1.000 37.30534 ? 179 VAL A O   1 
ATOM 1452 C CB  . VAL A 1 178 ? 6.50284   8.60689   -1.24561  1.000 37.14609 ? 179 VAL A CB  1 
ATOM 1453 C CG1 . VAL A 1 178 ? 6.17896   10.04897  -1.61648  1.000 37.44710 ? 179 VAL A CG1 1 
ATOM 1454 C CG2 . VAL A 1 178 ? 5.71554   8.21704   -0.01104  1.000 37.64442 ? 179 VAL A CG2 1 
ATOM 1455 N N   . VAL A 1 179 ? 8.07811   7.70170   -3.96141  1.000 37.26601 ? 180 VAL A N   1 
ATOM 1456 C CA  . VAL A 1 179 ? 8.76438   8.06250   -5.20163  1.000 37.49525 ? 180 VAL A CA  1 
ATOM 1457 C C   . VAL A 1 179 ? 8.13188   7.34944   -6.39550  1.000 37.38268 ? 180 VAL A C   1 
ATOM 1458 O O   . VAL A 1 179 ? 7.88994   7.95959   -7.44609  1.000 37.34285 ? 180 VAL A O   1 
ATOM 1459 C CB  . VAL A 1 179 ? 10.27175  7.75889   -5.06125  1.000 37.38146 ? 180 VAL A CB  1 
ATOM 1460 C CG1 . VAL A 1 179 ? 10.94514  7.53429   -6.40608  1.000 37.17063 ? 180 VAL A CG1 1 
ATOM 1461 C CG2 . VAL A 1 179 ? 10.96790  8.88593   -4.30964  1.000 37.74421 ? 180 VAL A CG2 1 
ATOM 1462 N N   . ALA A 1 180 ? 7.79661   6.06877   -6.23361  1.000 37.41634 ? 181 ALA A N   1 
ATOM 1463 C CA  . ALA A 1 180 ? 7.12667   5.32472   -7.29124  1.000 37.34037 ? 181 ALA A CA  1 
ATOM 1464 C C   . ALA A 1 180 ? 5.65768   5.70023   -7.44281  1.000 37.64169 ? 181 ALA A C   1 
ATOM 1465 O O   . ALA A 1 180 ? 5.08373   5.46759   -8.51181  1.000 38.11430 ? 181 ALA A O   1 
ATOM 1466 C CB  . ALA A 1 180 ? 7.24548   3.82205   -7.03259  1.000 37.80237 ? 181 ALA A CB  1 
ATOM 1467 N N   . ASP A 1 181 ? 5.03472   6.26611   -6.40479  1.000 37.79992 ? 182 ASP A N   1 
ATOM 1468 C CA  . ASP A 1 181 ? 3.63093   6.65609   -6.50573  1.000 37.94068 ? 182 ASP A CA  1 
ATOM 1469 C C   . ASP A 1 181 ? 3.46210   7.92161   -7.33509  1.000 37.95368 ? 182 ASP A C   1 
ATOM 1470 O O   . ASP A 1 181 ? 2.55490   8.00304   -8.17000  1.000 38.15001 ? 182 ASP A O   1 
ATOM 1471 C CB  . ASP A 1 181 ? 3.03333   6.86139   -5.11255  1.000 37.96927 ? 182 ASP A CB  1 
ATOM 1472 C CG  . ASP A 1 181 ? 1.52028   6.79622   -5.10822  1.000 38.49566 ? 182 ASP A CG  1 
ATOM 1473 O OD1 . ASP A 1 181 ? 0.96706   5.77145   -5.55649  1.000 38.88860 ? 182 ASP A OD1 1 
ATOM 1474 O OD2 . ASP A 1 181 ? 0.88271   7.76813   -4.65152  1.000 39.13960 ? 182 ASP A OD2 1 
ATOM 1475 N N   . ASN A 1 182 ? 4.32501   8.91541   -7.12049  1.000 37.98041 ? 183 ASN A N   1 
ATOM 1476 C CA  . ASN A 1 182 ? 4.20826   10.17757  -7.83650  1.000 37.69825 ? 183 ASN A CA  1 
ATOM 1477 C C   . ASN A 1 182 ? 4.69255   10.08566  -9.27568  1.000 37.72526 ? 183 ASN A C   1 
ATOM 1478 O O   . ASN A 1 182 ? 4.30784   10.92635  -10.09488 1.000 38.15818 ? 183 ASN A O   1 
ATOM 1479 C CB  . ASN A 1 182 ? 4.98308   11.27422  -7.10571  1.000 37.77909 ? 183 ASN A CB  1 
ATOM 1480 C CG  . ASN A 1 182 ? 4.61170   11.37346  -5.63921  1.000 37.75567 ? 183 ASN A CG  1 
ATOM 1481 O OD1 . ASN A 1 182 ? 3.54031   10.92994  -5.22540  1.000 37.45417 ? 183 ASN A OD1 1 
ATOM 1482 N ND2 . ASN A 1 182 ? 5.49681   11.96372  -4.84471  1.000 38.03740 ? 183 ASN A ND2 1 
ATOM 1483 N N   . TYR A 1 183 ? 5.52711   9.09611   -9.60168  1.000 37.57166 ? 184 TYR A N   1 
ATOM 1484 C CA  . TYR A 1 183 ? 5.93276   8.90746   -10.99038 1.000 37.57814 ? 184 TYR A CA  1 
ATOM 1485 C C   . TYR A 1 183 ? 4.78037   8.35393   -11.81688 1.000 37.95442 ? 184 TYR A C   1 
ATOM 1486 O O   . TYR A 1 183 ? 4.48225   8.86472   -12.90232 1.000 38.30025 ? 184 TYR A O   1 
ATOM 1487 C CB  . TYR A 1 183 ? 7.14818   7.97918   -11.07109 1.000 37.35570 ? 184 TYR A CB  1 
ATOM 1488 C CG  . TYR A 1 183 ? 7.63858   7.71585   -12.48478 1.000 37.22397 ? 184 TYR A CG  1 
ATOM 1489 C CD1 . TYR A 1 183 ? 7.27668   6.55660   -13.17205 1.000 37.24512 ? 184 TYR A CD1 1 
ATOM 1490 C CD2 . TYR A 1 183 ? 8.46745   8.62658   -13.13016 1.000 37.39948 ? 184 TYR A CD2 1 
ATOM 1491 C CE1 . TYR A 1 183 ? 7.72347   6.31766   -14.45878 1.000 37.19419 ? 184 TYR A CE1 1 
ATOM 1492 C CE2 . TYR A 1 183 ? 8.91998   8.39489   -14.41854 1.000 37.36992 ? 184 TYR A CE2 1 
ATOM 1493 C CZ  . TYR A 1 183 ? 8.54446   7.23994   -15.07569 1.000 37.29577 ? 184 TYR A CZ  1 
ATOM 1494 O OH  . TYR A 1 183 ? 8.99267   7.00758   -16.35537 1.000 37.38856 ? 184 TYR A OH  1 
ATOM 1495 N N   . ALA A 1 184 ? 4.12412   7.30161   -11.31555 1.000 37.92126 ? 185 ALA A N   1 
ATOM 1496 C CA  . ALA A 1 184 ? 3.02664   6.67676   -12.04743 1.000 38.04776 ? 185 ALA A CA  1 
ATOM 1497 C C   . ALA A 1 184 ? 1.80223   7.57959   -12.11094 1.000 38.32537 ? 185 ALA A C   1 
ATOM 1498 O O   . ALA A 1 184 ? 1.00711   7.47690   -13.05105 1.000 38.70407 ? 185 ALA A O   1 
ATOM 1499 C CB  . ALA A 1 184 ? 2.66703   5.33613   -11.40855 1.000 38.65873 ? 185 ALA A CB  1 
ATOM 1500 N N   . ALA A 1 185 ? 1.63796   8.47048   -11.13146 1.000 38.58980 ? 186 ALA A N   1 
ATOM 1501 C CA  . ALA A 1 185 ? 0.59056   9.47879   -11.21173 1.000 38.72541 ? 186 ALA A CA  1 
ATOM 1502 C C   . ALA A 1 185 ? 0.93454   10.58484  -12.19930 1.000 38.51992 ? 186 ALA A C   1 
ATOM 1503 O O   . ALA A 1 185 ? 0.03072   11.28336  -12.66702 1.000 38.80344 ? 186 ALA A O   1 
ATOM 1504 C CB  . ALA A 1 185 ? 0.32837   10.07870  -9.83002  1.000 38.95615 ? 186 ALA A CB  1 
ATOM 1505 N N   . ALA A 1 186 ? 2.21407   10.76150  -12.52557 1.000 38.22597 ? 187 ALA A N   1 
ATOM 1506 C CA  . ALA A 1 186 ? 2.61873   11.79725  -13.46626 1.000 38.38700 ? 187 ALA A CA  1 
ATOM 1507 C C   . ALA A 1 186 ? 2.54092   11.34243  -14.91674 1.000 38.28109 ? 187 ALA A C   1 
ATOM 1508 O O   . ALA A 1 186 ? 2.22645   12.15417  -15.79490 1.000 38.16309 ? 187 ALA A O   1 
ATOM 1509 C CB  . ALA A 1 186 ? 4.04103   12.26882  -13.15179 1.000 38.19557 ? 187 ALA A CB  1 
ATOM 1510 N N   . VAL A 1 187 ? 2.81404   10.06689  -15.19070 1.000 38.36839 ? 188 VAL A N   1 
ATOM 1511 C CA  . VAL A 1 187 ? 2.76527   9.57535   -16.56387 1.000 38.34119 ? 188 VAL A CA  1 
ATOM 1512 C C   . VAL A 1 187 ? 1.32958   9.28441   -16.98126 1.000 38.70072 ? 188 VAL A C   1 
ATOM 1513 O O   . VAL A 1 187 ? 0.89486   9.66916   -18.07317 1.000 38.95904 ? 188 VAL A O   1 
ATOM 1514 C CB  . VAL A 1 187 ? 3.65895   8.33023   -16.72157 1.000 37.89197 ? 188 VAL A CB  1 
ATOM 1515 C CG1 . VAL A 1 187 ? 3.74044   7.91667   -18.18319 1.000 38.25093 ? 188 VAL A CG1 1 
ATOM 1516 C CG2 . VAL A 1 187 ? 5.04707   8.59308   -16.16750 1.000 37.73427 ? 188 VAL A CG2 1 
ATOM 1517 N N   . ASN A 1 188 ? 0.57010   8.60865   -16.11522 1.000 38.61807 ? 189 ASN A N   1 
ATOM 1518 C CA  . ASN A 1 188 ? -0.77758  8.17930   -16.47225 1.000 38.53252 ? 189 ASN A CA  1 
ATOM 1519 C C   . ASN A 1 188 ? -1.77802  9.32836   -16.45983 1.000 39.04552 ? 189 ASN A C   1 
ATOM 1520 O O   . ASN A 1 188 ? -2.76353  9.28999   -17.20478 1.000 39.76012 ? 189 ASN A O   1 
ATOM 1521 C CB  . ASN A 1 188 ? -1.24280  7.07249   -15.52549 1.000 38.87308 ? 189 ASN A CB  1 
ATOM 1522 C CG  . ASN A 1 188 ? -0.30221  5.88367   -15.51237 1.000 38.85090 ? 189 ASN A CG  1 
ATOM 1523 O OD1 . ASN A 1 188 ? 0.47947   5.68566   -16.44201 1.000 38.71863 ? 189 ASN A OD1 1 
ATOM 1524 N ND2 . ASN A 1 188 ? -0.37381  5.08408   -14.45455 1.000 39.10223 ? 189 ASN A ND2 1 
ATOM 1525 N N   . ARG A 1 189 ? -1.55233  10.34526  -15.63433 1.000 39.09569 ? 190 ARG A N   1 
ATOM 1526 C CA  . ARG A 1 189 ? -2.44837  11.49635  -15.58343 1.000 39.31946 ? 190 ARG A CA  1 
ATOM 1527 C C   . ARG A 1 189 ? -1.78628  12.73065  -16.18715 1.000 38.92515 ? 190 ARG A C   1 
ATOM 1528 O O   . ARG A 1 189 ? -0.74502  12.63292  -16.83635 1.000 38.82359 ? 190 ARG A O   1 
ATOM 1529 C CB  . ARG A 1 189 ? -2.88131  11.78153  -14.14319 1.000 39.55664 ? 190 ARG A CB  1 
ATOM 1530 C CG  . ARG A 1 189 ? -3.73373  10.68732  -13.52166 1.000 40.20459 ? 190 ARG A CG  1 
ATOM 1531 C CD  . ARG A 1 189 ? -3.20599  10.26721  -12.15713 1.000 40.07648 ? 190 ARG A CD  1 
ATOM 1532 N NE  . ARG A 1 189 ? -3.28067  11.34512  -11.17548 1.000 40.21945 ? 190 ARG A NE  1 
ATOM 1533 C CZ  . ARG A 1 189 ? -3.21248  11.16259  -9.86069  1.000 40.26324 ? 190 ARG A CZ  1 
ATOM 1534 N NH1 . ARG A 1 189 ? -3.07749  9.94043   -9.36470  1.000 40.14916 ? 190 ARG A NH1 1 
ATOM 1535 N NH2 . ARG A 1 189 ? -3.28759  12.20110  -9.04015  1.000 40.70781 ? 190 ARG A NH2 1 
# 
